data_6AHY
#
_entry.id   6AHY
#
_cell.length_a   120.073
_cell.length_b   141.611
_cell.length_c   260.692
_cell.angle_alpha   90.00
_cell.angle_beta   90.00
_cell.angle_gamma   90.00
#
_symmetry.space_group_name_H-M   'I 21 21 21'
#
loop_
_entity.id
_entity.type
_entity.pdbx_description
1 polymer Frizzled-8
2 polymer 'Proto-oncogene Wnt-3'
3 branched 2-acetamido-2-deoxy-beta-D-glucopyranose-(1-4)-2-acetamido-2-deoxy-beta-D-glucopyranose
4 non-polymer 2-acetamido-2-deoxy-beta-D-glucopyranose
5 non-polymer 'CHLORIDE ION'
6 non-polymer 'PALMITOLEIC ACID'
#
loop_
_entity_poly.entity_id
_entity_poly.type
_entity_poly.pdbx_seq_one_letter_code
_entity_poly.pdbx_strand_id
1 'polypeptide(L)'
;ASA(MLY)ELACQEITVPLC(MLY)GIGYNYTYMPNQFNHDTQDEAGLEVHQFWPLVEIQCSPDL(MLY)FFLCSMYTPI
CLEDY(MLY)(MLY)PLPPCRSVCERA(MLY)AGCAPLMRQYGFAWPDRMRCDRLPEQGNPDTLCMDYNRTDLTTASRPA
PELLG
;
A,C,E
2 'polypeptide(L)'
;G(MLY)DGSPLLCGSIPGLVP(MLY)QLRFCRNYIEIMPSVAEGV(MLY)LGIQECQHQFRGRRWNCTTIDDSLAIFGPV
LD(MLY)ATRESAFVHAIASAGVAFAVTRSCAEGTSTICGCDSHH(MLY)GPPGEGW(MLY)WGGCSEDADFGVLVSREF
ADARENRPDARSAMN(MLY)HNNEAGRTTILDHMHL(MLY)C(MLY)CHGLSGSCEV(MLY)TCWWAQPDFRAIGDFL
(MLY)D(MLY)YDSASEMVVE(MLY)HRESRGWVETLRA(MLY)YSLF(MLY)PPTERDLVYYENSPNFCEPNPETGSFG
TRDRTCNVTSHGIDGCDLLCCGRGHNTRTE(MLY)R(MLY)E(MLY)CHCIFHWCCYVSCQECIRIYDVHTC(MLY)
;
B,D,F
#
loop_
_chem_comp.id
_chem_comp.type
_chem_comp.name
_chem_comp.formula
CL non-polymer 'CHLORIDE ION' 'Cl -1'
NAG D-saccharide, beta linking 2-acetamido-2-deoxy-beta-D-glucopyranose 'C8 H15 N O6'
PAM non-polymer 'PALMITOLEIC ACID' 'C16 H30 O2'
#
# COMPACT_ATOMS: atom_id res chain seq x y z
N LEU A 6 -11.52 -35.45 -11.16
CA LEU A 6 -12.91 -35.51 -10.73
C LEU A 6 -13.89 -35.71 -11.89
N ALA A 7 -13.99 -34.71 -12.77
CA ALA A 7 -14.86 -34.80 -13.94
C ALA A 7 -14.36 -35.88 -14.90
N CYS A 8 -15.27 -36.74 -15.34
CA CYS A 8 -14.97 -37.74 -16.36
C CYS A 8 -15.03 -37.09 -17.74
N GLN A 9 -13.93 -37.11 -18.47
CA GLN A 9 -13.89 -36.59 -19.83
C GLN A 9 -13.69 -37.73 -20.83
N GLU A 10 -14.33 -37.62 -21.98
CA GLU A 10 -14.21 -38.66 -23.00
C GLU A 10 -12.76 -38.79 -23.47
N ILE A 11 -12.37 -40.03 -23.80
CA ILE A 11 -11.00 -40.32 -24.23
C ILE A 11 -10.83 -39.89 -25.68
N THR A 12 -9.80 -39.06 -25.93
CA THR A 12 -9.47 -38.56 -27.26
C THR A 12 -8.23 -39.18 -27.88
N VAL A 13 -7.30 -39.70 -27.08
CA VAL A 13 -6.02 -40.13 -27.64
C VAL A 13 -6.27 -41.37 -28.52
N PRO A 14 -5.85 -41.32 -29.78
CA PRO A 14 -6.18 -42.41 -30.73
C PRO A 14 -5.84 -43.81 -30.23
N LEU A 15 -4.63 -44.01 -29.70
CA LEU A 15 -4.24 -45.33 -29.19
C LEU A 15 -5.27 -45.90 -28.22
N CYS A 16 -5.81 -45.07 -27.35
CA CYS A 16 -6.61 -45.60 -26.25
C CYS A 16 -8.11 -45.57 -26.55
N MLY A 17 -8.46 -45.07 -27.72
CA MLY A 17 -9.82 -45.22 -28.22
CB MLY A 17 -10.06 -44.38 -29.47
CG MLY A 17 -10.37 -42.91 -29.19
CD MLY A 17 -10.37 -42.05 -30.45
CE MLY A 17 -11.75 -41.46 -30.74
NZ MLY A 17 -11.72 -39.99 -31.00
C MLY A 17 -10.06 -46.70 -28.49
O MLY A 17 -9.18 -47.38 -29.04
N GLY A 18 -11.21 -47.21 -28.08
CA GLY A 18 -11.61 -48.57 -28.38
C GLY A 18 -11.15 -49.68 -27.44
N ILE A 19 -10.74 -49.35 -26.22
CA ILE A 19 -10.17 -50.37 -25.34
C ILE A 19 -11.16 -51.00 -24.37
N GLY A 20 -12.42 -50.56 -24.36
CA GLY A 20 -13.45 -51.13 -23.51
C GLY A 20 -14.04 -50.17 -22.48
N TYR A 21 -13.36 -49.06 -22.20
CA TYR A 21 -13.94 -47.96 -21.42
C TYR A 21 -13.63 -46.67 -22.16
N ASN A 22 -14.59 -45.74 -22.13
CA ASN A 22 -14.50 -44.54 -22.96
C ASN A 22 -14.13 -43.28 -22.20
N TYR A 23 -14.10 -43.31 -20.88
CA TYR A 23 -13.96 -42.09 -20.09
C TYR A 23 -12.76 -42.17 -19.17
N THR A 24 -11.95 -41.13 -19.18
CA THR A 24 -10.78 -40.94 -18.34
C THR A 24 -10.96 -39.67 -17.50
N TYR A 25 -9.96 -39.39 -16.67
CA TYR A 25 -9.87 -38.15 -15.92
C TYR A 25 -8.44 -37.66 -16.01
N MET A 26 -8.20 -36.44 -15.56
CA MET A 26 -6.85 -35.87 -15.56
C MET A 26 -6.74 -34.94 -14.38
N PRO A 27 -5.55 -34.79 -13.77
CA PRO A 27 -4.28 -35.42 -14.16
C PRO A 27 -4.16 -36.90 -13.79
N ASN A 28 -3.39 -37.66 -14.56
CA ASN A 28 -3.17 -39.07 -14.27
C ASN A 28 -2.07 -39.21 -13.21
N GLN A 29 -1.66 -40.46 -12.94
CA GLN A 29 -0.62 -40.69 -11.94
C GLN A 29 0.71 -40.03 -12.29
N PHE A 30 0.87 -39.59 -13.53
CA PHE A 30 2.13 -39.01 -14.00
C PHE A 30 2.08 -37.50 -14.05
N ASN A 31 1.05 -36.88 -13.47
CA ASN A 31 0.87 -35.43 -13.45
C ASN A 31 0.73 -34.85 -14.85
N HIS A 32 0.23 -35.66 -15.79
CA HIS A 32 -0.15 -35.12 -17.09
C HIS A 32 -1.39 -34.26 -16.92
N ASP A 33 -1.30 -32.97 -17.28
CA ASP A 33 -2.41 -32.08 -17.00
C ASP A 33 -3.52 -32.22 -18.02
N THR A 34 -3.18 -32.22 -19.31
CA THR A 34 -4.18 -32.44 -20.33
C THR A 34 -3.94 -33.79 -21.00
N GLN A 35 -5.04 -34.39 -21.44
CA GLN A 35 -5.03 -35.70 -22.10
C GLN A 35 -4.15 -35.72 -23.35
N ASP A 36 -3.90 -34.57 -23.99
CA ASP A 36 -2.97 -34.57 -25.11
C ASP A 36 -1.54 -34.84 -24.63
N GLU A 37 -1.11 -34.16 -23.56
CA GLU A 37 0.22 -34.40 -23.00
C GLU A 37 0.42 -35.88 -22.66
N ALA A 38 -0.58 -36.51 -22.06
CA ALA A 38 -0.52 -37.97 -21.87
C ALA A 38 -0.34 -38.68 -23.19
N GLY A 39 -1.21 -38.39 -24.16
CA GLY A 39 -1.12 -38.96 -25.50
C GLY A 39 0.26 -38.90 -26.10
N LEU A 40 0.87 -37.72 -26.12
CA LEU A 40 2.20 -37.57 -26.72
C LEU A 40 3.26 -38.43 -26.04
N GLU A 41 2.95 -39.05 -24.91
CA GLU A 41 3.86 -40.04 -24.34
C GLU A 41 3.46 -41.46 -24.70
N VAL A 42 2.19 -41.83 -24.48
CA VAL A 42 1.80 -43.21 -24.74
C VAL A 42 1.92 -43.55 -26.22
N HIS A 43 1.77 -42.55 -27.09
CA HIS A 43 1.92 -42.84 -28.51
C HIS A 43 3.34 -43.25 -28.87
N GLN A 44 4.32 -42.97 -28.00
CA GLN A 44 5.66 -43.49 -28.21
C GLN A 44 5.69 -45.02 -28.13
N PHE A 45 4.67 -45.64 -27.53
CA PHE A 45 4.59 -47.09 -27.43
C PHE A 45 3.91 -47.74 -28.63
N TRP A 46 3.34 -46.96 -29.54
CA TRP A 46 2.63 -47.54 -30.68
C TRP A 46 3.42 -48.63 -31.40
N PRO A 47 4.71 -48.49 -31.68
CA PRO A 47 5.41 -49.62 -32.32
C PRO A 47 5.31 -50.89 -31.52
N LEU A 48 5.31 -50.79 -30.17
CA LEU A 48 5.24 -51.99 -29.35
C LEU A 48 3.84 -52.60 -29.40
N VAL A 49 2.80 -51.76 -29.43
CA VAL A 49 1.44 -52.27 -29.64
C VAL A 49 1.35 -52.99 -30.97
N GLU A 50 2.02 -52.45 -31.99
CA GLU A 50 1.87 -52.95 -33.34
C GLU A 50 2.50 -54.32 -33.53
N ILE A 51 3.62 -54.58 -32.85
CA ILE A 51 4.33 -55.84 -33.00
C ILE A 51 3.55 -57.00 -32.40
N GLN A 52 2.67 -56.71 -31.43
CA GLN A 52 1.86 -57.73 -30.77
C GLN A 52 2.73 -58.70 -29.98
N CYS A 53 3.69 -58.16 -29.25
CA CYS A 53 4.44 -58.94 -28.28
C CYS A 53 3.56 -59.33 -27.10
N SER A 54 2.65 -58.45 -26.69
CA SER A 54 1.67 -58.86 -25.70
C SER A 54 0.31 -58.34 -26.14
N PRO A 55 -0.74 -59.17 -26.04
CA PRO A 55 -2.09 -58.71 -26.36
C PRO A 55 -2.73 -57.90 -25.24
N ASP A 56 -2.04 -57.72 -24.12
CA ASP A 56 -2.50 -56.88 -23.03
C ASP A 56 -1.82 -55.52 -23.03
N LEU A 57 -0.83 -55.31 -23.90
CA LEU A 57 0.00 -54.12 -23.79
C LEU A 57 -0.82 -52.84 -23.86
N MLY A 58 -1.66 -52.73 -24.89
CA MLY A 58 -2.46 -51.54 -25.18
CB MLY A 58 -3.25 -51.75 -26.46
CG MLY A 58 -4.31 -50.70 -26.75
CD MLY A 58 -5.22 -51.14 -27.88
CE MLY A 58 -5.11 -50.22 -29.08
NZ MLY A 58 -6.19 -50.50 -30.10
CH1 MLY A 58 -6.72 -49.21 -30.57
CH2 MLY A 58 -5.52 -51.17 -31.23
C MLY A 58 -3.39 -51.17 -24.04
O MLY A 58 -3.41 -50.03 -23.60
N PHE A 59 -4.14 -52.15 -23.54
CA PHE A 59 -5.03 -51.92 -22.42
C PHE A 59 -4.25 -51.50 -21.19
N PHE A 60 -3.12 -52.16 -20.97
CA PHE A 60 -2.30 -51.83 -19.81
C PHE A 60 -1.77 -50.41 -19.90
N LEU A 61 -1.28 -50.01 -21.08
CA LEU A 61 -0.69 -48.68 -21.21
C LEU A 61 -1.70 -47.60 -20.86
N CYS A 62 -2.91 -47.71 -21.41
CA CYS A 62 -3.92 -46.67 -21.25
C CYS A 62 -4.54 -46.73 -19.87
N SER A 63 -4.58 -47.91 -19.27
CA SER A 63 -5.01 -48.02 -17.89
C SER A 63 -4.14 -47.21 -16.96
N MET A 64 -2.98 -46.75 -17.41
CA MET A 64 -2.12 -45.86 -16.63
C MET A 64 -2.10 -44.43 -17.15
N TYR A 65 -2.14 -44.23 -18.46
CA TYR A 65 -2.02 -42.90 -19.04
C TYR A 65 -3.38 -42.22 -19.19
N THR A 66 -4.41 -42.99 -19.54
CA THR A 66 -5.79 -42.50 -19.55
C THR A 66 -6.58 -43.39 -18.60
N PRO A 67 -6.41 -43.21 -17.30
CA PRO A 67 -7.05 -44.12 -16.34
C PRO A 67 -8.56 -44.06 -16.43
N ILE A 68 -9.18 -45.23 -16.30
CA ILE A 68 -10.64 -45.32 -16.37
C ILE A 68 -11.27 -44.38 -15.35
N CYS A 69 -12.36 -43.75 -15.75
CA CYS A 69 -13.06 -42.80 -14.91
C CYS A 69 -14.52 -43.18 -14.90
N LEU A 70 -15.08 -43.38 -13.71
CA LEU A 70 -16.44 -43.90 -13.56
C LEU A 70 -17.31 -42.86 -12.86
N GLU A 71 -18.52 -42.62 -13.40
CA GLU A 71 -19.47 -41.76 -12.70
C GLU A 71 -20.01 -42.41 -11.44
N ASP A 72 -20.13 -43.74 -11.48
CA ASP A 72 -20.74 -44.55 -10.44
C ASP A 72 -19.80 -44.73 -9.25
N TYR A 73 -18.53 -44.96 -9.52
CA TYR A 73 -17.55 -45.41 -8.54
C TYR A 73 -16.28 -44.57 -8.68
N MLY A 74 -15.87 -43.87 -7.62
CA MLY A 74 -14.80 -42.88 -7.75
CB MLY A 74 -15.34 -41.49 -7.42
CG MLY A 74 -16.51 -41.04 -8.29
CD MLY A 74 -16.19 -39.76 -9.04
CE MLY A 74 -17.15 -39.52 -10.20
NZ MLY A 74 -16.49 -38.78 -11.30
C MLY A 74 -13.55 -43.18 -6.92
O MLY A 74 -12.73 -42.29 -6.72
N MLY A 75 -13.43 -44.41 -6.41
CA MLY A 75 -12.20 -44.85 -5.73
CB MLY A 75 -12.51 -46.01 -4.75
CG MLY A 75 -13.23 -45.62 -3.46
CD MLY A 75 -13.58 -46.87 -2.64
CE MLY A 75 -14.40 -46.54 -1.40
NZ MLY A 75 -15.76 -47.17 -1.45
C MLY A 75 -11.17 -45.30 -6.77
O MLY A 75 -11.50 -45.47 -7.94
N PRO A 76 -9.90 -45.47 -6.35
CA PRO A 76 -8.85 -45.92 -7.29
C PRO A 76 -9.19 -47.20 -8.05
N LEU A 77 -8.82 -47.28 -9.32
CA LEU A 77 -9.09 -48.45 -10.15
C LEU A 77 -7.94 -48.68 -11.14
N PRO A 78 -6.77 -49.08 -10.66
CA PRO A 78 -5.63 -49.35 -11.57
C PRO A 78 -5.74 -50.73 -12.19
N PRO A 79 -4.89 -51.04 -13.18
CA PRO A 79 -4.74 -52.44 -13.61
C PRO A 79 -4.15 -53.29 -12.51
N CYS A 80 -4.56 -54.56 -12.45
CA CYS A 80 -3.93 -55.49 -11.53
C CYS A 80 -2.49 -55.76 -11.94
N ARG A 81 -1.63 -56.01 -10.96
CA ARG A 81 -0.25 -56.36 -11.26
C ARG A 81 -0.13 -57.46 -12.32
N SER A 82 -1.10 -58.38 -12.37
CA SER A 82 -1.04 -59.48 -13.33
C SER A 82 -1.07 -58.97 -14.77
N VAL A 83 -1.87 -57.94 -15.05
CA VAL A 83 -1.94 -57.39 -16.41
C VAL A 83 -0.58 -56.86 -16.82
N CYS A 84 0.00 -55.99 -16.00
CA CYS A 84 1.33 -55.47 -16.28
C CYS A 84 2.33 -56.60 -16.47
N GLU A 85 2.29 -57.59 -15.58
CA GLU A 85 3.26 -58.66 -15.64
C GLU A 85 3.14 -59.45 -16.94
N ARG A 86 1.91 -59.70 -17.39
CA ARG A 86 1.74 -60.33 -18.70
C ARG A 86 2.34 -59.47 -19.81
N ALA A 87 2.16 -58.16 -19.73
CA ALA A 87 2.68 -57.26 -20.75
C ALA A 87 4.20 -57.20 -20.71
N MLY A 88 4.77 -57.18 -19.51
CA MLY A 88 6.23 -57.11 -19.35
CB MLY A 88 6.60 -56.82 -17.90
CG MLY A 88 8.10 -56.75 -17.62
CD MLY A 88 8.37 -56.49 -16.14
CE MLY A 88 9.86 -56.61 -15.80
NZ MLY A 88 10.12 -56.84 -14.33
C MLY A 88 6.86 -58.41 -19.85
O MLY A 88 7.86 -58.39 -20.56
N ALA A 89 6.25 -59.54 -19.50
CA ALA A 89 6.72 -60.85 -19.97
C ALA A 89 6.80 -60.90 -21.49
N GLY A 90 5.87 -60.20 -22.15
CA GLY A 90 5.74 -60.30 -23.59
C GLY A 90 6.59 -59.33 -24.37
N CYS A 91 7.00 -58.21 -23.75
CA CYS A 91 7.54 -57.10 -24.53
C CYS A 91 8.89 -56.62 -24.03
N ALA A 92 9.16 -56.78 -22.74
CA ALA A 92 10.50 -56.48 -22.23
C ALA A 92 11.61 -57.20 -22.97
N PRO A 93 11.49 -58.49 -23.31
CA PRO A 93 12.53 -59.13 -24.14
C PRO A 93 12.89 -58.35 -25.38
N LEU A 94 11.89 -57.84 -26.10
CA LEU A 94 12.12 -57.05 -27.29
C LEU A 94 13.00 -55.84 -26.98
N MET A 95 12.61 -55.03 -25.99
CA MET A 95 13.37 -53.84 -25.67
C MET A 95 14.79 -54.19 -25.19
N ARG A 96 14.94 -55.34 -24.55
CA ARG A 96 16.25 -55.73 -24.03
C ARG A 96 17.24 -56.00 -25.16
N GLN A 97 16.76 -56.52 -26.29
CA GLN A 97 17.64 -56.79 -27.42
C GLN A 97 18.37 -55.56 -27.91
N TYR A 98 17.85 -54.36 -27.62
CA TYR A 98 18.52 -53.10 -27.92
C TYR A 98 19.16 -52.48 -26.68
N GLY A 99 19.06 -53.15 -25.54
CA GLY A 99 19.71 -52.72 -24.32
C GLY A 99 18.82 -51.97 -23.35
N PHE A 100 17.51 -51.90 -23.61
CA PHE A 100 16.61 -51.07 -22.84
C PHE A 100 15.85 -51.89 -21.81
N ALA A 101 15.76 -51.35 -20.60
CA ALA A 101 14.94 -51.96 -19.57
C ALA A 101 13.48 -51.54 -19.72
N TRP A 102 12.59 -52.39 -19.22
CA TRP A 102 11.18 -52.04 -19.04
C TRP A 102 11.10 -50.68 -18.35
N PRO A 103 10.31 -49.74 -18.88
CA PRO A 103 10.37 -48.37 -18.37
C PRO A 103 9.91 -48.25 -16.92
N ASP A 104 10.58 -47.36 -16.18
CA ASP A 104 10.28 -47.18 -14.77
C ASP A 104 8.81 -46.87 -14.51
N ARG A 105 8.15 -46.17 -15.43
CA ARG A 105 6.77 -45.78 -15.20
C ARG A 105 5.83 -46.99 -15.24
N MET A 106 6.20 -48.05 -15.96
CA MET A 106 5.38 -49.25 -16.03
C MET A 106 5.84 -50.33 -15.04
N ARG A 107 6.66 -49.96 -14.06
CA ARG A 107 7.04 -50.86 -12.98
C ARG A 107 5.82 -51.53 -12.37
N CYS A 108 5.74 -52.86 -12.49
CA CYS A 108 4.52 -53.57 -12.11
C CYS A 108 4.37 -53.70 -10.60
N ASP A 109 5.47 -53.70 -9.86
CA ASP A 109 5.37 -54.03 -8.44
C ASP A 109 4.61 -52.97 -7.63
N ARG A 110 4.45 -51.77 -8.18
CA ARG A 110 3.64 -50.74 -7.51
C ARG A 110 2.16 -51.01 -7.59
N LEU A 111 1.73 -52.03 -8.33
CA LEU A 111 0.31 -52.20 -8.60
C LEU A 111 -0.29 -53.28 -7.71
N PRO A 112 -1.57 -53.16 -7.38
CA PRO A 112 -2.20 -54.11 -6.46
C PRO A 112 -2.46 -55.46 -7.11
N GLU A 113 -2.70 -56.45 -6.26
CA GLU A 113 -3.05 -57.79 -6.72
C GLU A 113 -4.50 -58.11 -6.35
N GLN A 114 -5.07 -59.06 -7.09
CA GLN A 114 -6.44 -59.51 -6.83
C GLN A 114 -6.55 -59.99 -5.38
N GLY A 115 -7.52 -59.42 -4.66
CA GLY A 115 -7.71 -59.72 -3.25
C GLY A 115 -7.22 -58.66 -2.30
N ASN A 116 -6.66 -57.57 -2.82
CA ASN A 116 -6.28 -56.43 -1.99
C ASN A 116 -7.53 -55.85 -1.35
N PRO A 117 -7.63 -55.80 -0.02
CA PRO A 117 -8.77 -55.10 0.60
C PRO A 117 -8.79 -53.62 0.29
N ASP A 118 -7.63 -52.97 0.34
CA ASP A 118 -7.55 -51.53 0.20
C ASP A 118 -7.97 -51.03 -1.19
N THR A 119 -7.86 -51.85 -2.22
CA THR A 119 -8.22 -51.33 -3.54
C THR A 119 -8.46 -52.47 -4.52
N LEU A 120 -9.37 -52.22 -5.46
CA LEU A 120 -9.68 -53.12 -6.56
C LEU A 120 -8.75 -52.88 -7.72
N CYS A 121 -8.82 -53.78 -8.69
CA CYS A 121 -7.89 -53.71 -9.79
C CYS A 121 -8.52 -54.37 -11.00
N MET A 122 -8.09 -53.93 -12.17
CA MET A 122 -8.69 -54.35 -13.42
C MET A 122 -7.90 -55.49 -14.05
N ASP A 123 -8.61 -56.55 -14.44
CA ASP A 123 -8.10 -57.70 -15.17
C ASP A 123 -9.28 -58.60 -15.43
N TYR A 124 -9.15 -59.47 -16.43
CA TYR A 124 -10.23 -60.40 -16.74
C TYR A 124 -10.13 -61.67 -15.92
N ASN A 125 -11.30 -62.27 -15.66
CA ASN A 125 -11.43 -63.65 -15.19
C ASN A 125 -12.92 -63.98 -14.96
N LEU B 7 -16.85 -2.65 0.01
CA LEU B 7 -16.21 -3.59 -0.91
C LEU B 7 -15.09 -4.32 -0.14
N LEU B 8 -13.95 -4.59 -0.77
CA LEU B 8 -12.93 -5.37 -0.09
C LEU B 8 -12.07 -4.50 0.81
N CYS B 9 -11.63 -5.11 1.93
CA CYS B 9 -10.93 -4.50 3.06
C CYS B 9 -11.89 -3.70 3.91
N GLY B 10 -13.13 -3.55 3.43
CA GLY B 10 -14.16 -2.96 4.26
C GLY B 10 -14.36 -3.70 5.57
N SER B 11 -14.31 -5.03 5.54
CA SER B 11 -14.60 -5.82 6.73
C SER B 11 -13.62 -5.53 7.85
N ILE B 12 -12.36 -5.24 7.50
CA ILE B 12 -11.33 -4.92 8.48
C ILE B 12 -11.85 -3.82 9.40
N PRO B 13 -11.74 -3.98 10.72
CA PRO B 13 -12.54 -3.15 11.63
C PRO B 13 -11.78 -1.99 12.21
N GLY B 14 -10.46 -1.96 11.97
CA GLY B 14 -9.63 -0.87 12.43
C GLY B 14 -8.67 -0.54 11.31
N LEU B 15 -9.17 -0.63 10.08
CA LEU B 15 -8.36 -0.33 8.93
C LEU B 15 -7.88 1.11 8.99
N VAL B 16 -6.59 1.31 8.77
CA VAL B 16 -5.99 2.64 8.74
C VAL B 16 -5.71 2.98 7.28
N PRO B 17 -5.59 4.27 6.92
CA PRO B 17 -5.40 4.68 5.53
C PRO B 17 -4.21 4.04 4.79
N MLY B 18 -3.07 3.84 5.45
CA MLY B 18 -1.92 3.16 4.84
CB MLY B 18 -0.79 3.02 5.86
CG MLY B 18 0.61 2.82 5.27
CD MLY B 18 1.66 2.70 6.38
CE MLY B 18 3.08 2.90 5.86
NZ MLY B 18 4.13 2.35 6.78
C MLY B 18 -2.31 1.79 4.30
O MLY B 18 -1.85 1.39 3.22
N GLN B 19 -3.17 1.08 5.04
CA GLN B 19 -3.65 -0.23 4.61
C GLN B 19 -4.58 -0.15 3.42
N LEU B 20 -5.52 0.81 3.50
CA LEU B 20 -6.48 0.98 2.42
C LEU B 20 -5.79 1.32 1.10
N ARG B 21 -4.77 2.17 1.16
CA ARG B 21 -3.96 2.44 -0.03
C ARG B 21 -3.40 1.14 -0.59
N PHE B 22 -2.83 0.30 0.28
CA PHE B 22 -2.30 -0.98 -0.17
C PHE B 22 -3.39 -1.82 -0.84
N CYS B 23 -4.54 -1.97 -0.17
CA CYS B 23 -5.64 -2.72 -0.75
C CYS B 23 -5.96 -2.23 -2.15
N ARG B 24 -5.91 -0.91 -2.36
CA ARG B 24 -6.30 -0.39 -3.65
C ARG B 24 -5.16 -0.51 -4.67
N ASN B 25 -3.92 -0.26 -4.24
CA ASN B 25 -2.78 -0.48 -5.14
C ASN B 25 -2.69 -1.94 -5.56
N TYR B 26 -2.88 -2.86 -4.62
CA TYR B 26 -2.71 -4.29 -4.87
C TYR B 26 -4.05 -5.01 -4.99
N ILE B 27 -5.08 -4.30 -5.47
CA ILE B 27 -6.41 -4.87 -5.60
C ILE B 27 -6.38 -6.16 -6.42
N GLU B 28 -5.44 -6.28 -7.36
CA GLU B 28 -5.42 -7.42 -8.25
C GLU B 28 -4.99 -8.71 -7.56
N ILE B 29 -4.32 -8.61 -6.42
CA ILE B 29 -3.89 -9.79 -5.68
C ILE B 29 -4.52 -9.85 -4.29
N MET B 30 -5.46 -8.97 -3.99
CA MET B 30 -6.11 -9.02 -2.69
C MET B 30 -7.00 -10.26 -2.51
N PRO B 31 -7.63 -10.80 -3.56
CA PRO B 31 -8.31 -12.10 -3.37
C PRO B 31 -7.37 -13.17 -2.85
N SER B 32 -6.12 -13.17 -3.32
CA SER B 32 -5.20 -14.22 -2.88
C SER B 32 -4.67 -13.94 -1.48
N VAL B 33 -4.59 -12.67 -1.07
CA VAL B 33 -4.32 -12.39 0.34
C VAL B 33 -5.43 -12.96 1.19
N ALA B 34 -6.68 -12.83 0.74
CA ALA B 34 -7.80 -13.27 1.56
C ALA B 34 -7.80 -14.78 1.67
N GLU B 35 -7.62 -15.47 0.54
CA GLU B 35 -7.52 -16.92 0.57
C GLU B 35 -6.34 -17.37 1.42
N GLY B 36 -5.24 -16.62 1.38
CA GLY B 36 -4.10 -16.92 2.24
C GLY B 36 -4.49 -17.10 3.69
N VAL B 37 -5.26 -16.15 4.22
CA VAL B 37 -5.69 -16.18 5.60
C VAL B 37 -6.58 -17.39 5.85
N MLY B 38 -7.51 -17.64 4.93
CA MLY B 38 -8.43 -18.77 5.06
CB MLY B 38 -9.47 -18.76 3.93
CG MLY B 38 -10.74 -17.96 4.23
CD MLY B 38 -11.79 -18.14 3.14
CE MLY B 38 -12.30 -19.58 3.10
NZ MLY B 38 -13.01 -19.91 1.82
C MLY B 38 -7.67 -20.10 5.05
O MLY B 38 -8.04 -21.05 5.76
N LEU B 39 -6.60 -20.15 4.26
CA LEU B 39 -5.79 -21.34 4.17
C LEU B 39 -5.05 -21.59 5.47
N GLY B 40 -4.53 -20.51 6.08
CA GLY B 40 -3.77 -20.67 7.31
C GLY B 40 -4.65 -21.12 8.47
N ILE B 41 -5.82 -20.50 8.60
CA ILE B 41 -6.71 -20.82 9.70
C ILE B 41 -7.30 -22.22 9.52
N GLN B 42 -7.55 -22.63 8.28
CA GLN B 42 -7.95 -24.01 8.01
C GLN B 42 -6.89 -24.98 8.53
N GLU B 43 -5.61 -24.69 8.26
CA GLU B 43 -4.55 -25.58 8.72
C GLU B 43 -4.44 -25.57 10.23
N CYS B 44 -4.55 -24.38 10.83
CA CYS B 44 -4.62 -24.27 12.28
C CYS B 44 -5.64 -25.23 12.86
N GLN B 45 -6.83 -25.24 12.27
CA GLN B 45 -7.89 -26.12 12.74
C GLN B 45 -7.53 -27.59 12.54
N HIS B 46 -6.73 -27.89 11.51
CA HIS B 46 -6.26 -29.25 11.32
C HIS B 46 -5.19 -29.58 12.36
N GLN B 47 -4.24 -28.66 12.58
CA GLN B 47 -3.13 -28.95 13.49
C GLN B 47 -3.59 -29.14 14.93
N PHE B 48 -4.70 -28.50 15.32
CA PHE B 48 -5.25 -28.67 16.67
C PHE B 48 -6.59 -29.40 16.65
N ARG B 49 -6.79 -30.29 15.67
CA ARG B 49 -8.09 -30.93 15.49
C ARG B 49 -8.53 -31.75 16.70
N GLY B 50 -7.63 -32.07 17.62
CA GLY B 50 -8.04 -32.92 18.72
C GLY B 50 -7.77 -32.35 20.09
N ARG B 51 -7.43 -31.06 20.15
CA ARG B 51 -6.99 -30.44 21.39
C ARG B 51 -8.14 -29.73 22.08
N ARG B 52 -7.87 -29.28 23.32
CA ARG B 52 -8.88 -28.52 24.07
C ARG B 52 -9.26 -27.23 23.36
N TRP B 53 -8.29 -26.51 22.83
CA TRP B 53 -8.52 -25.36 21.95
C TRP B 53 -8.30 -25.84 20.52
N ASN B 54 -9.36 -25.88 19.72
CA ASN B 54 -9.31 -26.45 18.38
C ASN B 54 -9.27 -25.42 17.28
N CYS B 55 -9.03 -24.15 17.60
CA CYS B 55 -8.80 -23.07 16.64
C CYS B 55 -10.04 -22.70 15.83
N THR B 56 -11.23 -23.17 16.21
CA THR B 56 -12.45 -22.69 15.56
C THR B 56 -12.97 -21.39 16.17
N THR B 57 -12.26 -20.84 17.16
CA THR B 57 -12.58 -19.49 17.62
C THR B 57 -12.34 -18.47 16.51
N ILE B 58 -11.28 -18.66 15.73
CA ILE B 58 -10.65 -17.56 15.01
C ILE B 58 -11.38 -17.29 13.71
N ASP B 59 -11.55 -16.01 13.40
CA ASP B 59 -12.21 -15.55 12.18
C ASP B 59 -11.21 -15.58 11.03
N ASP B 60 -11.64 -16.11 9.88
CA ASP B 60 -10.76 -16.27 8.73
C ASP B 60 -10.82 -15.12 7.74
N SER B 61 -11.44 -14.00 8.09
CA SER B 61 -11.52 -12.87 7.18
C SER B 61 -10.28 -12.00 7.30
N LEU B 62 -10.18 -11.01 6.39
CA LEU B 62 -9.07 -10.07 6.43
C LEU B 62 -9.10 -9.21 7.69
N ALA B 63 -10.15 -9.32 8.50
CA ALA B 63 -10.24 -8.57 9.74
C ALA B 63 -9.09 -8.88 10.68
N ILE B 64 -8.42 -10.02 10.51
CA ILE B 64 -7.23 -10.30 11.32
C ILE B 64 -6.14 -9.28 11.02
N PHE B 65 -6.15 -8.69 9.84
CA PHE B 65 -5.28 -7.57 9.61
C PHE B 65 -5.88 -6.36 10.31
N GLY B 66 -5.03 -5.42 10.69
CA GLY B 66 -5.48 -4.40 11.59
C GLY B 66 -5.23 -4.76 13.04
N PRO B 67 -5.87 -4.02 13.96
CA PRO B 67 -5.37 -3.99 15.35
C PRO B 67 -5.32 -5.37 15.98
N VAL B 68 -4.14 -5.72 16.48
CA VAL B 68 -3.91 -6.97 17.18
C VAL B 68 -4.17 -6.75 18.66
N LEU B 69 -5.26 -7.33 19.16
CA LEU B 69 -5.64 -7.10 20.54
C LEU B 69 -5.92 -8.40 21.30
N ASP B 70 -5.77 -9.55 20.66
CA ASP B 70 -5.96 -10.81 21.36
C ASP B 70 -4.84 -11.02 22.38
N MLY B 71 -5.11 -11.90 23.34
CA MLY B 71 -4.18 -12.19 24.41
CB MLY B 71 -4.84 -13.08 25.44
CG MLY B 71 -4.10 -13.24 26.73
CD MLY B 71 -5.06 -13.80 27.75
CE MLY B 71 -4.37 -14.41 28.93
NZ MLY B 71 -5.41 -14.78 29.91
CH1 MLY B 71 -5.15 -16.17 30.32
CH2 MLY B 71 -5.24 -13.92 31.10
C MLY B 71 -2.90 -12.83 23.87
O MLY B 71 -2.95 -13.65 22.93
N ALA B 72 -1.77 -12.48 24.47
CA ALA B 72 -0.45 -12.87 23.97
C ALA B 72 -0.08 -14.31 24.36
N THR B 73 -0.95 -15.25 24.00
CA THR B 73 -0.75 -16.65 24.30
C THR B 73 0.04 -17.33 23.19
N ARG B 74 0.64 -18.46 23.54
CA ARG B 74 1.27 -19.33 22.56
C ARG B 74 0.37 -19.57 21.36
N GLU B 75 -0.92 -19.82 21.62
CA GLU B 75 -1.85 -20.14 20.53
C GLU B 75 -1.96 -18.97 19.55
N SER B 76 -2.05 -17.75 20.07
CA SER B 76 -2.08 -16.60 19.17
C SER B 76 -0.80 -16.50 18.38
N ALA B 77 0.34 -16.74 19.04
CA ALA B 77 1.62 -16.77 18.35
C ALA B 77 1.56 -17.67 17.13
N PHE B 78 0.83 -18.78 17.25
CA PHE B 78 0.70 -19.71 16.13
C PHE B 78 -0.33 -19.23 15.12
N VAL B 79 -1.47 -18.72 15.60
CA VAL B 79 -2.51 -18.25 14.69
C VAL B 79 -1.96 -17.20 13.73
N HIS B 80 -1.29 -16.19 14.27
CA HIS B 80 -0.78 -15.12 13.42
C HIS B 80 0.36 -15.61 12.54
N ALA B 81 1.22 -16.46 13.08
CA ALA B 81 2.30 -17.03 12.27
C ALA B 81 1.72 -17.70 11.02
N ILE B 82 0.84 -18.68 11.22
CA ILE B 82 0.25 -19.42 10.12
C ILE B 82 -0.65 -18.54 9.24
N ALA B 83 -1.16 -17.43 9.77
CA ALA B 83 -1.90 -16.50 8.91
C ALA B 83 -0.94 -15.78 7.97
N SER B 84 0.18 -15.26 8.49
CA SER B 84 1.19 -14.66 7.62
C SER B 84 1.63 -15.65 6.55
N ALA B 85 2.01 -16.87 6.96
CA ALA B 85 2.49 -17.87 6.01
C ALA B 85 1.43 -18.16 4.95
N GLY B 86 0.18 -18.33 5.37
CA GLY B 86 -0.90 -18.52 4.41
C GLY B 86 -0.94 -17.44 3.35
N VAL B 87 -0.82 -16.17 3.76
CA VAL B 87 -0.79 -15.05 2.80
C VAL B 87 0.40 -15.20 1.85
N ALA B 88 1.61 -15.32 2.41
CA ALA B 88 2.79 -15.50 1.55
C ALA B 88 2.62 -16.69 0.62
N PHE B 89 2.04 -17.78 1.13
CA PHE B 89 1.81 -18.95 0.31
C PHE B 89 0.83 -18.66 -0.82
N ALA B 90 -0.39 -18.26 -0.48
CA ALA B 90 -1.42 -18.15 -1.50
C ALA B 90 -1.10 -17.05 -2.52
N VAL B 91 -0.43 -15.98 -2.10
CA VAL B 91 -0.05 -14.95 -3.07
C VAL B 91 0.98 -15.49 -4.05
N THR B 92 2.01 -16.17 -3.55
CA THR B 92 2.98 -16.81 -4.42
C THR B 92 2.32 -17.82 -5.36
N ARG B 93 1.42 -18.63 -4.82
CA ARG B 93 0.79 -19.63 -5.67
C ARG B 93 -0.07 -19.00 -6.75
N SER B 94 -0.79 -17.92 -6.41
CA SER B 94 -1.67 -17.31 -7.40
C SER B 94 -0.86 -16.71 -8.55
N CYS B 95 0.20 -15.98 -8.22
CA CYS B 95 1.02 -15.35 -9.25
C CYS B 95 1.61 -16.39 -10.18
N ALA B 96 1.97 -17.55 -9.62
CA ALA B 96 2.46 -18.65 -10.43
C ALA B 96 1.39 -19.16 -11.38
N GLU B 97 0.11 -18.97 -11.06
CA GLU B 97 -0.91 -19.41 -12.02
C GLU B 97 -1.00 -18.48 -13.24
N GLY B 98 -0.06 -17.55 -13.40
CA GLY B 98 -0.07 -16.62 -14.50
C GLY B 98 -1.13 -15.57 -14.29
N THR B 99 -1.65 -15.04 -15.39
CA THR B 99 -2.93 -14.34 -15.48
C THR B 99 -2.96 -13.01 -14.74
N SER B 100 -1.87 -12.57 -14.15
CA SER B 100 -1.89 -11.36 -13.36
C SER B 100 -0.78 -10.40 -13.78
N THR B 101 -1.13 -9.12 -13.82
CA THR B 101 -0.31 -8.08 -14.42
C THR B 101 0.91 -7.73 -13.58
N ILE B 102 0.81 -7.83 -12.26
CA ILE B 102 1.85 -7.31 -11.38
C ILE B 102 2.74 -8.39 -10.80
N CYS B 103 2.52 -9.65 -11.17
CA CYS B 103 3.36 -10.73 -10.67
C CYS B 103 3.13 -11.97 -11.51
N GLY B 104 4.09 -12.88 -11.43
CA GLY B 104 3.95 -14.13 -12.14
C GLY B 104 4.90 -15.20 -11.65
N CYS B 105 5.54 -15.87 -12.59
CA CYS B 105 6.60 -16.81 -12.26
C CYS B 105 7.90 -16.05 -11.98
N ASP B 106 8.74 -16.66 -11.16
CA ASP B 106 10.04 -16.05 -10.89
C ASP B 106 10.96 -16.27 -12.08
N SER B 107 11.23 -15.19 -12.79
CA SER B 107 11.94 -15.20 -14.06
C SER B 107 13.42 -14.91 -13.93
N HIS B 108 13.89 -14.50 -12.76
CA HIS B 108 15.27 -14.04 -12.65
C HIS B 108 16.21 -15.20 -12.93
N HIS B 109 17.33 -14.88 -13.59
CA HIS B 109 18.24 -15.93 -14.00
C HIS B 109 18.73 -16.75 -12.83
N MLY B 110 18.39 -18.03 -12.84
CA MLY B 110 18.89 -18.96 -11.86
CB MLY B 110 17.85 -20.07 -11.61
CG MLY B 110 16.55 -19.56 -10.99
CD MLY B 110 15.31 -20.07 -11.73
CE MLY B 110 15.18 -19.44 -13.11
NZ MLY B 110 14.04 -20.01 -13.88
C MLY B 110 20.21 -19.52 -12.38
O MLY B 110 20.39 -19.73 -13.58
N GLY B 111 21.16 -19.75 -11.46
CA GLY B 111 22.48 -20.25 -11.82
C GLY B 111 22.46 -21.52 -12.66
N PRO B 112 23.60 -21.82 -13.29
CA PRO B 112 23.67 -23.01 -14.16
C PRO B 112 23.10 -24.23 -13.47
N PRO B 113 22.32 -25.05 -14.17
CA PRO B 113 21.58 -26.12 -13.51
C PRO B 113 22.51 -27.23 -13.03
N GLY B 114 21.94 -28.10 -12.18
CA GLY B 114 22.56 -29.37 -11.84
C GLY B 114 22.72 -30.19 -13.10
N GLU B 115 23.39 -31.34 -13.06
CA GLU B 115 23.88 -31.89 -14.33
C GLU B 115 22.77 -32.58 -15.10
N GLY B 116 21.93 -33.35 -14.42
CA GLY B 116 20.93 -34.11 -15.15
C GLY B 116 19.88 -33.28 -15.87
N TRP B 117 19.76 -32.00 -15.54
CA TRP B 117 18.56 -31.27 -15.91
C TRP B 117 18.77 -29.85 -16.43
N MLY B 118 17.69 -29.27 -16.94
CA MLY B 118 17.65 -27.87 -17.38
CB MLY B 118 17.40 -27.78 -18.89
CG MLY B 118 18.57 -28.27 -19.73
CD MLY B 118 18.49 -27.79 -21.18
CE MLY B 118 19.74 -28.23 -21.96
NZ MLY B 118 19.53 -28.35 -23.44
C MLY B 118 16.58 -27.11 -16.60
O MLY B 118 15.58 -27.69 -16.19
N TRP B 119 16.79 -25.81 -16.39
CA TRP B 119 15.76 -25.00 -15.73
C TRP B 119 14.56 -24.89 -16.67
N GLY B 120 13.37 -24.90 -16.09
CA GLY B 120 12.18 -24.76 -16.89
C GLY B 120 10.96 -24.60 -16.03
N GLY B 121 9.81 -24.73 -16.67
CA GLY B 121 8.56 -24.64 -15.94
C GLY B 121 8.34 -23.23 -15.41
N CYS B 122 7.67 -23.16 -14.27
CA CYS B 122 7.31 -21.89 -13.63
C CYS B 122 7.75 -21.95 -12.16
N SER B 123 8.91 -21.37 -11.85
CA SER B 123 9.34 -21.29 -10.47
C SER B 123 8.51 -20.23 -9.74
N GLU B 124 8.05 -20.57 -8.53
CA GLU B 124 7.16 -19.69 -7.80
C GLU B 124 7.94 -18.53 -7.18
N ASP B 125 7.38 -17.33 -7.30
CA ASP B 125 8.04 -16.11 -6.81
C ASP B 125 7.72 -15.92 -5.34
N ALA B 126 8.38 -16.73 -4.50
CA ALA B 126 8.10 -16.68 -3.07
C ALA B 126 8.49 -15.34 -2.47
N ASP B 127 9.53 -14.70 -3.01
CA ASP B 127 9.93 -13.39 -2.54
C ASP B 127 8.79 -12.38 -2.64
N PHE B 128 8.08 -12.38 -3.78
CA PHE B 128 6.98 -11.44 -3.97
C PHE B 128 5.91 -11.63 -2.90
N GLY B 129 5.52 -12.88 -2.67
CA GLY B 129 4.50 -13.15 -1.67
C GLY B 129 4.91 -12.73 -0.28
N VAL B 130 6.17 -12.97 0.09
CA VAL B 130 6.63 -12.60 1.43
C VAL B 130 6.61 -11.09 1.57
N LEU B 131 7.09 -10.36 0.55
CA LEU B 131 7.09 -8.91 0.64
C LEU B 131 5.67 -8.35 0.69
N VAL B 132 4.70 -9.01 0.03
CA VAL B 132 3.32 -8.57 0.11
C VAL B 132 2.76 -8.82 1.49
N SER B 133 3.01 -10.00 2.02
CA SER B 133 2.65 -10.29 3.39
C SER B 133 3.18 -9.21 4.33
N ARG B 134 4.42 -8.78 4.16
CA ARG B 134 5.03 -7.91 5.14
C ARG B 134 4.52 -6.47 5.01
N GLU B 135 4.39 -5.97 3.78
CA GLU B 135 3.95 -4.59 3.61
C GLU B 135 2.52 -4.40 4.08
N PHE B 136 1.67 -5.41 3.86
CA PHE B 136 0.27 -5.27 4.30
C PHE B 136 0.18 -5.32 5.81
N ALA B 137 0.89 -6.25 6.46
CA ALA B 137 0.92 -6.26 7.91
C ALA B 137 1.54 -4.97 8.45
N ASP B 138 2.55 -4.43 7.76
CA ASP B 138 3.27 -3.27 8.27
C ASP B 138 2.56 -1.95 7.99
N ALA B 139 1.55 -1.95 7.12
CA ALA B 139 0.74 -0.75 6.95
C ALA B 139 -0.12 -0.47 8.17
N ARG B 140 -0.30 -1.47 9.04
CA ARG B 140 -0.97 -1.27 10.31
C ARG B 140 -0.39 -0.07 11.05
N GLU B 141 -1.23 0.59 11.84
CA GLU B 141 -0.69 1.62 12.71
C GLU B 141 0.32 0.99 13.64
N ASN B 142 1.42 1.71 13.88
CA ASN B 142 2.54 1.18 14.64
C ASN B 142 2.40 1.60 16.10
N ARG B 143 2.38 0.63 17.00
CA ARG B 143 2.31 0.94 18.42
C ARG B 143 3.57 0.46 19.13
N PRO B 144 4.04 1.19 20.13
CA PRO B 144 5.20 0.71 20.92
C PRO B 144 4.80 -0.44 21.84
N ASP B 145 3.75 -1.14 21.45
CA ASP B 145 3.12 -2.16 22.26
C ASP B 145 4.02 -3.38 22.42
N ALA B 146 3.99 -3.98 23.62
CA ALA B 146 4.57 -5.32 23.78
C ALA B 146 3.87 -6.32 22.88
N ARG B 147 2.53 -6.26 22.81
CA ARG B 147 1.80 -7.15 21.91
C ARG B 147 2.18 -6.94 20.46
N SER B 148 2.55 -5.70 20.09
CA SER B 148 2.96 -5.46 18.71
C SER B 148 4.37 -5.96 18.45
N ALA B 149 5.22 -6.00 19.48
CA ALA B 149 6.57 -6.52 19.29
C ALA B 149 6.52 -8.03 19.05
N MET B 150 5.68 -8.73 19.84
CA MET B 150 5.48 -10.16 19.65
C MET B 150 4.91 -10.46 18.28
N ASN B 151 3.87 -9.74 17.88
CA ASN B 151 3.19 -10.01 16.63
C ASN B 151 4.07 -9.69 15.41
N MLY B 152 5.01 -8.76 15.56
CA MLY B 152 5.95 -8.46 14.49
CB MLY B 152 6.75 -7.17 14.78
CG MLY B 152 7.74 -6.78 13.70
CD MLY B 152 8.50 -5.49 14.03
CE MLY B 152 9.38 -5.04 12.86
NZ MLY B 152 10.83 -4.87 13.21
C MLY B 152 6.89 -9.65 14.32
O MLY B 152 7.24 -10.02 13.20
N HIS B 153 7.24 -10.25 15.45
CA HIS B 153 8.18 -11.36 15.46
C HIS B 153 7.57 -12.62 14.85
N ASN B 154 6.39 -12.98 15.35
CA ASN B 154 5.74 -14.19 14.89
C ASN B 154 5.26 -14.08 13.45
N ASN B 155 4.79 -12.89 13.03
CA ASN B 155 4.40 -12.71 11.63
C ASN B 155 5.57 -12.96 10.72
N GLU B 156 6.77 -12.54 11.14
CA GLU B 156 7.95 -12.73 10.33
C GLU B 156 8.38 -14.19 10.33
N ALA B 157 8.21 -14.89 11.45
CA ALA B 157 8.55 -16.30 11.48
C ALA B 157 7.64 -17.08 10.54
N GLY B 158 6.37 -16.71 10.47
CA GLY B 158 5.48 -17.40 9.54
C GLY B 158 5.84 -17.12 8.10
N ARG B 159 6.05 -15.85 7.77
CA ARG B 159 6.51 -15.46 6.45
C ARG B 159 7.74 -16.24 6.03
N THR B 160 8.78 -16.15 6.86
CA THR B 160 10.13 -16.54 6.45
C THR B 160 10.19 -18.01 6.07
N THR B 161 9.34 -18.85 6.65
CA THR B 161 9.46 -20.26 6.33
C THR B 161 8.86 -20.58 4.96
N ILE B 162 8.00 -19.69 4.45
CA ILE B 162 7.62 -19.78 3.04
C ILE B 162 8.86 -19.68 2.15
N LEU B 163 9.79 -18.78 2.50
CA LEU B 163 11.07 -18.75 1.79
C LEU B 163 11.86 -20.02 2.05
N ASP B 164 11.93 -20.43 3.32
CA ASP B 164 12.79 -21.54 3.73
C ASP B 164 12.36 -22.86 3.10
N HIS B 165 11.09 -22.98 2.74
CA HIS B 165 10.56 -24.25 2.26
C HIS B 165 10.60 -24.37 0.75
N MET B 166 11.15 -23.40 0.04
CA MET B 166 11.32 -23.55 -1.39
C MET B 166 12.33 -24.66 -1.67
N HIS B 167 11.97 -25.54 -2.61
CA HIS B 167 12.78 -26.69 -2.95
C HIS B 167 12.62 -26.99 -4.44
N LEU B 168 13.42 -27.93 -4.93
CA LEU B 168 13.40 -28.31 -6.35
C LEU B 168 12.27 -29.28 -6.68
N MLY B 169 11.61 -29.05 -7.82
CA MLY B 169 10.63 -30.01 -8.33
CB MLY B 169 9.19 -29.51 -8.14
CG MLY B 169 8.50 -30.04 -6.88
CD MLY B 169 7.00 -29.74 -6.90
CE MLY B 169 6.40 -29.76 -5.48
NZ MLY B 169 5.05 -29.10 -5.39
C MLY B 169 10.93 -30.20 -9.82
O MLY B 169 11.18 -29.24 -10.53
N CYS B 170 10.95 -31.44 -10.28
CA CYS B 170 11.29 -31.66 -11.67
C CYS B 170 10.23 -32.51 -12.36
N MLY B 171 10.04 -32.27 -13.64
CA MLY B 171 9.25 -33.14 -14.50
CB MLY B 171 8.37 -32.31 -15.43
CG MLY B 171 7.28 -33.09 -16.14
CD MLY B 171 6.33 -32.16 -16.89
CE MLY B 171 4.90 -32.26 -16.35
NZ MLY B 171 3.97 -31.24 -16.95
C MLY B 171 10.21 -34.02 -15.30
O MLY B 171 11.30 -33.58 -15.68
N CYS B 172 9.84 -35.28 -15.52
CA CYS B 172 10.63 -36.13 -16.40
C CYS B 172 9.90 -36.34 -17.71
N HIS B 173 10.53 -35.90 -18.80
CA HIS B 173 10.07 -36.21 -20.14
C HIS B 173 11.22 -36.86 -20.89
N GLY B 174 11.10 -36.99 -22.20
CA GLY B 174 11.96 -37.92 -22.91
C GLY B 174 11.34 -39.31 -22.90
N LEU B 175 11.98 -40.20 -23.68
CA LEU B 175 11.35 -41.44 -24.13
C LEU B 175 10.66 -42.19 -23.02
N SER B 176 9.34 -42.35 -23.16
CA SER B 176 8.50 -43.09 -22.23
C SER B 176 8.64 -42.54 -20.81
N GLY B 177 8.82 -41.23 -20.71
CA GLY B 177 8.91 -40.54 -19.44
C GLY B 177 10.22 -40.72 -18.71
N SER B 178 11.25 -41.25 -19.37
CA SER B 178 12.51 -41.53 -18.70
C SER B 178 13.10 -40.27 -18.09
N CYS B 179 13.57 -40.39 -16.86
CA CYS B 179 14.08 -39.23 -16.13
C CYS B 179 15.46 -38.77 -16.57
N GLU B 180 15.84 -39.01 -17.82
CA GLU B 180 17.14 -38.55 -18.28
C GLU B 180 17.05 -37.27 -19.09
N VAL B 181 15.85 -36.87 -19.48
CA VAL B 181 15.61 -35.50 -19.91
C VAL B 181 14.72 -34.86 -18.84
N MLY B 182 15.35 -34.08 -17.95
CA MLY B 182 14.72 -33.56 -16.74
CB MLY B 182 15.57 -33.93 -15.52
CG MLY B 182 14.84 -34.57 -14.36
CD MLY B 182 15.68 -34.41 -13.11
CE MLY B 182 15.56 -35.59 -12.16
NZ MLY B 182 16.19 -35.25 -10.85
C MLY B 182 14.55 -32.06 -16.80
O MLY B 182 15.40 -31.35 -17.33
N THR B 183 13.46 -31.55 -16.24
CA THR B 183 13.23 -30.11 -16.14
C THR B 183 12.84 -29.70 -14.73
N CYS B 184 13.59 -28.79 -14.12
CA CYS B 184 13.37 -28.41 -12.73
C CYS B 184 12.98 -26.94 -12.59
N TRP B 185 12.28 -26.66 -11.49
CA TRP B 185 11.89 -25.31 -11.10
C TRP B 185 11.81 -25.21 -9.59
N TRP B 186 12.01 -24.00 -9.07
CA TRP B 186 11.84 -23.74 -7.64
C TRP B 186 10.35 -23.73 -7.30
N ALA B 187 9.99 -24.39 -6.21
CA ALA B 187 8.58 -24.59 -5.91
C ALA B 187 8.37 -24.62 -4.40
N GLN B 188 7.12 -24.44 -4.01
CA GLN B 188 6.63 -24.51 -2.65
C GLN B 188 6.19 -25.94 -2.31
N PRO B 189 6.26 -26.32 -1.06
CA PRO B 189 5.67 -27.61 -0.66
C PRO B 189 4.17 -27.52 -0.67
N ASP B 190 3.48 -28.61 -0.35
CA ASP B 190 2.09 -28.48 0.06
C ASP B 190 2.05 -27.64 1.33
N PHE B 191 0.92 -26.96 1.55
CA PHE B 191 0.87 -26.12 2.74
C PHE B 191 0.98 -26.94 4.01
N ARG B 192 0.75 -28.26 3.92
CA ARG B 192 0.82 -29.09 5.11
C ARG B 192 2.23 -29.10 5.69
N ALA B 193 3.25 -29.07 4.84
CA ALA B 193 4.61 -28.95 5.36
C ALA B 193 4.74 -27.72 6.24
N ILE B 194 4.17 -26.59 5.80
CA ILE B 194 4.23 -25.35 6.57
C ILE B 194 3.53 -25.50 7.92
N GLY B 195 2.28 -25.98 7.90
CA GLY B 195 1.56 -26.20 9.14
C GLY B 195 2.27 -27.13 10.12
N ASP B 196 2.85 -28.23 9.61
CA ASP B 196 3.62 -29.11 10.48
C ASP B 196 4.84 -28.42 11.04
N PHE B 197 5.54 -27.64 10.20
CA PHE B 197 6.73 -26.96 10.66
C PHE B 197 6.40 -26.00 11.81
N LEU B 198 5.42 -25.14 11.58
CA LEU B 198 5.03 -24.14 12.59
C LEU B 198 4.44 -24.78 13.84
N MLY B 199 3.78 -25.92 13.69
CA MLY B 199 3.25 -26.64 14.86
CB MLY B 199 2.41 -27.84 14.45
CG MLY B 199 1.86 -28.66 15.62
CD MLY B 199 1.00 -27.84 16.59
CE MLY B 199 -0.03 -28.70 17.36
NZ MLY B 199 0.54 -29.64 18.38
C MLY B 199 4.38 -27.07 15.77
O MLY B 199 4.24 -27.02 16.99
N ASP B 200 5.51 -27.47 15.18
CA ASP B 200 6.69 -27.79 15.97
C ASP B 200 7.21 -26.54 16.68
N MLY B 201 7.34 -25.45 15.92
CA MLY B 201 7.80 -24.18 16.46
CB MLY B 201 7.91 -23.12 15.37
CG MLY B 201 9.07 -23.32 14.40
CD MLY B 201 10.44 -23.21 15.07
CE MLY B 201 11.57 -23.16 14.04
NZ MLY B 201 12.90 -23.49 14.62
C MLY B 201 6.85 -23.70 17.57
O MLY B 201 7.25 -23.04 18.53
N TYR B 202 5.58 -24.08 17.44
CA TYR B 202 4.61 -23.83 18.49
C TYR B 202 4.96 -24.64 19.74
N ASP B 203 5.40 -25.87 19.54
CA ASP B 203 5.74 -26.70 20.70
C ASP B 203 6.98 -26.22 21.42
N SER B 204 7.87 -25.51 20.74
CA SER B 204 9.11 -25.01 21.33
C SER B 204 9.12 -23.48 21.48
N ALA B 205 7.94 -22.86 21.53
CA ALA B 205 7.88 -21.39 21.52
C ALA B 205 8.58 -20.83 22.76
N SER B 206 9.41 -19.81 22.56
CA SER B 206 10.10 -19.17 23.67
C SER B 206 9.17 -18.22 24.41
N GLU B 207 9.18 -18.28 25.73
CA GLU B 207 8.42 -17.36 26.56
C GLU B 207 9.27 -16.16 26.93
N MET B 208 8.67 -14.98 26.88
CA MET B 208 9.41 -13.74 27.08
C MET B 208 8.88 -13.00 28.29
N VAL B 209 9.59 -11.93 28.64
CA VAL B 209 9.16 -10.97 29.65
C VAL B 209 9.23 -9.58 29.03
N VAL B 210 8.47 -8.65 29.58
CA VAL B 210 8.34 -7.33 28.99
C VAL B 210 9.29 -6.36 29.67
N GLU B 211 10.07 -5.64 28.88
CA GLU B 211 10.90 -4.52 29.34
C GLU B 211 10.56 -3.28 28.51
N MLY B 212 10.85 -2.10 29.04
CA MLY B 212 10.53 -0.87 28.33
CB MLY B 212 9.20 -0.30 28.85
CG MLY B 212 9.04 -0.26 30.36
CD MLY B 212 7.79 0.51 30.79
CE MLY B 212 7.70 0.63 32.30
NZ MLY B 212 6.67 1.62 32.74
C MLY B 212 11.62 0.23 28.42
O MLY B 212 12.10 0.54 29.51
N HIS B 213 11.98 0.78 27.27
CA HIS B 213 12.95 1.87 27.18
C HIS B 213 12.39 3.01 26.32
N ARG B 214 12.86 4.25 26.53
CA ARG B 214 12.29 5.41 25.83
C ARG B 214 13.03 5.71 24.53
N GLU B 215 12.26 5.99 23.48
CA GLU B 215 12.79 6.66 22.30
C GLU B 215 12.11 8.02 22.13
N SER B 216 12.32 8.65 20.96
CA SER B 216 11.90 10.04 20.80
C SER B 216 10.38 10.20 20.77
N ARG B 217 9.65 9.13 20.47
CA ARG B 217 8.18 9.16 20.48
C ARG B 217 7.61 8.56 21.77
N GLY B 218 8.35 8.59 22.86
CA GLY B 218 7.88 8.04 24.12
C GLY B 218 8.42 6.64 24.39
N TRP B 219 7.69 5.93 25.26
CA TRP B 219 8.18 4.66 25.77
C TRP B 219 7.79 3.50 24.84
N VAL B 220 8.80 2.72 24.45
CA VAL B 220 8.60 1.51 23.68
C VAL B 220 8.71 0.32 24.62
N GLU B 221 8.13 -0.80 24.23
CA GLU B 221 8.29 -2.05 24.97
C GLU B 221 8.93 -3.11 24.10
N THR B 222 9.91 -3.81 24.67
CA THR B 222 10.68 -4.85 24.00
C THR B 222 10.52 -6.17 24.75
N LEU B 223 10.79 -7.27 24.05
CA LEU B 223 10.73 -8.59 24.65
C LEU B 223 12.13 -9.17 24.84
N ARG B 224 12.27 -9.93 25.93
CA ARG B 224 13.52 -10.53 26.37
C ARG B 224 13.22 -11.96 26.78
N ALA B 225 14.06 -12.90 26.36
CA ALA B 225 13.88 -14.29 26.75
C ALA B 225 13.85 -14.43 28.27
N MLY B 226 12.80 -15.09 28.77
CA MLY B 226 12.58 -15.25 30.21
CB MLY B 226 11.17 -15.78 30.48
CG MLY B 226 10.95 -16.27 31.90
CD MLY B 226 9.47 -16.49 32.19
CE MLY B 226 9.24 -16.80 33.65
NZ MLY B 226 7.79 -16.74 33.99
CH1 MLY B 226 7.58 -17.75 35.05
CH2 MLY B 226 7.56 -15.44 34.61
C MLY B 226 13.60 -16.19 30.85
O MLY B 226 14.05 -15.95 31.98
N TYR B 227 13.93 -17.26 30.13
CA TYR B 227 14.92 -18.23 30.60
C TYR B 227 16.23 -18.05 29.84
N SER B 228 17.13 -17.28 30.45
CA SER B 228 18.36 -16.86 29.80
C SER B 228 19.30 -18.03 29.51
N LEU B 229 19.26 -19.08 30.32
CA LEU B 229 20.21 -20.18 30.18
C LEU B 229 20.02 -20.94 28.86
N PHE B 230 18.86 -20.82 28.22
CA PHE B 230 18.63 -21.43 26.91
C PHE B 230 18.95 -20.49 25.77
N MLY B 231 19.20 -21.07 24.60
CA MLY B 231 19.42 -20.32 23.38
CB MLY B 231 19.71 -21.26 22.21
CG MLY B 231 21.15 -21.77 22.19
CD MLY B 231 21.31 -22.96 21.24
CE MLY B 231 22.76 -23.14 20.80
NZ MLY B 231 23.16 -22.11 19.79
C MLY B 231 18.19 -19.47 23.07
O MLY B 231 17.08 -19.97 22.98
N PRO B 232 18.41 -18.15 22.93
CA PRO B 232 17.32 -17.21 22.67
C PRO B 232 16.58 -17.55 21.37
N PRO B 233 15.34 -17.09 21.25
CA PRO B 233 14.57 -17.37 20.04
C PRO B 233 15.15 -16.65 18.84
N THR B 234 15.00 -17.26 17.67
CA THR B 234 15.47 -16.63 16.45
C THR B 234 14.31 -16.06 15.64
N GLU B 235 14.65 -15.41 14.53
CA GLU B 235 13.67 -14.89 13.60
C GLU B 235 12.71 -15.96 13.09
N ARG B 236 13.09 -17.24 13.16
CA ARG B 236 12.20 -18.31 12.73
C ARG B 236 11.48 -18.99 13.89
N ASP B 237 11.70 -18.55 15.13
CA ASP B 237 11.03 -19.11 16.29
C ASP B 237 9.81 -18.27 16.68
N LEU B 238 8.89 -18.92 17.39
CA LEU B 238 7.70 -18.26 17.92
C LEU B 238 7.95 -17.78 19.34
N VAL B 239 7.40 -16.60 19.66
CA VAL B 239 7.51 -16.01 20.98
C VAL B 239 6.11 -15.73 21.52
N TYR B 240 6.03 -15.65 22.85
CA TYR B 240 4.80 -15.27 23.54
C TYR B 240 5.20 -14.85 24.95
N TYR B 241 4.25 -14.20 25.65
CA TYR B 241 4.58 -13.76 27.00
C TYR B 241 3.39 -13.76 27.96
N GLU B 242 2.23 -14.29 27.60
CA GLU B 242 1.15 -14.48 28.56
C GLU B 242 0.85 -15.96 28.66
N ASN B 243 0.37 -16.37 29.84
CA ASN B 243 0.08 -17.77 30.09
C ASN B 243 -1.22 -18.14 29.41
N SER B 244 -1.26 -19.32 28.85
CA SER B 244 -2.48 -19.69 28.16
C SER B 244 -3.52 -20.14 29.18
N PRO B 245 -4.79 -19.87 28.91
CA PRO B 245 -5.83 -20.20 29.90
C PRO B 245 -6.06 -21.70 30.01
N ASN B 246 -6.94 -22.06 30.93
CA ASN B 246 -7.42 -23.43 31.05
C ASN B 246 -8.63 -23.59 30.15
N PHE B 247 -8.45 -24.32 29.05
CA PHE B 247 -9.51 -24.51 28.06
C PHE B 247 -10.53 -25.55 28.45
N CYS B 248 -10.64 -25.86 29.74
CA CYS B 248 -11.48 -26.97 30.18
C CYS B 248 -12.95 -26.56 30.24
N GLU B 249 -13.23 -25.51 31.00
CA GLU B 249 -14.45 -24.80 31.34
C GLU B 249 -14.69 -23.66 30.35
N PRO B 250 -15.94 -23.29 30.09
CA PRO B 250 -16.18 -22.07 29.29
C PRO B 250 -15.65 -20.86 30.03
N ASN B 251 -14.73 -20.15 29.37
CA ASN B 251 -14.06 -19.03 30.02
C ASN B 251 -15.03 -17.86 30.17
N PRO B 252 -15.37 -17.46 31.39
CA PRO B 252 -16.30 -16.32 31.55
C PRO B 252 -15.71 -15.00 31.10
N GLU B 253 -14.38 -14.92 30.98
CA GLU B 253 -13.69 -13.75 30.44
C GLU B 253 -13.35 -13.96 28.95
N THR B 254 -14.30 -14.57 28.23
CA THR B 254 -14.26 -14.86 26.79
C THR B 254 -12.89 -15.41 26.36
N GLY B 255 -12.19 -16.10 27.25
CA GLY B 255 -11.06 -16.91 26.82
C GLY B 255 -11.52 -17.84 25.71
N SER B 256 -12.44 -18.75 26.04
CA SER B 256 -13.03 -19.65 25.05
C SER B 256 -14.14 -20.47 25.73
N PHE B 257 -14.70 -21.39 24.95
CA PHE B 257 -15.72 -22.33 25.38
C PHE B 257 -15.10 -23.46 26.18
N GLY B 258 -15.96 -24.25 26.81
CA GLY B 258 -15.52 -25.49 27.41
C GLY B 258 -15.30 -26.54 26.35
N THR B 259 -14.92 -27.72 26.81
CA THR B 259 -14.82 -28.88 25.95
C THR B 259 -16.10 -29.68 25.90
N ARG B 260 -17.19 -29.15 26.45
CA ARG B 260 -18.42 -29.92 26.57
C ARG B 260 -18.98 -30.26 25.19
N ASP B 261 -19.38 -31.53 25.03
CA ASP B 261 -19.86 -32.11 23.78
C ASP B 261 -18.85 -32.01 22.64
N ARG B 262 -17.57 -31.90 22.95
CA ARG B 262 -16.54 -32.07 21.94
C ARG B 262 -16.27 -33.56 21.77
N THR B 263 -16.06 -33.96 20.51
CA THR B 263 -15.98 -35.37 20.17
C THR B 263 -14.72 -36.00 20.74
N CYS B 264 -14.83 -37.25 21.14
CA CYS B 264 -13.88 -37.83 22.06
C CYS B 264 -13.43 -39.19 21.55
N ASN B 265 -12.22 -39.61 21.95
CA ASN B 265 -11.61 -40.85 21.48
C ASN B 265 -11.32 -41.76 22.68
N VAL B 266 -12.09 -42.84 22.83
CA VAL B 266 -11.90 -43.70 24.01
C VAL B 266 -10.57 -44.43 23.94
N THR B 267 -10.06 -44.70 22.74
CA THR B 267 -8.82 -45.44 22.60
C THR B 267 -7.64 -44.66 23.17
N SER B 268 -7.60 -43.35 22.93
CA SER B 268 -6.41 -42.57 23.22
C SER B 268 -6.35 -42.11 24.67
N HIS B 269 -5.16 -42.15 25.23
CA HIS B 269 -4.86 -41.63 26.57
C HIS B 269 -4.14 -40.29 26.52
N GLY B 270 -4.00 -39.72 25.32
CA GLY B 270 -3.51 -38.37 25.14
C GLY B 270 -4.65 -37.36 25.24
N ILE B 271 -4.39 -36.17 24.70
CA ILE B 271 -5.33 -35.06 24.88
C ILE B 271 -6.65 -35.35 24.19
N ASP B 272 -6.62 -35.96 23.01
CA ASP B 272 -7.85 -36.26 22.29
C ASP B 272 -8.65 -37.39 22.93
N GLY B 273 -8.13 -38.00 24.00
CA GLY B 273 -8.86 -39.01 24.75
C GLY B 273 -9.78 -38.40 25.79
N CYS B 274 -10.68 -39.24 26.30
CA CYS B 274 -11.84 -38.78 27.06
C CYS B 274 -11.53 -38.43 28.51
N ASP B 275 -10.38 -38.86 29.02
CA ASP B 275 -10.01 -38.39 30.34
C ASP B 275 -9.44 -36.98 30.27
N LEU B 276 -8.62 -36.72 29.27
CA LEU B 276 -7.91 -35.45 29.18
C LEU B 276 -8.72 -34.38 28.50
N LEU B 277 -9.34 -34.70 27.35
CA LEU B 277 -10.13 -33.69 26.62
C LEU B 277 -11.27 -33.16 27.47
N CYS B 278 -11.89 -34.03 28.27
CA CYS B 278 -13.02 -33.66 29.13
C CYS B 278 -12.59 -33.24 30.53
N CYS B 279 -11.28 -33.17 30.77
CA CYS B 279 -10.74 -32.65 32.04
C CYS B 279 -11.34 -33.34 33.26
N GLY B 280 -11.42 -34.68 33.21
CA GLY B 280 -11.88 -35.46 34.33
C GLY B 280 -13.38 -35.58 34.49
N ARG B 281 -14.16 -34.76 33.78
CA ARG B 281 -15.59 -34.98 33.73
C ARG B 281 -15.87 -36.21 32.88
N GLY B 282 -17.11 -36.68 32.93
CA GLY B 282 -17.45 -37.87 32.19
C GLY B 282 -17.41 -37.64 30.69
N HIS B 283 -17.99 -38.60 29.98
CA HIS B 283 -18.32 -38.39 28.59
C HIS B 283 -19.61 -39.15 28.27
N ASN B 284 -20.47 -38.52 27.50
CA ASN B 284 -21.66 -39.20 27.00
C ASN B 284 -21.28 -40.09 25.82
N THR B 285 -22.21 -40.95 25.43
CA THR B 285 -22.01 -41.74 24.21
C THR B 285 -23.35 -41.96 23.52
N ARG B 286 -23.33 -41.86 22.20
CA ARG B 286 -24.45 -42.21 21.34
C ARG B 286 -23.90 -43.05 20.21
N THR B 287 -24.76 -43.85 19.60
CA THR B 287 -24.39 -44.67 18.45
C THR B 287 -25.05 -44.09 17.21
N GLU B 288 -24.36 -44.22 16.08
CA GLU B 288 -24.96 -43.77 14.82
C GLU B 288 -24.68 -44.76 13.71
N MLY B 289 -25.60 -44.78 12.73
CA MLY B 289 -25.49 -45.58 11.53
CB MLY B 289 -26.66 -46.56 11.45
CG MLY B 289 -28.07 -46.03 11.49
CD MLY B 289 -28.94 -47.26 11.43
CE MLY B 289 -30.40 -46.97 11.30
NZ MLY B 289 -31.16 -48.24 11.27
C MLY B 289 -25.45 -44.77 10.26
O MLY B 289 -26.30 -43.92 10.00
N ARG B 290 -24.46 -45.07 9.42
CA ARG B 290 -24.40 -44.48 8.10
C ARG B 290 -24.52 -45.58 7.05
N MLY B 291 -25.13 -45.25 5.92
CA MLY B 291 -25.16 -46.18 4.80
CB MLY B 291 -26.42 -45.97 3.96
CG MLY B 291 -26.75 -47.10 3.00
CD MLY B 291 -27.79 -46.64 1.99
CE MLY B 291 -28.65 -47.79 1.48
NZ MLY B 291 -29.81 -47.28 0.67
C MLY B 291 -23.91 -45.95 3.95
O MLY B 291 -23.44 -44.82 3.80
N GLU B 292 -23.34 -47.03 3.42
CA GLU B 292 -22.21 -46.89 2.50
C GLU B 292 -22.05 -48.12 1.62
N MLY B 293 -21.26 -47.96 0.57
CA MLY B 293 -20.94 -49.05 -0.34
CB MLY B 293 -20.45 -48.49 -1.69
CG MLY B 293 -21.40 -47.49 -2.34
CD MLY B 293 -22.69 -48.17 -2.79
CE MLY B 293 -23.52 -47.28 -3.68
NZ MLY B 293 -24.59 -48.06 -4.36
C MLY B 293 -19.88 -49.95 0.29
O MLY B 293 -18.92 -49.43 0.84
N CYS B 294 -20.02 -51.26 0.24
CA CYS B 294 -18.98 -52.07 0.89
C CYS B 294 -18.36 -53.27 0.18
N HIS B 295 -19.13 -54.04 -0.59
CA HIS B 295 -18.60 -55.24 -1.20
C HIS B 295 -18.58 -55.06 -2.72
N CYS B 296 -17.76 -54.11 -3.16
CA CYS B 296 -17.76 -53.69 -4.55
C CYS B 296 -16.86 -54.63 -5.37
N ILE B 297 -17.48 -55.36 -6.27
CA ILE B 297 -16.80 -56.27 -7.18
C ILE B 297 -16.49 -55.50 -8.46
N PHE B 298 -15.31 -55.76 -9.04
CA PHE B 298 -15.05 -55.30 -10.40
C PHE B 298 -15.49 -56.37 -11.40
N HIS B 299 -15.88 -55.92 -12.59
CA HIS B 299 -16.43 -56.80 -13.60
C HIS B 299 -15.67 -56.60 -14.90
N TRP B 300 -15.17 -57.67 -15.50
CA TRP B 300 -14.35 -57.50 -16.69
C TRP B 300 -15.22 -57.16 -17.89
N CYS B 301 -15.82 -55.98 -17.78
CA CYS B 301 -15.17 -54.85 -18.43
C CYS B 301 -16.01 -53.84 -19.16
N CYS B 302 -15.94 -52.61 -18.69
CA CYS B 302 -15.24 -52.33 -17.43
C CYS B 302 -16.07 -51.53 -16.48
N TYR B 303 -16.66 -52.19 -15.50
CA TYR B 303 -17.48 -51.46 -14.55
C TYR B 303 -17.39 -52.09 -13.18
N VAL B 304 -17.92 -51.37 -12.20
CA VAL B 304 -17.87 -51.78 -10.80
C VAL B 304 -19.28 -51.80 -10.23
N SER B 305 -19.62 -52.88 -9.54
CA SER B 305 -20.90 -53.06 -8.88
C SER B 305 -20.71 -53.04 -7.38
N CYS B 306 -21.54 -52.26 -6.70
CA CYS B 306 -21.47 -52.07 -5.25
C CYS B 306 -22.70 -52.58 -4.55
N GLN B 307 -22.48 -53.05 -3.31
CA GLN B 307 -23.57 -53.50 -2.43
C GLN B 307 -23.75 -52.51 -1.30
N GLU B 308 -25.01 -52.24 -0.95
CA GLU B 308 -25.33 -51.31 0.12
C GLU B 308 -25.31 -52.04 1.47
N CYS B 309 -24.58 -51.48 2.43
CA CYS B 309 -24.65 -52.00 3.79
C CYS B 309 -24.46 -50.87 4.78
N ILE B 310 -24.86 -51.13 6.01
CA ILE B 310 -24.98 -50.11 7.04
C ILE B 310 -23.89 -50.35 8.08
N ARG B 311 -22.94 -49.43 8.15
CA ARG B 311 -21.87 -49.47 9.15
C ARG B 311 -22.26 -48.67 10.37
N ILE B 312 -21.92 -49.19 11.56
CA ILE B 312 -22.31 -48.60 12.84
C ILE B 312 -21.05 -48.26 13.63
N TYR B 313 -21.06 -47.07 14.26
CA TYR B 313 -19.97 -46.62 15.09
C TYR B 313 -20.56 -45.87 16.27
N ASP B 314 -19.73 -45.61 17.29
CA ASP B 314 -20.16 -44.92 18.50
C ASP B 314 -19.32 -43.66 18.71
N VAL B 315 -19.99 -42.57 19.10
CA VAL B 315 -19.31 -41.30 19.26
C VAL B 315 -19.45 -40.88 20.73
N HIS B 316 -18.31 -40.69 21.37
CA HIS B 316 -18.25 -40.26 22.76
C HIS B 316 -18.04 -38.75 22.72
N THR B 317 -18.91 -38.02 23.42
CA THR B 317 -18.77 -36.58 23.55
C THR B 317 -18.64 -36.24 25.03
N CYS B 318 -17.69 -35.36 25.34
CA CYS B 318 -17.41 -34.92 26.71
C CYS B 318 -18.64 -34.33 27.39
N MLY B 319 -18.70 -34.44 28.72
CA MLY B 319 -19.70 -33.73 29.50
CB MLY B 319 -20.04 -34.49 30.77
CG MLY B 319 -20.43 -35.92 30.52
CD MLY B 319 -20.92 -36.57 31.79
CE MLY B 319 -21.33 -38.00 31.50
NZ MLY B 319 -22.12 -38.60 32.60
CH1 MLY B 319 -22.33 -40.01 32.19
CH2 MLY B 319 -21.27 -38.60 33.80
C MLY B 319 -19.24 -32.33 29.86
O MLY B 319 -19.97 -31.59 30.52
N MLY C 4 -32.85 31.87 -4.63
CA MLY C 4 -32.02 31.40 -5.73
CB MLY C 4 -32.88 30.73 -6.81
CG MLY C 4 -33.53 29.41 -6.40
CD MLY C 4 -34.88 29.62 -5.73
CE MLY C 4 -35.48 28.30 -5.28
NZ MLY C 4 -36.70 28.50 -4.44
C MLY C 4 -31.19 32.53 -6.36
O MLY C 4 -31.34 32.83 -7.54
N GLU C 5 -30.33 33.16 -5.56
CA GLU C 5 -29.56 34.31 -6.02
C GLU C 5 -28.06 34.12 -5.83
N LEU C 6 -27.33 34.09 -6.94
CA LEU C 6 -25.88 33.96 -6.93
C LEU C 6 -25.23 35.34 -6.93
N ALA C 7 -23.94 35.36 -6.61
CA ALA C 7 -23.18 36.59 -6.56
C ALA C 7 -22.82 37.08 -7.96
N CYS C 8 -22.90 38.40 -8.16
CA CYS C 8 -22.46 39.02 -9.40
C CYS C 8 -20.94 39.06 -9.47
N GLN C 9 -20.39 38.79 -10.65
CA GLN C 9 -18.97 38.92 -10.91
C GLN C 9 -18.79 39.64 -12.24
N GLU C 10 -17.66 40.32 -12.41
CA GLU C 10 -17.46 41.08 -13.64
C GLU C 10 -17.07 40.16 -14.79
N ILE C 11 -17.60 40.45 -15.98
CA ILE C 11 -17.33 39.62 -17.15
C ILE C 11 -15.85 39.67 -17.49
N THR C 12 -15.27 38.50 -17.76
CA THR C 12 -13.92 38.38 -18.25
C THR C 12 -13.84 37.78 -19.65
N VAL C 13 -14.92 37.20 -20.15
CA VAL C 13 -14.92 36.57 -21.46
C VAL C 13 -14.67 37.61 -22.55
N PRO C 14 -13.48 37.63 -23.15
CA PRO C 14 -13.16 38.70 -24.10
C PRO C 14 -14.23 38.98 -25.14
N LEU C 15 -14.90 37.95 -25.67
CA LEU C 15 -15.89 38.22 -26.71
C LEU C 15 -17.01 39.10 -26.16
N CYS C 16 -17.19 39.13 -24.85
CA CYS C 16 -18.43 39.67 -24.32
C CYS C 16 -18.30 40.88 -23.44
N MLY C 17 -17.09 41.39 -23.46
CA MLY C 17 -16.82 42.73 -23.03
CB MLY C 17 -15.33 42.97 -22.92
CG MLY C 17 -14.70 42.30 -21.72
CD MLY C 17 -13.37 42.93 -21.41
CE MLY C 17 -12.80 42.44 -20.09
NZ MLY C 17 -11.70 43.34 -19.63
C MLY C 17 -17.48 43.71 -23.99
O MLY C 17 -17.44 43.51 -25.21
N GLY C 18 -18.11 44.73 -23.42
CA GLY C 18 -18.69 45.81 -24.18
C GLY C 18 -20.04 45.53 -24.84
N ILE C 19 -20.88 44.70 -24.21
CA ILE C 19 -22.20 44.41 -24.77
C ILE C 19 -23.28 45.33 -24.23
N GLY C 20 -22.95 46.21 -23.29
CA GLY C 20 -23.93 47.08 -22.67
C GLY C 20 -24.18 46.78 -21.21
N TYR C 21 -23.72 45.62 -20.73
CA TYR C 21 -23.76 45.25 -19.33
C TYR C 21 -22.48 44.50 -18.99
N ASN C 22 -22.02 44.66 -17.75
CA ASN C 22 -20.68 44.20 -17.41
C ASN C 22 -20.64 43.13 -16.32
N TYR C 23 -21.76 42.71 -15.77
CA TYR C 23 -21.70 41.76 -14.67
C TYR C 23 -22.52 40.52 -14.97
N THR C 24 -22.02 39.39 -14.50
CA THR C 24 -22.61 38.10 -14.79
C THR C 24 -22.54 37.25 -13.54
N TYR C 25 -23.04 36.03 -13.62
CA TYR C 25 -23.06 35.14 -12.49
C TYR C 25 -22.78 33.72 -12.98
N MET C 26 -22.27 32.88 -12.09
CA MET C 26 -22.09 31.49 -12.43
C MET C 26 -22.64 30.60 -11.33
N PRO C 27 -23.21 29.44 -11.69
CA PRO C 27 -23.32 28.79 -13.00
C PRO C 27 -24.42 29.35 -13.92
N ASN C 28 -24.13 29.44 -15.22
CA ASN C 28 -25.12 29.87 -16.20
C ASN C 28 -26.11 28.73 -16.48
N GLN C 29 -27.01 28.94 -17.45
CA GLN C 29 -28.02 27.92 -17.76
C GLN C 29 -27.42 26.65 -18.32
N PHE C 30 -26.19 26.69 -18.82
CA PHE C 30 -25.52 25.53 -19.38
C PHE C 30 -24.66 24.81 -18.36
N ASN C 31 -24.79 25.15 -17.07
CA ASN C 31 -24.05 24.55 -15.97
C ASN C 31 -22.54 24.73 -16.09
N HIS C 32 -22.09 25.68 -16.88
CA HIS C 32 -20.70 26.09 -16.80
C HIS C 32 -20.44 26.65 -15.42
N ASP C 33 -19.32 26.26 -14.82
CA ASP C 33 -19.04 26.65 -13.45
C ASP C 33 -18.12 27.85 -13.34
N THR C 34 -17.61 28.35 -14.47
CA THR C 34 -16.67 29.45 -14.46
C THR C 34 -16.76 30.18 -15.80
N GLN C 35 -16.53 31.49 -15.77
CA GLN C 35 -16.49 32.25 -17.01
C GLN C 35 -15.51 31.63 -17.99
N ASP C 36 -14.37 31.14 -17.50
CA ASP C 36 -13.42 30.47 -18.37
C ASP C 36 -14.13 29.40 -19.19
N GLU C 37 -14.75 28.44 -18.50
CA GLU C 37 -15.51 27.40 -19.19
C GLU C 37 -16.52 27.99 -20.18
N ALA C 38 -17.41 28.86 -19.70
CA ALA C 38 -18.35 29.50 -20.61
C ALA C 38 -17.62 30.19 -21.77
N GLY C 39 -16.52 30.86 -21.47
CA GLY C 39 -15.75 31.49 -22.52
C GLY C 39 -15.29 30.52 -23.60
N LEU C 40 -14.78 29.36 -23.18
CA LEU C 40 -14.25 28.43 -24.17
C LEU C 40 -15.35 27.85 -25.05
N GLU C 41 -16.60 27.93 -24.63
CA GLU C 41 -17.64 27.50 -25.55
C GLU C 41 -18.12 28.65 -26.42
N VAL C 42 -18.36 29.82 -25.82
CA VAL C 42 -18.90 30.94 -26.61
C VAL C 42 -17.87 31.44 -27.63
N HIS C 43 -16.58 31.41 -27.28
CA HIS C 43 -15.56 31.88 -28.21
C HIS C 43 -15.55 31.07 -29.50
N GLN C 44 -16.16 29.89 -29.51
CA GLN C 44 -16.21 29.13 -30.76
C GLN C 44 -17.09 29.80 -31.79
N PHE C 45 -17.92 30.75 -31.39
CA PHE C 45 -18.76 31.49 -32.33
C PHE C 45 -18.10 32.74 -32.86
N TRP C 46 -16.91 33.09 -32.36
CA TRP C 46 -16.28 34.35 -32.73
C TRP C 46 -16.18 34.56 -34.25
N PRO C 47 -15.81 33.58 -35.06
CA PRO C 47 -15.82 33.85 -36.52
C PRO C 47 -17.16 34.31 -37.02
N LEU C 48 -18.26 33.81 -36.44
CA LEU C 48 -19.59 34.27 -36.85
C LEU C 48 -19.85 35.71 -36.45
N VAL C 49 -19.30 36.16 -35.32
CA VAL C 49 -19.43 37.56 -34.94
C VAL C 49 -18.57 38.44 -35.85
N GLU C 50 -17.41 37.92 -36.27
CA GLU C 50 -16.57 38.65 -37.22
C GLU C 50 -17.25 38.79 -38.58
N ILE C 51 -18.01 37.77 -38.98
CA ILE C 51 -18.65 37.77 -40.30
C ILE C 51 -19.77 38.82 -40.34
N GLN C 52 -20.33 39.15 -39.19
CA GLN C 52 -21.36 40.18 -39.07
C GLN C 52 -22.63 39.81 -39.84
N CYS C 53 -23.01 38.53 -39.77
CA CYS C 53 -24.30 38.12 -40.33
C CYS C 53 -25.45 38.70 -39.54
N SER C 54 -25.31 38.86 -38.23
CA SER C 54 -26.35 39.56 -37.49
C SER C 54 -25.77 40.50 -36.44
N PRO C 55 -26.14 41.79 -36.49
CA PRO C 55 -25.67 42.73 -35.46
C PRO C 55 -26.12 42.37 -34.07
N ASP C 56 -27.06 41.43 -33.94
CA ASP C 56 -27.55 40.99 -32.64
C ASP C 56 -26.84 39.75 -32.12
N LEU C 57 -25.98 39.13 -32.91
CA LEU C 57 -25.47 37.82 -32.56
C LEU C 57 -24.63 37.81 -31.28
N MLY C 58 -23.74 38.79 -31.15
CA MLY C 58 -22.82 38.85 -30.00
CB MLY C 58 -21.76 39.93 -30.22
CG MLY C 58 -20.82 40.12 -29.05
CD MLY C 58 -19.56 40.84 -29.46
CE MLY C 58 -19.58 42.30 -29.03
NZ MLY C 58 -18.39 43.07 -29.54
CH1 MLY C 58 -18.27 44.24 -28.69
CH2 MLY C 58 -17.19 42.27 -29.32
C MLY C 58 -23.57 39.11 -28.71
O MLY C 58 -23.26 38.53 -27.66
N PHE C 59 -24.57 39.98 -28.76
CA PHE C 59 -25.38 40.21 -27.59
C PHE C 59 -26.16 38.94 -27.24
N PHE C 60 -26.83 38.36 -28.25
CA PHE C 60 -27.53 37.10 -28.07
C PHE C 60 -26.69 36.08 -27.33
N LEU C 61 -25.52 35.75 -27.88
CA LEU C 61 -24.71 34.67 -27.32
C LEU C 61 -24.30 34.96 -25.88
N CYS C 62 -23.84 36.17 -25.61
CA CYS C 62 -23.33 36.47 -24.28
C CYS C 62 -24.42 36.61 -23.26
N SER C 63 -25.58 37.06 -23.70
CA SER C 63 -26.71 37.12 -22.81
C SER C 63 -27.14 35.74 -22.36
N MET C 64 -26.60 34.67 -22.95
CA MET C 64 -26.85 33.32 -22.45
C MET C 64 -25.62 32.60 -21.92
N TYR C 65 -24.42 32.88 -22.41
CA TYR C 65 -23.26 32.25 -21.79
C TYR C 65 -22.76 33.04 -20.58
N THR C 66 -22.78 34.36 -20.66
CA THR C 66 -22.49 35.25 -19.53
C THR C 66 -23.76 36.06 -19.25
N PRO C 67 -24.77 35.44 -18.65
CA PRO C 67 -26.05 36.12 -18.42
C PRO C 67 -25.88 37.38 -17.60
N ILE C 68 -26.77 38.35 -17.84
CA ILE C 68 -26.68 39.62 -17.12
C ILE C 68 -26.97 39.37 -15.65
N CYS C 69 -26.28 40.11 -14.79
CA CYS C 69 -26.44 40.01 -13.35
C CYS C 69 -26.57 41.43 -12.82
N LEU C 70 -27.61 41.67 -12.02
CA LEU C 70 -27.92 43.01 -11.52
C LEU C 70 -28.00 42.99 -10.00
N GLU C 71 -27.46 44.04 -9.38
CA GLU C 71 -27.63 44.16 -7.93
C GLU C 71 -29.09 44.47 -7.59
N ASP C 72 -29.79 45.16 -8.48
CA ASP C 72 -31.15 45.62 -8.21
C ASP C 72 -32.16 44.47 -8.30
N TYR C 73 -31.98 43.56 -9.24
CA TYR C 73 -32.99 42.59 -9.61
C TYR C 73 -32.38 41.18 -9.71
N MLY C 74 -33.09 40.18 -9.23
CA MLY C 74 -32.50 38.87 -8.98
CB MLY C 74 -32.40 38.64 -7.48
CG MLY C 74 -31.45 39.56 -6.78
CD MLY C 74 -30.04 39.30 -7.24
CE MLY C 74 -29.06 40.10 -6.43
NZ MLY C 74 -27.76 39.42 -6.45
CH1 MLY C 74 -26.85 40.23 -7.26
CH2 MLY C 74 -27.30 39.39 -5.06
C MLY C 74 -33.23 37.70 -9.60
O MLY C 74 -33.08 36.56 -9.17
N MLY C 75 -34.03 37.97 -10.62
CA MLY C 75 -34.77 36.94 -11.32
CB MLY C 75 -36.25 37.32 -11.44
CG MLY C 75 -36.93 37.52 -10.08
CD MLY C 75 -38.32 38.07 -10.24
CE MLY C 75 -38.96 38.39 -8.88
NZ MLY C 75 -40.43 38.57 -8.97
CH1 MLY C 75 -40.82 39.46 -7.88
CH2 MLY C 75 -40.73 39.27 -10.24
C MLY C 75 -34.13 36.74 -12.67
O MLY C 75 -33.49 37.66 -13.19
N PRO C 76 -34.27 35.54 -13.27
CA PRO C 76 -33.60 35.26 -14.54
C PRO C 76 -34.01 36.26 -15.60
N LEU C 77 -33.06 36.70 -16.42
CA LEU C 77 -33.29 37.77 -17.39
C LEU C 77 -32.74 37.39 -18.76
N PRO C 78 -33.38 36.43 -19.43
CA PRO C 78 -32.85 35.94 -20.71
C PRO C 78 -33.12 36.92 -21.83
N PRO C 79 -32.45 36.77 -22.98
CA PRO C 79 -32.83 37.55 -24.16
C PRO C 79 -34.21 37.14 -24.63
N CYS C 80 -34.97 38.11 -25.14
CA CYS C 80 -36.29 37.80 -25.70
C CYS C 80 -36.14 36.97 -26.97
N ARG C 81 -37.08 36.07 -27.19
CA ARG C 81 -37.04 35.22 -28.39
C ARG C 81 -36.83 36.04 -29.66
N SER C 82 -37.37 37.26 -29.72
CA SER C 82 -37.21 38.09 -30.91
C SER C 82 -35.74 38.37 -31.21
N VAL C 83 -34.88 38.35 -30.20
CA VAL C 83 -33.44 38.53 -30.42
C VAL C 83 -32.86 37.29 -31.07
N CYS C 84 -33.10 36.14 -30.45
CA CYS C 84 -32.69 34.86 -31.02
C CYS C 84 -33.08 34.75 -32.49
N GLU C 85 -34.32 35.13 -32.83
CA GLU C 85 -34.78 34.91 -34.20
C GLU C 85 -34.12 35.87 -35.17
N ARG C 86 -34.00 37.16 -34.81
CA ARG C 86 -33.24 38.08 -35.64
C ARG C 86 -31.83 37.59 -35.91
N ALA C 87 -31.21 36.94 -34.92
CA ALA C 87 -29.85 36.42 -35.04
C ALA C 87 -29.75 35.21 -35.97
N MLY C 88 -30.60 34.22 -35.74
CA MLY C 88 -30.57 33.00 -36.53
CB MLY C 88 -31.43 31.91 -35.85
CG MLY C 88 -32.00 30.85 -36.79
CD MLY C 88 -32.52 29.63 -36.02
CE MLY C 88 -33.63 28.90 -36.79
NZ MLY C 88 -33.89 27.50 -36.32
C MLY C 88 -31.04 33.28 -37.94
O MLY C 88 -30.49 32.75 -38.91
N ALA C 89 -32.02 34.18 -38.07
CA ALA C 89 -32.48 34.59 -39.40
C ALA C 89 -31.39 35.31 -40.17
N GLY C 90 -30.44 35.92 -39.46
CA GLY C 90 -29.32 36.55 -40.11
C GLY C 90 -28.18 35.61 -40.43
N CYS C 91 -28.01 34.57 -39.61
CA CYS C 91 -26.79 33.76 -39.64
C CYS C 91 -27.01 32.32 -40.07
N ALA C 92 -28.09 31.67 -39.63
CA ALA C 92 -28.34 30.29 -40.05
C ALA C 92 -28.30 30.09 -41.56
N PRO C 93 -28.87 30.96 -42.41
CA PRO C 93 -28.78 30.73 -43.86
C PRO C 93 -27.36 30.56 -44.38
N LEU C 94 -26.37 31.22 -43.80
CA LEU C 94 -24.99 30.95 -44.18
C LEU C 94 -24.48 29.66 -43.56
N MET C 95 -24.89 29.37 -42.31
CA MET C 95 -24.47 28.14 -41.65
C MET C 95 -25.05 26.91 -42.32
N ARG C 96 -26.22 27.05 -42.90
CA ARG C 96 -26.78 26.09 -43.85
C ARG C 96 -25.75 25.21 -44.54
N GLN C 97 -24.90 25.86 -45.31
CA GLN C 97 -24.24 25.20 -46.41
C GLN C 97 -23.02 24.43 -45.99
N TYR C 98 -22.40 24.75 -44.84
CA TYR C 98 -21.06 24.26 -44.55
C TYR C 98 -21.03 23.33 -43.33
N GLY C 99 -22.10 22.56 -43.11
CA GLY C 99 -22.11 21.49 -42.14
C GLY C 99 -22.70 21.85 -40.80
N PHE C 100 -22.61 23.11 -40.39
CA PHE C 100 -23.13 23.52 -39.09
C PHE C 100 -24.64 23.69 -39.15
N ALA C 101 -25.31 23.34 -38.04
CA ALA C 101 -26.71 23.62 -37.84
C ALA C 101 -26.86 24.54 -36.63
N TRP C 102 -28.01 25.20 -36.54
CA TRP C 102 -28.26 26.11 -35.42
C TRP C 102 -28.25 25.30 -34.13
N PRO C 103 -27.29 25.53 -33.25
CA PRO C 103 -26.99 24.58 -32.17
C PRO C 103 -28.12 24.48 -31.15
N ASP C 104 -28.17 23.30 -30.50
CA ASP C 104 -29.31 22.92 -29.67
C ASP C 104 -29.47 23.84 -28.46
N ARG C 105 -28.36 24.30 -27.87
CA ARG C 105 -28.47 25.23 -26.76
C ARG C 105 -29.18 26.52 -27.14
N MET C 106 -29.05 26.94 -28.42
CA MET C 106 -29.53 28.22 -28.89
C MET C 106 -30.85 28.13 -29.65
N ARG C 107 -31.61 27.06 -29.44
CA ARG C 107 -32.97 26.99 -29.96
C ARG C 107 -33.79 28.15 -29.39
N CYS C 108 -34.48 28.88 -30.27
CA CYS C 108 -35.28 30.04 -29.86
C CYS C 108 -36.57 29.67 -29.15
N ASP C 109 -37.04 28.42 -29.28
CA ASP C 109 -38.30 28.03 -28.65
C ASP C 109 -38.22 28.14 -27.13
N ARG C 110 -37.01 28.01 -26.56
CA ARG C 110 -36.86 27.98 -25.11
C ARG C 110 -36.94 29.37 -24.49
N LEU C 111 -36.54 30.41 -25.22
CA LEU C 111 -36.60 31.75 -24.70
C LEU C 111 -38.05 32.24 -24.63
N PRO C 112 -38.33 33.23 -23.79
CA PRO C 112 -39.67 33.80 -23.75
C PRO C 112 -39.82 35.00 -24.68
N GLU C 113 -41.07 35.26 -25.04
CA GLU C 113 -41.45 36.43 -25.82
C GLU C 113 -41.78 37.58 -24.87
N GLN C 114 -41.74 38.80 -25.41
CA GLN C 114 -42.06 39.97 -24.61
C GLN C 114 -43.56 39.99 -24.32
N GLY C 115 -43.94 39.87 -23.05
CA GLY C 115 -45.34 39.97 -22.70
C GLY C 115 -45.83 39.01 -21.63
N ASN C 116 -45.16 37.85 -21.47
CA ASN C 116 -45.80 36.99 -20.47
C ASN C 116 -45.41 37.47 -19.06
N PRO C 117 -46.37 37.50 -18.13
CA PRO C 117 -46.07 38.06 -16.81
C PRO C 117 -45.00 37.31 -16.04
N ASP C 118 -44.82 36.01 -16.32
CA ASP C 118 -43.94 35.18 -15.51
C ASP C 118 -42.48 35.60 -15.65
N THR C 119 -42.07 36.00 -16.86
CA THR C 119 -40.69 36.34 -17.13
C THR C 119 -40.62 37.75 -17.67
N LEU C 120 -39.47 38.38 -17.49
CA LEU C 120 -39.06 39.52 -18.28
C LEU C 120 -38.01 39.05 -19.27
N CYS C 121 -37.64 39.92 -20.20
CA CYS C 121 -36.62 39.50 -21.15
C CYS C 121 -36.03 40.73 -21.81
N MET C 122 -34.87 40.54 -22.43
CA MET C 122 -34.08 41.65 -22.93
C MET C 122 -34.24 41.77 -24.44
N ASP C 123 -34.61 42.98 -24.86
CA ASP C 123 -34.65 43.46 -26.24
C ASP C 123 -35.05 44.92 -26.14
N TYR C 124 -34.88 45.66 -27.22
CA TYR C 124 -35.25 47.06 -27.18
C TYR C 124 -36.73 47.22 -27.49
N ASN C 125 -37.23 48.43 -27.29
CA ASN C 125 -38.63 48.79 -27.56
C ASN C 125 -39.03 48.45 -28.99
N LEU D 8 -5.75 19.02 19.16
CA LEU D 8 -5.92 17.76 18.45
C LEU D 8 -7.24 17.13 18.94
N CYS D 9 -7.46 15.87 18.60
CA CYS D 9 -8.44 15.02 19.26
C CYS D 9 -8.17 14.94 20.76
N GLY D 10 -9.11 14.34 21.48
CA GLY D 10 -9.04 14.30 22.93
C GLY D 10 -9.53 15.62 23.51
N SER D 11 -9.32 16.69 22.74
CA SER D 11 -10.02 17.96 22.95
C SER D 11 -11.52 17.77 23.00
N ILE D 12 -12.03 16.78 22.29
CA ILE D 12 -13.46 16.56 22.13
C ILE D 12 -13.97 15.77 23.34
N PRO D 13 -15.08 16.19 23.96
CA PRO D 13 -15.33 15.80 25.36
C PRO D 13 -15.75 14.35 25.54
N GLY D 14 -15.01 13.64 26.40
CA GLY D 14 -15.49 12.39 26.99
C GLY D 14 -15.50 11.18 26.09
N LEU D 15 -14.63 11.14 25.09
CA LEU D 15 -14.67 10.12 24.04
C LEU D 15 -13.90 8.87 24.48
N VAL D 16 -14.33 7.71 23.97
CA VAL D 16 -13.69 6.43 24.32
C VAL D 16 -12.36 6.37 23.57
N PRO D 17 -11.29 5.80 24.17
CA PRO D 17 -9.99 5.68 23.48
C PRO D 17 -10.00 5.24 21.99
N MLY D 18 -10.93 4.39 21.58
CA MLY D 18 -10.90 3.85 20.20
CB MLY D 18 -11.73 2.57 20.08
CG MLY D 18 -11.06 1.38 20.77
CD MLY D 18 -11.88 0.10 20.68
CE MLY D 18 -11.22 -1.02 21.49
NZ MLY D 18 -11.94 -2.31 21.42
C MLY D 18 -11.36 4.87 19.16
O MLY D 18 -10.92 4.81 18.01
N GLN D 19 -12.25 5.78 19.54
CA GLN D 19 -12.61 6.87 18.63
C GLN D 19 -11.48 7.89 18.64
N LEU D 20 -10.84 8.06 19.80
CA LEU D 20 -9.61 8.87 19.87
C LEU D 20 -8.55 8.27 18.97
N ARG D 21 -8.42 6.95 18.99
CA ARG D 21 -7.49 6.27 18.09
C ARG D 21 -7.86 6.53 16.64
N PHE D 22 -9.11 6.20 16.27
CA PHE D 22 -9.60 6.53 14.94
C PHE D 22 -9.30 7.97 14.58
N CYS D 23 -9.44 8.87 15.55
CA CYS D 23 -9.21 10.29 15.28
C CYS D 23 -7.76 10.55 14.90
N ARG D 24 -6.81 9.95 15.62
CA ARG D 24 -5.40 10.15 15.29
C ARG D 24 -5.05 9.54 13.93
N ASN D 25 -5.66 8.39 13.60
CA ASN D 25 -5.35 7.76 12.33
C ASN D 25 -6.00 8.47 11.15
N TYR D 26 -7.09 9.19 11.38
CA TYR D 26 -7.87 9.80 10.31
C TYR D 26 -7.98 11.31 10.44
N ILE D 27 -7.04 11.97 11.12
CA ILE D 27 -7.25 13.36 11.50
C ILE D 27 -7.33 14.25 10.27
N GLU D 28 -6.59 13.92 9.22
CA GLU D 28 -6.60 14.72 8.00
C GLU D 28 -8.00 14.81 7.39
N ILE D 29 -8.88 13.85 7.67
CA ILE D 29 -10.27 13.89 7.20
C ILE D 29 -11.23 14.35 8.29
N MET D 30 -10.75 14.63 9.50
CA MET D 30 -11.70 14.69 10.60
C MET D 30 -12.52 15.98 10.68
N PRO D 31 -12.02 17.13 10.22
CA PRO D 31 -12.91 18.30 10.18
C PRO D 31 -14.15 18.06 9.34
N SER D 32 -14.02 17.36 8.21
CA SER D 32 -15.20 17.06 7.41
C SER D 32 -16.10 16.03 8.09
N VAL D 33 -15.58 15.26 9.05
CA VAL D 33 -16.49 14.47 9.88
C VAL D 33 -17.35 15.37 10.73
N ALA D 34 -16.74 16.41 11.32
CA ALA D 34 -17.51 17.36 12.12
C ALA D 34 -18.55 18.06 11.27
N GLU D 35 -18.14 18.55 10.10
CA GLU D 35 -19.08 19.21 9.19
C GLU D 35 -20.24 18.29 8.84
N GLY D 36 -19.96 17.01 8.61
CA GLY D 36 -21.00 16.08 8.22
C GLY D 36 -21.98 15.77 9.32
N VAL D 37 -21.58 15.92 10.58
CA VAL D 37 -22.52 15.75 11.66
C VAL D 37 -23.43 16.96 11.68
N MLY D 38 -22.83 18.14 11.53
CA MLY D 38 -23.58 19.38 11.49
CB MLY D 38 -22.64 20.59 11.32
CG MLY D 38 -22.17 21.24 12.61
CD MLY D 38 -22.05 22.77 12.42
CE MLY D 38 -23.44 23.45 12.38
NZ MLY D 38 -23.42 24.92 12.01
CH1 MLY D 38 -24.81 25.29 11.71
CH2 MLY D 38 -23.04 25.68 13.21
C MLY D 38 -24.59 19.35 10.36
O MLY D 38 -25.73 19.81 10.50
N LEU D 39 -24.18 18.77 9.25
CA LEU D 39 -25.01 18.66 8.07
C LEU D 39 -26.23 17.78 8.34
N GLY D 40 -25.97 16.63 8.94
CA GLY D 40 -27.04 15.68 9.19
C GLY D 40 -28.12 16.23 10.10
N ILE D 41 -27.73 16.93 11.16
CA ILE D 41 -28.76 17.37 12.10
C ILE D 41 -29.41 18.67 11.64
N GLN D 42 -28.71 19.46 10.82
CA GLN D 42 -29.36 20.55 10.11
C GLN D 42 -30.48 20.01 9.24
N GLU D 43 -30.16 18.99 8.43
CA GLU D 43 -31.17 18.30 7.65
C GLU D 43 -32.27 17.74 8.55
N CYS D 44 -31.88 17.12 9.66
CA CYS D 44 -32.85 16.61 10.62
C CYS D 44 -33.82 17.72 11.04
N GLN D 45 -33.29 18.91 11.33
CA GLN D 45 -34.15 20.01 11.73
C GLN D 45 -35.10 20.40 10.62
N HIS D 46 -34.64 20.31 9.37
CA HIS D 46 -35.52 20.62 8.25
C HIS D 46 -36.60 19.57 8.09
N GLN D 47 -36.22 18.29 8.19
CA GLN D 47 -37.17 17.21 7.95
C GLN D 47 -38.30 17.22 8.97
N PHE D 48 -38.05 17.77 10.16
CA PHE D 48 -39.03 17.79 11.23
C PHE D 48 -39.49 19.20 11.56
N ARG D 49 -39.35 20.13 10.62
CA ARG D 49 -39.67 21.54 10.87
C ARG D 49 -41.13 21.77 11.22
N GLY D 50 -41.99 20.78 10.97
CA GLY D 50 -43.40 20.90 11.27
C GLY D 50 -43.89 19.79 12.16
N ARG D 51 -43.13 19.48 13.19
CA ARG D 51 -43.41 18.36 14.08
C ARG D 51 -43.29 18.83 15.52
N ARG D 52 -43.99 18.13 16.42
CA ARG D 52 -43.89 18.49 17.84
C ARG D 52 -42.46 18.39 18.33
N TRP D 53 -41.62 17.62 17.66
CA TRP D 53 -40.21 17.53 17.95
C TRP D 53 -39.46 18.17 16.79
N ASN D 54 -38.89 19.37 17.04
CA ASN D 54 -38.07 20.06 16.04
C ASN D 54 -36.98 19.16 15.47
N CYS D 55 -36.31 18.40 16.34
CA CYS D 55 -34.94 17.93 16.22
C CYS D 55 -33.97 19.06 16.60
N THR D 56 -34.35 19.89 17.56
CA THR D 56 -33.42 20.88 18.13
C THR D 56 -32.73 20.38 19.39
N THR D 57 -33.12 19.20 19.88
CA THR D 57 -32.60 18.62 21.11
C THR D 57 -31.10 18.33 21.04
N ILE D 58 -30.53 18.23 19.85
CA ILE D 58 -29.37 17.39 19.59
C ILE D 58 -28.10 18.23 19.59
N ASP D 59 -27.04 17.67 20.18
CA ASP D 59 -25.72 18.29 20.17
C ASP D 59 -24.99 17.81 18.92
N ASP D 60 -24.68 18.72 18.00
CA ASP D 60 -24.06 18.36 16.74
C ASP D 60 -22.53 18.24 16.84
N SER D 61 -22.01 18.02 18.04
CA SER D 61 -20.59 17.80 18.21
C SER D 61 -20.23 16.35 17.86
N LEU D 62 -18.92 16.09 17.79
CA LEU D 62 -18.44 14.74 17.51
C LEU D 62 -18.83 13.76 18.61
N ALA D 63 -19.18 14.26 19.80
CA ALA D 63 -19.71 13.46 20.88
C ALA D 63 -21.17 13.08 20.65
N ILE D 64 -21.67 13.26 19.42
CA ILE D 64 -23.03 12.89 19.06
C ILE D 64 -23.36 11.47 19.47
N PHE D 65 -22.40 10.56 19.38
CA PHE D 65 -22.65 9.14 19.57
C PHE D 65 -22.30 8.70 20.97
N LEU D 69 -27.14 8.80 26.55
CA LEU D 69 -28.48 8.51 27.03
C LEU D 69 -29.39 8.15 25.84
N ASP D 70 -29.19 6.94 25.32
CA ASP D 70 -30.02 6.46 24.23
C ASP D 70 -31.34 5.93 24.76
N MLY D 71 -32.42 6.64 24.44
CA MLY D 71 -33.77 6.12 24.59
CB MLY D 71 -34.75 7.18 25.07
CG MLY D 71 -34.08 8.43 25.58
CD MLY D 71 -33.38 8.15 26.90
CE MLY D 71 -32.64 9.36 27.39
NZ MLY D 71 -31.99 9.07 28.68
C MLY D 71 -34.12 5.60 23.22
O MLY D 71 -34.11 6.38 22.26
N ALA D 72 -34.43 4.32 23.09
CA ALA D 72 -34.55 3.70 21.77
C ALA D 72 -35.76 4.20 20.98
N THR D 73 -35.94 5.52 20.93
CA THR D 73 -37.04 6.10 20.17
C THR D 73 -36.83 5.85 18.69
N ARG D 74 -37.93 5.98 17.94
CA ARG D 74 -37.79 6.01 16.49
C ARG D 74 -37.00 7.23 16.05
N GLU D 75 -37.16 8.34 16.76
CA GLU D 75 -36.45 9.55 16.36
C GLU D 75 -34.94 9.38 16.50
N SER D 76 -34.49 8.67 17.54
CA SER D 76 -33.06 8.43 17.68
C SER D 76 -32.55 7.54 16.57
N ALA D 77 -33.38 6.58 16.14
CA ALA D 77 -33.07 5.82 14.94
C ALA D 77 -32.82 6.76 13.77
N PHE D 78 -33.70 7.74 13.58
CA PHE D 78 -33.52 8.70 12.50
C PHE D 78 -32.25 9.52 12.69
N VAL D 79 -32.02 10.02 13.91
CA VAL D 79 -30.87 10.90 14.13
C VAL D 79 -29.58 10.15 13.86
N HIS D 80 -29.44 8.93 14.39
CA HIS D 80 -28.27 8.13 14.10
C HIS D 80 -28.10 7.94 12.61
N ALA D 81 -29.18 7.55 11.93
CA ALA D 81 -29.13 7.38 10.48
C ALA D 81 -28.65 8.65 9.78
N ILE D 82 -29.32 9.78 10.04
CA ILE D 82 -29.01 10.99 9.30
C ILE D 82 -27.60 11.48 9.63
N ALA D 83 -27.17 11.32 10.89
CA ALA D 83 -25.83 11.74 11.26
C ALA D 83 -24.78 10.86 10.59
N SER D 84 -25.00 9.54 10.57
CA SER D 84 -24.09 8.65 9.85
C SER D 84 -24.01 9.02 8.39
N ALA D 85 -25.16 9.30 7.77
CA ALA D 85 -25.16 9.68 6.37
C ALA D 85 -24.41 10.99 6.15
N GLY D 86 -24.63 11.96 7.03
CA GLY D 86 -23.92 13.22 6.91
C GLY D 86 -22.41 13.04 6.89
N VAL D 87 -21.89 12.17 7.75
CA VAL D 87 -20.45 11.95 7.75
C VAL D 87 -20.00 11.34 6.43
N ALA D 88 -20.67 10.26 6.01
CA ALA D 88 -20.33 9.62 4.75
C ALA D 88 -20.41 10.61 3.59
N PHE D 89 -21.44 11.45 3.58
CA PHE D 89 -21.65 12.39 2.48
C PHE D 89 -20.58 13.47 2.47
N ALA D 90 -20.34 14.10 3.61
CA ALA D 90 -19.39 15.22 3.64
C ALA D 90 -17.97 14.74 3.38
N VAL D 91 -17.59 13.60 4.00
CA VAL D 91 -16.25 13.06 3.80
C VAL D 91 -16.01 12.78 2.31
N THR D 92 -16.91 12.00 1.70
CA THR D 92 -16.85 11.79 0.25
C THR D 92 -16.67 13.11 -0.48
N ARG D 93 -17.57 14.07 -0.24
CA ARG D 93 -17.58 15.32 -0.98
C ARG D 93 -16.30 16.12 -0.73
N SER D 94 -15.78 16.09 0.49
CA SER D 94 -14.53 16.80 0.76
C SER D 94 -13.40 16.25 -0.11
N CYS D 95 -13.25 14.93 -0.13
CA CYS D 95 -12.18 14.27 -0.89
C CYS D 95 -12.30 14.56 -2.39
N ALA D 96 -13.52 14.58 -2.91
CA ALA D 96 -13.70 14.96 -4.30
C ALA D 96 -13.26 16.38 -4.56
N GLU D 97 -13.43 17.26 -3.57
CA GLU D 97 -13.07 18.66 -3.72
C GLU D 97 -11.59 18.92 -3.47
N GLY D 98 -10.80 17.88 -3.18
CA GLY D 98 -9.38 18.03 -3.01
C GLY D 98 -8.95 18.44 -1.62
N THR D 99 -9.84 18.33 -0.64
CA THR D 99 -9.67 18.98 0.66
C THR D 99 -8.56 18.34 1.49
N SER D 100 -8.38 17.03 1.40
CA SER D 100 -7.49 16.32 2.30
C SER D 100 -6.49 15.52 1.50
N THR D 101 -5.44 15.10 2.20
CA THR D 101 -4.33 14.39 1.56
C THR D 101 -4.56 12.90 1.45
N ILE D 102 -5.39 12.32 2.32
CA ILE D 102 -5.55 10.88 2.39
C ILE D 102 -6.74 10.39 1.60
N CYS D 103 -7.38 11.25 0.82
CA CYS D 103 -8.42 10.78 -0.09
C CYS D 103 -8.48 11.73 -1.28
N GLY D 104 -9.37 11.42 -2.20
CA GLY D 104 -9.43 12.13 -3.47
C GLY D 104 -10.58 11.59 -4.28
N CYS D 105 -10.47 11.65 -5.61
CA CYS D 105 -11.47 11.03 -6.46
C CYS D 105 -11.38 9.50 -6.40
N ASP D 106 -12.48 8.87 -6.80
CA ASP D 106 -12.50 7.42 -6.98
C ASP D 106 -11.74 7.08 -8.25
N SER D 107 -10.71 6.25 -8.13
CA SER D 107 -9.91 5.86 -9.27
C SER D 107 -9.97 4.37 -9.57
N HIS D 108 -10.93 3.64 -9.00
CA HIS D 108 -11.03 2.21 -9.27
C HIS D 108 -11.47 1.98 -10.73
N HIS D 109 -11.30 0.74 -11.17
CA HIS D 109 -11.68 0.34 -12.52
C HIS D 109 -13.20 0.16 -12.63
N MLY D 110 -13.86 1.07 -13.34
CA MLY D 110 -15.33 1.09 -13.42
CB MLY D 110 -15.84 2.52 -13.57
CG MLY D 110 -16.07 3.27 -12.27
CD MLY D 110 -14.94 4.24 -11.99
CE MLY D 110 -14.80 5.29 -13.08
NZ MLY D 110 -13.50 6.01 -12.97
C MLY D 110 -15.91 0.22 -14.56
O MLY D 110 -17.09 0.33 -14.89
N GLY D 111 -15.08 -0.62 -15.15
CA GLY D 111 -15.51 -1.37 -16.32
C GLY D 111 -15.62 -0.45 -17.51
N PRO D 112 -16.18 -0.95 -18.61
CA PRO D 112 -16.29 -0.09 -19.80
C PRO D 112 -17.27 0.97 -19.61
N PRO D 113 -17.15 2.13 -20.29
CA PRO D 113 -18.17 3.16 -20.25
C PRO D 113 -19.38 2.75 -21.08
N GLY D 114 -20.49 3.45 -20.83
CA GLY D 114 -21.67 3.23 -21.62
C GLY D 114 -21.54 3.79 -23.02
N GLU D 115 -22.34 3.22 -23.93
CA GLU D 115 -22.35 3.69 -25.31
C GLU D 115 -22.64 5.18 -25.37
N GLY D 116 -21.79 5.92 -26.08
CA GLY D 116 -21.94 7.35 -26.26
C GLY D 116 -20.95 8.20 -25.49
N TRP D 117 -20.30 7.66 -24.46
CA TRP D 117 -19.43 8.47 -23.61
C TRP D 117 -18.21 7.71 -23.08
N MLY D 118 -17.30 8.46 -22.46
CA MLY D 118 -16.11 7.90 -21.80
CB MLY D 118 -14.84 8.31 -22.52
CG MLY D 118 -14.77 7.90 -23.99
CD MLY D 118 -13.54 8.49 -24.69
CE MLY D 118 -12.37 7.50 -24.71
NZ MLY D 118 -11.16 8.09 -25.36
C MLY D 118 -16.10 8.40 -20.36
O MLY D 118 -16.73 9.40 -20.04
N TRP D 119 -15.38 7.70 -19.49
CA TRP D 119 -15.27 8.12 -18.09
C TRP D 119 -14.49 9.40 -18.01
N GLY D 120 -14.93 10.29 -17.13
CA GLY D 120 -14.24 11.54 -16.98
C GLY D 120 -14.60 12.20 -15.68
N GLY D 121 -14.17 13.45 -15.56
CA GLY D 121 -14.42 14.20 -14.34
C GLY D 121 -13.79 13.52 -13.15
N CYS D 122 -14.51 13.56 -12.04
CA CYS D 122 -14.07 13.08 -10.73
C CYS D 122 -15.26 12.35 -10.11
N SER D 123 -15.30 11.02 -10.22
CA SER D 123 -16.34 10.25 -9.52
C SER D 123 -16.07 10.28 -8.02
N GLU D 124 -17.11 10.47 -7.23
CA GLU D 124 -16.95 10.62 -5.79
C GLU D 124 -16.60 9.28 -5.14
N ASP D 125 -15.68 9.32 -4.17
CA ASP D 125 -15.26 8.12 -3.45
C ASP D 125 -16.21 7.89 -2.27
N ALA D 126 -17.41 7.42 -2.61
CA ALA D 126 -18.41 7.12 -1.59
C ALA D 126 -17.93 5.99 -0.68
N ASP D 127 -17.24 4.99 -1.24
CA ASP D 127 -16.76 3.88 -0.41
C ASP D 127 -15.89 4.39 0.74
N PHE D 128 -15.02 5.36 0.46
CA PHE D 128 -14.20 5.91 1.53
C PHE D 128 -15.05 6.58 2.60
N GLY D 129 -15.99 7.44 2.19
CA GLY D 129 -16.80 8.15 3.16
C GLY D 129 -17.65 7.23 4.01
N VAL D 130 -18.19 6.18 3.39
CA VAL D 130 -18.97 5.22 4.16
C VAL D 130 -18.08 4.49 5.16
N LEU D 131 -16.83 4.24 4.77
CA LEU D 131 -15.87 3.58 5.64
C LEU D 131 -15.51 4.47 6.83
N VAL D 132 -15.23 5.75 6.57
CA VAL D 132 -14.92 6.69 7.64
C VAL D 132 -16.08 6.77 8.62
N SER D 133 -17.31 6.80 8.10
CA SER D 133 -18.46 6.92 8.98
C SER D 133 -18.58 5.69 9.86
N ARG D 134 -18.30 4.50 9.30
CA ARG D 134 -18.39 3.27 10.08
C ARG D 134 -17.31 3.23 11.16
N GLU D 135 -16.07 3.50 10.79
CA GLU D 135 -14.98 3.45 11.74
C GLU D 135 -15.17 4.44 12.87
N PHE D 136 -15.72 5.61 12.55
CA PHE D 136 -15.97 6.63 13.57
C PHE D 136 -17.19 6.28 14.42
N ALA D 137 -18.33 6.04 13.76
CA ALA D 137 -19.59 5.91 14.50
C ALA D 137 -19.68 4.58 15.24
N ASP D 138 -19.32 3.48 14.58
CA ASP D 138 -19.35 2.17 15.20
C ASP D 138 -18.17 1.93 16.14
N ALA D 139 -17.38 2.96 16.44
CA ALA D 139 -16.34 2.86 17.45
C ALA D 139 -16.89 3.00 18.86
N ARG D 140 -18.07 3.62 18.98
CA ARG D 140 -18.67 3.89 20.28
C ARG D 140 -19.37 2.66 20.84
N GLU D 141 -20.04 1.90 19.97
CA GLU D 141 -20.96 0.83 20.40
C GLU D 141 -20.18 -0.48 20.58
N ASN D 142 -19.47 -0.55 21.69
CA ASN D 142 -18.63 -1.69 22.04
C ASN D 142 -19.41 -2.78 22.78
N ARG D 143 -20.29 -2.38 23.70
CA ARG D 143 -21.13 -3.32 24.43
C ARG D 143 -22.04 -4.07 23.47
N PRO D 144 -22.32 -5.37 23.74
CA PRO D 144 -23.41 -6.06 23.02
C PRO D 144 -24.80 -5.76 23.60
N ASP D 145 -25.28 -4.55 23.35
CA ASP D 145 -26.52 -4.05 23.93
C ASP D 145 -27.66 -4.12 22.92
N ALA D 146 -28.89 -4.02 23.42
CA ALA D 146 -30.03 -3.76 22.54
C ALA D 146 -29.87 -2.41 21.86
N ARG D 147 -29.52 -1.38 22.63
CA ARG D 147 -29.19 -0.08 22.04
C ARG D 147 -28.12 -0.22 20.98
N SER D 148 -27.06 -0.98 21.30
CA SER D 148 -25.92 -1.08 20.41
C SER D 148 -26.27 -1.78 19.11
N ALA D 149 -27.06 -2.86 19.20
CA ALA D 149 -27.57 -3.46 17.98
C ALA D 149 -28.45 -2.48 17.20
N MET D 150 -29.31 -1.74 17.90
CA MET D 150 -30.16 -0.75 17.24
C MET D 150 -29.32 0.35 16.59
N ASN D 151 -28.45 0.99 17.37
CA ASN D 151 -27.63 2.06 16.83
C ASN D 151 -26.80 1.60 15.63
N MLY D 152 -26.12 0.47 15.78
CA MLY D 152 -25.33 -0.13 14.69
CB MLY D 152 -24.67 -1.44 15.13
CG MLY D 152 -23.17 -1.32 15.46
CD MLY D 152 -22.51 -2.67 15.68
CE MLY D 152 -22.66 -3.19 17.12
NZ MLY D 152 -21.76 -4.36 17.40
C MLY D 152 -26.21 -0.38 13.46
O MLY D 152 -25.81 -0.06 12.33
N HIS D 153 -27.40 -0.90 13.69
CA HIS D 153 -28.35 -1.12 12.60
C HIS D 153 -28.71 0.18 11.89
N ASN D 154 -29.13 1.18 12.67
CA ASN D 154 -29.50 2.46 12.07
C ASN D 154 -28.27 3.14 11.48
N ASN D 155 -27.14 3.06 12.16
CA ASN D 155 -25.92 3.67 11.64
C ASN D 155 -25.60 3.15 10.24
N GLU D 156 -25.65 1.83 10.04
CA GLU D 156 -25.35 1.31 8.70
C GLU D 156 -26.43 1.70 7.71
N ALA D 157 -27.68 1.76 8.17
CA ALA D 157 -28.77 2.17 7.28
C ALA D 157 -28.51 3.55 6.69
N GLY D 158 -28.00 4.47 7.51
CA GLY D 158 -27.64 5.78 6.99
C GLY D 158 -26.43 5.74 6.08
N ARG D 159 -25.35 5.12 6.54
CA ARG D 159 -24.16 4.97 5.72
C ARG D 159 -24.51 4.39 4.36
N THR D 160 -25.33 3.33 4.35
CA THR D 160 -25.57 2.59 3.13
C THR D 160 -26.27 3.44 2.07
N THR D 161 -27.16 4.34 2.49
CA THR D 161 -27.94 5.10 1.54
C THR D 161 -27.08 6.07 0.71
N ILE D 162 -25.85 6.35 1.16
CA ILE D 162 -24.92 7.13 0.34
C ILE D 162 -24.49 6.33 -0.89
N LEU D 163 -24.19 5.05 -0.71
CA LEU D 163 -23.85 4.22 -1.86
C LEU D 163 -25.04 4.05 -2.80
N ASP D 164 -26.24 3.87 -2.24
CA ASP D 164 -27.41 3.64 -3.06
C ASP D 164 -27.78 4.84 -3.91
N HIS D 165 -27.28 6.03 -3.59
CA HIS D 165 -27.68 7.23 -4.31
C HIS D 165 -26.65 7.66 -5.33
N MET D 166 -25.52 6.98 -5.40
CA MET D 166 -24.56 7.26 -6.47
C MET D 166 -25.22 7.05 -7.82
N HIS D 167 -25.00 8.01 -8.72
CA HIS D 167 -25.60 8.00 -10.04
C HIS D 167 -24.67 8.75 -10.98
N LEU D 168 -24.94 8.63 -12.28
CA LEU D 168 -24.10 9.28 -13.27
C LEU D 168 -24.51 10.72 -13.56
N MLY D 169 -23.56 11.64 -13.39
CA MLY D 169 -23.69 12.98 -13.94
CB MLY D 169 -23.26 14.08 -12.97
CG MLY D 169 -24.15 14.22 -11.75
CD MLY D 169 -23.75 15.45 -10.93
CE MLY D 169 -24.66 15.62 -9.71
NZ MLY D 169 -24.21 16.72 -8.81
C MLY D 169 -22.82 13.02 -15.18
O MLY D 169 -21.79 12.35 -15.23
N CYS D 170 -23.23 13.80 -16.19
CA CYS D 170 -22.44 13.90 -17.41
C CYS D 170 -22.24 15.35 -17.80
N MLY D 171 -21.38 15.53 -18.79
CA MLY D 171 -21.11 16.86 -19.30
CB MLY D 171 -20.04 17.56 -18.46
CG MLY D 171 -19.47 18.83 -19.05
CD MLY D 171 -18.53 19.51 -18.04
CE MLY D 171 -19.29 20.36 -17.02
NZ MLY D 171 -18.40 21.15 -16.11
C MLY D 171 -20.68 16.72 -20.75
O MLY D 171 -19.97 15.76 -21.11
N CYS D 172 -21.12 17.65 -21.57
CA CYS D 172 -20.89 17.53 -23.00
C CYS D 172 -19.86 18.51 -23.48
N HIS D 173 -18.91 18.02 -24.29
CA HIS D 173 -17.77 18.81 -24.69
C HIS D 173 -17.70 19.10 -26.19
N GLY D 174 -18.75 18.80 -26.94
CA GLY D 174 -18.69 18.96 -28.37
C GLY D 174 -18.59 20.40 -28.80
N LEU D 175 -18.54 20.59 -30.12
CA LEU D 175 -18.57 21.94 -30.66
C LEU D 175 -19.90 22.58 -30.30
N SER D 176 -19.82 23.75 -29.67
CA SER D 176 -21.00 24.47 -29.21
C SER D 176 -21.86 23.59 -28.29
N GLY D 177 -21.19 22.83 -27.43
CA GLY D 177 -21.85 22.03 -26.42
C GLY D 177 -22.51 20.76 -26.90
N SER D 178 -22.39 20.42 -28.19
CA SER D 178 -22.97 19.17 -28.65
C SER D 178 -22.41 17.99 -27.87
N CYS D 179 -23.16 16.90 -27.84
CA CYS D 179 -22.78 15.74 -27.04
C CYS D 179 -22.22 14.61 -27.89
N GLU D 180 -21.81 14.93 -29.12
CA GLU D 180 -20.94 14.03 -29.88
C GLU D 180 -19.68 13.70 -29.09
N VAL D 181 -19.34 14.49 -28.08
CA VAL D 181 -18.26 14.20 -27.15
C VAL D 181 -18.76 14.36 -25.71
N MLY D 182 -18.79 13.28 -24.95
CA MLY D 182 -19.44 13.27 -23.65
CB MLY D 182 -20.85 12.68 -23.77
CG MLY D 182 -21.73 12.81 -22.53
CD MLY D 182 -22.87 11.80 -22.52
CE MLY D 182 -24.25 12.46 -22.67
NZ MLY D 182 -25.38 11.48 -22.54
C MLY D 182 -18.63 12.49 -22.61
O MLY D 182 -18.10 11.42 -22.92
N THR D 183 -18.54 13.01 -21.40
CA THR D 183 -18.01 12.23 -20.28
C THR D 183 -19.05 12.12 -19.16
N CYS D 184 -18.86 11.14 -18.28
CA CYS D 184 -19.73 10.91 -17.14
C CYS D 184 -18.91 10.45 -15.95
N TRP D 185 -19.46 10.62 -14.76
CA TRP D 185 -18.81 10.19 -13.53
C TRP D 185 -19.87 9.86 -12.50
N TRP D 186 -19.45 9.12 -11.48
CA TRP D 186 -20.35 8.75 -10.38
C TRP D 186 -20.41 9.89 -9.39
N ALA D 187 -21.61 10.41 -9.14
CA ALA D 187 -21.79 11.56 -8.26
C ALA D 187 -22.79 11.26 -7.16
N GLN D 188 -22.65 11.98 -6.04
CA GLN D 188 -23.67 12.00 -5.00
C GLN D 188 -24.79 12.96 -5.38
N PRO D 189 -26.00 12.75 -4.87
CA PRO D 189 -27.06 13.75 -5.06
C PRO D 189 -26.90 14.92 -4.10
N ASP D 190 -27.91 15.78 -4.01
CA ASP D 190 -27.93 16.75 -2.93
C ASP D 190 -28.36 16.05 -1.64
N PHE D 191 -27.83 16.53 -0.52
CA PHE D 191 -28.09 15.83 0.72
C PHE D 191 -29.57 15.78 1.06
N ARG D 192 -30.36 16.75 0.58
CA ARG D 192 -31.80 16.70 0.82
C ARG D 192 -32.41 15.40 0.32
N ALA D 193 -31.97 14.92 -0.84
CA ALA D 193 -32.47 13.64 -1.34
C ALA D 193 -32.23 12.53 -0.32
N ILE D 194 -31.03 12.48 0.24
CA ILE D 194 -30.76 11.52 1.32
C ILE D 194 -31.70 11.79 2.48
N GLY D 195 -31.77 13.05 2.93
CA GLY D 195 -32.63 13.39 4.06
C GLY D 195 -34.09 13.04 3.81
N ASP D 196 -34.57 13.32 2.60
CA ASP D 196 -35.92 12.91 2.24
C ASP D 196 -36.06 11.40 2.35
N PHE D 197 -35.13 10.68 1.72
CA PHE D 197 -35.15 9.21 1.78
C PHE D 197 -35.27 8.70 3.20
N LEU D 198 -34.45 9.24 4.10
CA LEU D 198 -34.42 8.70 5.46
C LEU D 198 -35.58 9.15 6.35
N MLY D 199 -36.21 10.29 6.05
CA MLY D 199 -37.43 10.67 6.76
CB MLY D 199 -37.86 12.10 6.40
CG MLY D 199 -39.29 12.51 6.79
CD MLY D 199 -39.53 12.46 8.30
CE MLY D 199 -40.74 13.34 8.72
NZ MLY D 199 -42.06 12.84 8.27
C MLY D 199 -38.50 9.67 6.38
O MLY D 199 -39.32 9.25 7.20
N ASP D 200 -38.45 9.23 5.12
CA ASP D 200 -39.33 8.20 4.61
C ASP D 200 -39.13 6.86 5.34
N MLY D 201 -37.87 6.51 5.61
CA MLY D 201 -37.59 5.29 6.36
CB MLY D 201 -36.10 4.91 6.27
CG MLY D 201 -35.66 4.28 4.93
CD MLY D 201 -36.36 2.94 4.65
CE MLY D 201 -35.93 2.35 3.31
NZ MLY D 201 -36.63 1.08 2.94
C MLY D 201 -38.01 5.44 7.81
O MLY D 201 -38.43 4.48 8.42
N TYR D 202 -37.89 6.65 8.35
CA TYR D 202 -38.42 6.98 9.68
C TYR D 202 -39.92 6.73 9.70
N ASP D 203 -40.60 7.21 8.68
CA ASP D 203 -42.01 6.88 8.53
C ASP D 203 -42.17 5.38 8.36
N SER D 204 -41.19 4.72 7.78
CA SER D 204 -41.29 3.29 7.50
C SER D 204 -40.36 2.41 8.30
N ALA D 205 -39.88 2.93 9.46
CA ALA D 205 -39.14 2.25 10.54
C ALA D 205 -39.93 1.07 11.11
N SER D 206 -39.24 -0.04 11.43
CA SER D 206 -39.83 -1.20 12.09
C SER D 206 -39.65 -1.24 13.64
N GLU D 207 -40.74 -1.55 14.35
CA GLU D 207 -40.70 -1.64 15.82
C GLU D 207 -40.24 -3.04 16.19
N MET D 208 -39.15 -3.13 16.95
CA MET D 208 -38.55 -4.41 17.34
C MET D 208 -38.80 -4.66 18.82
N VAL D 209 -38.46 -5.87 19.26
CA VAL D 209 -38.53 -6.22 20.67
C VAL D 209 -37.25 -6.97 21.03
N VAL D 210 -36.78 -6.75 22.26
CA VAL D 210 -35.45 -7.21 22.67
C VAL D 210 -35.49 -8.68 23.03
N GLU D 211 -34.47 -9.41 22.59
CA GLU D 211 -34.34 -10.84 22.87
C GLU D 211 -33.02 -11.13 23.57
N MLY D 212 -33.08 -11.73 24.75
CA MLY D 212 -31.85 -12.07 25.50
CB MLY D 212 -32.06 -11.80 27.00
CG MLY D 212 -30.82 -12.00 27.85
CD MLY D 212 -31.12 -12.91 29.03
CE MLY D 212 -31.57 -12.14 30.26
NZ MLY D 212 -30.42 -11.55 31.00
C MLY D 212 -31.44 -13.51 25.27
O MLY D 212 -32.28 -14.41 25.22
N HIS D 213 -30.13 -13.75 25.10
CA HIS D 213 -29.60 -15.09 24.92
C HIS D 213 -28.15 -15.19 25.42
N ARG D 214 -27.72 -16.40 25.77
CA ARG D 214 -26.37 -16.60 26.29
C ARG D 214 -25.40 -16.98 25.18
N GLU D 215 -24.13 -16.63 25.39
CA GLU D 215 -23.09 -16.79 24.38
C GLU D 215 -21.75 -16.93 25.11
N SER D 216 -20.66 -16.63 24.42
CA SER D 216 -19.34 -16.67 25.04
C SER D 216 -19.23 -15.65 26.17
N ARG D 217 -19.71 -14.42 25.94
CA ARG D 217 -19.77 -13.47 27.05
C ARG D 217 -21.15 -13.52 27.71
N GLY D 218 -21.23 -12.88 28.89
CA GLY D 218 -22.29 -13.20 29.85
C GLY D 218 -23.69 -13.22 29.27
N TRP D 219 -24.09 -12.14 28.63
CA TRP D 219 -25.41 -12.03 28.02
C TRP D 219 -25.28 -11.16 26.79
N VAL D 220 -25.92 -11.52 25.68
CA VAL D 220 -25.99 -10.61 24.53
C VAL D 220 -27.41 -10.62 23.95
N GLU D 221 -27.98 -9.44 23.78
CA GLU D 221 -29.38 -9.27 23.40
C GLU D 221 -29.49 -8.99 21.91
N THR D 222 -30.55 -9.49 21.30
CA THR D 222 -30.80 -9.25 19.89
C THR D 222 -32.15 -8.57 19.71
N LEU D 223 -32.44 -8.15 18.49
CA LEU D 223 -33.68 -7.46 18.17
C LEU D 223 -34.40 -8.22 17.06
N ARG D 224 -35.69 -8.47 17.26
CA ARG D 224 -36.52 -9.14 16.28
C ARG D 224 -37.79 -8.32 16.09
N ALA D 225 -38.23 -8.22 14.83
CA ALA D 225 -39.44 -7.47 14.51
C ALA D 225 -40.61 -7.95 15.36
N MLY D 226 -41.17 -7.04 16.15
CA MLY D 226 -42.27 -7.36 17.07
CB MLY D 226 -42.74 -6.12 17.83
CG MLY D 226 -44.02 -6.34 18.64
CD MLY D 226 -44.06 -5.45 19.88
CE MLY D 226 -44.84 -4.16 19.66
NZ MLY D 226 -46.30 -4.30 19.93
C MLY D 226 -43.44 -7.97 16.33
O MLY D 226 -43.97 -9.01 16.72
N TYR D 227 -43.84 -7.31 15.25
CA TYR D 227 -44.91 -7.83 14.43
C TYR D 227 -44.27 -8.79 13.46
N SER D 228 -44.45 -10.08 13.75
CA SER D 228 -43.85 -11.11 12.92
C SER D 228 -44.25 -10.92 11.48
N LEU D 229 -43.26 -10.86 10.61
CA LEU D 229 -43.46 -10.84 9.18
C LEU D 229 -42.65 -11.96 8.57
N PHE D 230 -43.04 -12.32 7.37
CA PHE D 230 -42.23 -13.28 6.66
C PHE D 230 -41.15 -12.50 5.93
N MLY D 231 -41.43 -11.25 5.57
CA MLY D 231 -40.36 -10.36 5.15
CB MLY D 231 -40.55 -9.92 3.69
CG MLY D 231 -40.00 -10.97 2.72
CD MLY D 231 -38.70 -11.60 3.26
CE MLY D 231 -38.54 -13.08 2.88
NZ MLY D 231 -39.64 -13.99 3.33
C MLY D 231 -40.16 -9.15 6.08
O MLY D 231 -40.96 -8.21 6.08
N PRO D 232 -39.08 -9.22 6.88
CA PRO D 232 -38.55 -8.43 7.99
C PRO D 232 -37.72 -7.19 7.61
N PRO D 233 -37.37 -6.37 8.61
CA PRO D 233 -36.53 -5.19 8.33
C PRO D 233 -35.20 -5.59 7.71
N THR D 234 -34.75 -4.80 6.75
CA THR D 234 -33.47 -5.07 6.12
C THR D 234 -32.41 -4.11 6.66
N GLU D 235 -31.20 -4.28 6.14
CA GLU D 235 -30.08 -3.41 6.49
C GLU D 235 -30.36 -1.96 6.11
N ARG D 236 -31.25 -1.73 5.16
CA ARG D 236 -31.52 -0.41 4.62
C ARG D 236 -32.68 0.30 5.31
N ASP D 237 -33.36 -0.33 6.26
CA ASP D 237 -34.43 0.35 6.99
C ASP D 237 -34.07 0.46 8.47
N LEU D 238 -34.81 1.32 9.17
CA LEU D 238 -34.50 1.74 10.53
C LEU D 238 -35.31 0.94 11.54
N VAL D 239 -34.68 0.65 12.67
CA VAL D 239 -35.35 -0.08 13.73
C VAL D 239 -35.23 0.69 15.04
N TYR D 240 -36.21 0.48 15.90
CA TYR D 240 -36.30 1.05 17.23
C TYR D 240 -37.12 0.08 18.06
N TYR D 241 -37.08 0.24 19.38
CA TYR D 241 -37.89 -0.66 20.20
C TYR D 241 -38.41 -0.01 21.48
N GLU D 242 -38.41 1.31 21.58
CA GLU D 242 -39.02 2.00 22.69
C GLU D 242 -39.94 3.08 22.15
N ASN D 243 -41.04 3.30 22.85
CA ASN D 243 -42.02 4.28 22.40
C ASN D 243 -41.56 5.69 22.78
N SER D 244 -42.03 6.68 22.00
CA SER D 244 -41.36 7.95 22.25
C SER D 244 -42.25 8.86 23.10
N PRO D 245 -41.67 9.83 23.79
CA PRO D 245 -42.47 10.66 24.70
C PRO D 245 -43.43 11.55 23.94
N ASN D 246 -44.52 11.93 24.61
CA ASN D 246 -45.47 12.90 24.07
C ASN D 246 -44.84 14.29 24.16
N PHE D 247 -44.73 14.98 23.02
CA PHE D 247 -43.99 16.24 22.96
C PHE D 247 -44.87 17.47 23.08
N CYS D 248 -46.06 17.34 23.68
CA CYS D 248 -47.01 18.46 23.69
C CYS D 248 -46.65 19.47 24.76
N GLU D 249 -46.42 19.02 25.97
CA GLU D 249 -46.12 19.92 27.06
C GLU D 249 -44.66 19.79 27.47
N PRO D 250 -44.08 20.81 28.08
CA PRO D 250 -42.69 20.73 28.51
C PRO D 250 -42.49 19.64 29.56
N ASN D 251 -41.34 19.03 29.51
CA ASN D 251 -41.01 17.97 30.43
C ASN D 251 -39.50 17.98 30.59
N PRO D 252 -39.01 18.48 31.72
CA PRO D 252 -37.56 18.50 31.95
C PRO D 252 -37.03 17.12 32.28
N GLU D 253 -35.81 16.86 31.80
CA GLU D 253 -35.14 15.56 31.88
C GLU D 253 -35.85 14.49 31.07
N THR D 254 -36.71 14.88 30.14
CA THR D 254 -37.23 14.02 29.11
C THR D 254 -37.02 14.66 27.74
N GLY D 255 -36.03 15.55 27.67
CA GLY D 255 -35.66 16.17 26.40
C GLY D 255 -36.82 16.76 25.64
N SER D 256 -37.74 17.43 26.35
CA SER D 256 -38.89 18.05 25.73
C SER D 256 -39.08 19.46 26.27
N PHE D 257 -39.59 20.33 25.40
CA PHE D 257 -40.01 21.67 25.81
C PHE D 257 -41.47 21.96 25.51
N GLY D 258 -42.13 21.14 24.71
CA GLY D 258 -43.50 21.41 24.32
C GLY D 258 -43.59 22.35 23.14
N THR D 259 -44.77 22.38 22.53
CA THR D 259 -44.98 23.06 21.26
C THR D 259 -45.59 24.45 21.41
N ARG D 260 -45.63 24.99 22.61
CA ARG D 260 -46.13 26.35 22.76
C ARG D 260 -45.06 27.34 22.30
N ASP D 261 -45.51 28.48 21.73
CA ASP D 261 -44.69 29.48 21.02
C ASP D 261 -44.12 28.93 19.71
N ARG D 262 -44.69 27.86 19.19
CA ARG D 262 -44.20 27.29 17.95
C ARG D 262 -45.12 27.67 16.80
N THR D 263 -44.53 28.05 15.68
CA THR D 263 -45.29 28.49 14.52
C THR D 263 -46.10 27.33 13.95
N CYS D 264 -47.39 27.56 13.75
CA CYS D 264 -48.28 26.53 13.21
C CYS D 264 -49.02 27.08 12.00
N ASN D 265 -49.80 26.21 11.37
CA ASN D 265 -50.47 26.50 10.10
C ASN D 265 -51.98 26.45 10.32
N VAL D 266 -52.66 27.59 10.08
CA VAL D 266 -54.10 27.66 10.32
C VAL D 266 -54.86 26.71 9.43
N THR D 267 -54.36 26.49 8.22
CA THR D 267 -55.12 25.84 7.16
C THR D 267 -54.85 24.36 7.08
N SER D 268 -53.74 23.89 7.64
CA SER D 268 -53.31 22.51 7.47
C SER D 268 -53.99 21.61 8.50
N HIS D 269 -54.46 20.45 8.05
CA HIS D 269 -55.02 19.45 8.94
C HIS D 269 -53.97 18.47 9.43
N GLY D 270 -52.76 18.53 8.89
CA GLY D 270 -51.68 17.68 9.35
C GLY D 270 -51.17 18.09 10.71
N ILE D 271 -50.11 17.41 11.14
CA ILE D 271 -49.54 17.65 12.46
C ILE D 271 -48.93 19.05 12.56
N ASP D 272 -48.56 19.65 11.43
CA ASP D 272 -47.99 20.99 11.44
C ASP D 272 -49.04 22.08 11.64
N GLY D 273 -50.33 21.72 11.60
CA GLY D 273 -51.36 22.72 11.75
C GLY D 273 -51.63 23.07 13.20
N CYS D 274 -52.25 24.24 13.40
CA CYS D 274 -52.48 24.73 14.75
C CYS D 274 -53.35 23.80 15.57
N ASP D 275 -54.16 22.96 14.92
CA ASP D 275 -54.96 22.04 15.70
C ASP D 275 -54.11 20.96 16.36
N LEU D 276 -53.25 20.31 15.58
CA LEU D 276 -52.54 19.17 16.17
C LEU D 276 -51.16 19.53 16.71
N LEU D 277 -50.50 20.52 16.13
CA LEU D 277 -49.20 20.93 16.67
C LEU D 277 -49.36 21.55 18.06
N CYS D 278 -50.43 22.31 18.29
CA CYS D 278 -50.69 22.93 19.59
C CYS D 278 -51.43 22.02 20.55
N CYS D 279 -51.75 20.80 20.12
CA CYS D 279 -52.35 19.78 20.99
C CYS D 279 -53.67 20.28 21.58
N GLY D 280 -54.52 20.83 20.71
CA GLY D 280 -55.84 21.28 21.10
C GLY D 280 -55.88 22.58 21.87
N ARG D 281 -54.75 23.02 22.44
CA ARG D 281 -54.70 24.37 22.98
C ARG D 281 -54.95 25.36 21.86
N GLY D 282 -55.18 26.61 22.25
CA GLY D 282 -55.39 27.65 21.27
C GLY D 282 -54.14 28.03 20.52
N HIS D 283 -54.15 29.23 19.94
CA HIS D 283 -52.98 29.74 19.24
C HIS D 283 -53.12 31.25 19.07
N ASN D 284 -52.00 31.95 19.19
CA ASN D 284 -51.96 33.40 19.06
C ASN D 284 -51.73 33.79 17.61
N THR D 285 -52.10 35.03 17.28
CA THR D 285 -51.86 35.58 15.96
C THR D 285 -51.18 36.94 16.07
N ARG D 286 -50.11 37.12 15.32
CA ARG D 286 -49.53 38.42 15.02
C ARG D 286 -49.67 38.67 13.53
N THR D 287 -49.44 39.90 13.11
CA THR D 287 -49.62 40.29 11.72
C THR D 287 -48.37 41.03 11.27
N GLU D 288 -47.85 40.66 10.12
CA GLU D 288 -46.63 41.28 9.61
C GLU D 288 -46.77 41.62 8.14
N MLY D 289 -45.78 42.35 7.63
CA MLY D 289 -45.73 42.70 6.22
CB MLY D 289 -46.14 44.17 6.01
CG MLY D 289 -45.48 45.16 6.96
CD MLY D 289 -45.45 46.57 6.38
CE MLY D 289 -44.84 47.60 7.32
NZ MLY D 289 -44.40 48.83 6.62
C MLY D 289 -44.34 42.47 5.65
O MLY D 289 -43.33 42.56 6.36
N ARG D 290 -44.28 42.13 4.36
CA ARG D 290 -43.02 42.18 3.62
C ARG D 290 -43.23 43.09 2.43
N MLY D 291 -42.22 43.90 2.10
CA MLY D 291 -42.29 44.67 0.87
CB MLY D 291 -41.70 46.08 1.07
CG MLY D 291 -40.27 46.28 0.63
CD MLY D 291 -39.76 47.65 1.05
CE MLY D 291 -38.27 47.81 0.73
NZ MLY D 291 -37.60 48.78 1.63
C MLY D 291 -41.58 43.87 -0.21
O MLY D 291 -40.49 43.34 -0.01
N GLU D 292 -42.23 43.74 -1.36
CA GLU D 292 -41.72 42.88 -2.41
C GLU D 292 -41.78 43.60 -3.75
N MLY D 293 -40.79 43.35 -4.61
CA MLY D 293 -40.74 43.94 -5.94
CB MLY D 293 -39.42 43.63 -6.66
CG MLY D 293 -38.15 44.15 -5.96
CD MLY D 293 -38.16 45.65 -5.75
CE MLY D 293 -36.83 46.14 -5.20
NZ MLY D 293 -36.92 47.52 -4.63
C MLY D 293 -41.91 43.44 -6.78
O MLY D 293 -42.17 42.23 -6.84
N CYS D 294 -42.62 44.36 -7.42
CA CYS D 294 -43.75 44.02 -8.26
C CYS D 294 -43.80 44.95 -9.48
N HIS D 295 -44.57 44.55 -10.50
CA HIS D 295 -44.79 45.35 -11.70
C HIS D 295 -43.47 45.81 -12.32
N CYS D 296 -42.55 44.85 -12.45
CA CYS D 296 -41.20 45.10 -12.93
C CYS D 296 -41.15 45.29 -14.44
N ILE D 297 -40.29 46.22 -14.87
CA ILE D 297 -40.11 46.58 -16.27
C ILE D 297 -38.62 46.48 -16.59
N PHE D 298 -38.31 46.00 -17.79
CA PHE D 298 -36.93 45.98 -18.27
C PHE D 298 -36.69 47.13 -19.25
N HIS D 299 -35.67 47.93 -18.96
CA HIS D 299 -35.30 49.05 -19.82
C HIS D 299 -34.03 48.72 -20.59
N TRP D 300 -34.02 49.09 -21.86
CA TRP D 300 -32.88 48.91 -22.72
C TRP D 300 -32.03 50.17 -22.75
N CYS D 301 -30.71 50.00 -22.62
CA CYS D 301 -30.17 48.68 -22.37
C CYS D 301 -29.64 48.53 -20.96
N CYS D 302 -30.41 47.74 -20.20
CA CYS D 302 -29.91 46.67 -19.34
C CYS D 302 -29.91 47.03 -17.86
N TYR D 303 -31.08 47.42 -17.38
CA TYR D 303 -31.40 47.43 -15.97
C TYR D 303 -32.90 47.15 -15.84
N VAL D 304 -33.36 47.05 -14.60
CA VAL D 304 -34.76 46.75 -14.31
C VAL D 304 -35.20 47.69 -13.20
N SER D 305 -36.36 48.32 -13.38
CA SER D 305 -36.98 49.12 -12.35
C SER D 305 -38.30 48.48 -11.97
N CYS D 306 -38.61 48.46 -10.67
CA CYS D 306 -39.82 47.84 -10.16
C CYS D 306 -40.51 48.77 -9.18
N GLN D 307 -41.84 48.77 -9.21
CA GLN D 307 -42.63 49.35 -8.14
C GLN D 307 -42.54 48.46 -6.89
N GLU D 308 -43.08 48.96 -5.79
CA GLU D 308 -43.08 48.22 -4.53
C GLU D 308 -44.52 47.84 -4.20
N CYS D 309 -44.74 46.55 -3.96
CA CYS D 309 -45.98 46.05 -3.39
C CYS D 309 -45.71 45.53 -1.98
N ILE D 310 -46.71 45.65 -1.12
CA ILE D 310 -46.53 45.43 0.30
C ILE D 310 -47.62 44.49 0.78
N ARG D 311 -47.26 43.24 1.05
CA ARG D 311 -48.22 42.18 1.33
C ARG D 311 -48.25 41.88 2.82
N ILE D 312 -49.46 41.66 3.34
CA ILE D 312 -49.70 41.45 4.77
C ILE D 312 -50.12 40.01 4.99
N TYR D 313 -49.57 39.39 6.03
CA TYR D 313 -49.81 37.98 6.30
C TYR D 313 -49.82 37.75 7.80
N ASP D 314 -50.60 36.76 8.22
CA ASP D 314 -50.68 36.40 9.63
C ASP D 314 -49.63 35.35 9.98
N VAL D 315 -49.16 35.40 11.22
CA VAL D 315 -48.26 34.38 11.77
C VAL D 315 -48.86 33.85 13.06
N HIS D 316 -49.04 32.53 13.13
CA HIS D 316 -49.75 31.88 14.22
C HIS D 316 -48.79 31.02 15.05
N THR D 317 -48.85 31.17 16.36
CA THR D 317 -48.05 30.40 17.31
C THR D 317 -48.96 29.77 18.35
N CYS D 318 -48.53 28.63 18.89
CA CYS D 318 -49.34 27.82 19.81
C CYS D 318 -49.31 28.38 21.22
N MLY D 319 -50.45 28.34 21.91
CA MLY D 319 -50.54 28.76 23.31
CB MLY D 319 -52.00 29.01 23.71
CG MLY D 319 -52.62 30.24 23.05
CD MLY D 319 -54.05 30.44 23.49
CE MLY D 319 -54.72 31.59 22.74
NZ MLY D 319 -56.14 31.81 23.16
C MLY D 319 -49.92 27.71 24.25
O MLY D 319 -49.68 26.56 23.87
OXT MLY D 319 -49.64 28.01 25.42
N ALA E 7 47.23 -2.12 8.29
CA ALA E 7 48.10 -2.85 9.21
C ALA E 7 49.53 -2.92 8.64
N CYS E 8 50.52 -3.15 9.51
CA CYS E 8 51.91 -3.15 9.09
C CYS E 8 52.25 -4.41 8.30
N GLN E 9 53.28 -4.28 7.45
CA GLN E 9 53.76 -5.39 6.62
C GLN E 9 55.27 -5.29 6.52
N GLU E 10 55.94 -6.44 6.65
CA GLU E 10 57.40 -6.47 6.53
C GLU E 10 57.83 -5.86 5.21
N ILE E 11 58.91 -5.07 5.27
CA ILE E 11 59.36 -4.32 4.08
C ILE E 11 60.03 -5.27 3.10
N THR E 12 59.57 -5.23 1.84
CA THR E 12 60.13 -6.04 0.78
C THR E 12 60.90 -5.25 -0.26
N VAL E 13 60.81 -3.91 -0.26
CA VAL E 13 61.58 -3.09 -1.18
C VAL E 13 63.07 -3.37 -0.95
N PRO E 14 63.79 -3.87 -1.95
CA PRO E 14 65.16 -4.35 -1.69
C PRO E 14 66.11 -3.30 -1.16
N LEU E 15 66.07 -2.07 -1.67
CA LEU E 15 67.02 -1.07 -1.17
C LEU E 15 66.68 -0.62 0.25
N CYS E 16 65.44 -0.75 0.66
CA CYS E 16 65.12 -0.24 1.98
C CYS E 16 64.93 -1.36 2.97
N MLY E 17 65.46 -2.52 2.62
CA MLY E 17 65.62 -3.58 3.59
CB MLY E 17 65.92 -4.91 2.90
CG MLY E 17 64.68 -5.70 2.53
CD MLY E 17 65.02 -7.07 2.00
CE MLY E 17 64.47 -8.18 2.90
NZ MLY E 17 64.85 -9.55 2.44
C MLY E 17 66.74 -3.18 4.55
O MLY E 17 67.76 -2.61 4.13
N GLY E 18 66.53 -3.45 5.84
CA GLY E 18 67.55 -3.20 6.85
C GLY E 18 67.88 -1.75 7.06
N ILE E 19 66.84 -0.90 7.15
CA ILE E 19 67.03 0.52 7.32
C ILE E 19 66.95 0.98 8.78
N GLY E 20 66.39 0.15 9.67
CA GLY E 20 66.10 0.57 11.03
C GLY E 20 64.74 0.12 11.55
N TYR E 21 63.78 -0.08 10.66
CA TYR E 21 62.43 -0.53 11.01
C TYR E 21 61.97 -1.55 9.98
N ASN E 22 61.39 -2.66 10.46
CA ASN E 22 61.16 -3.80 9.59
C ASN E 22 59.77 -3.87 8.99
N TYR E 23 58.84 -3.03 9.45
CA TYR E 23 57.47 -3.09 9.01
C TYR E 23 57.03 -1.73 8.48
N THR E 24 56.10 -1.74 7.52
CA THR E 24 55.58 -0.52 6.93
C THR E 24 54.12 -0.73 6.52
N TYR E 25 53.47 0.36 6.15
CA TYR E 25 52.09 0.40 5.71
C TYR E 25 52.04 0.97 4.30
N MET E 26 50.96 0.67 3.57
CA MET E 26 50.71 1.28 2.26
C MET E 26 49.22 1.25 1.96
N PRO E 27 48.67 2.26 1.24
CA PRO E 27 49.34 3.31 0.44
C PRO E 27 50.28 4.27 1.19
N ASN E 28 51.12 4.94 0.41
CA ASN E 28 52.10 5.88 0.92
C ASN E 28 51.74 7.29 0.43
N GLN E 29 52.71 8.20 0.55
CA GLN E 29 52.44 9.61 0.29
C GLN E 29 52.11 9.86 -1.18
N PHE E 30 52.80 9.18 -2.09
CA PHE E 30 52.57 9.33 -3.52
C PHE E 30 51.44 8.44 -4.03
N ASN E 31 50.64 7.88 -3.12
CA ASN E 31 49.53 7.01 -3.48
C ASN E 31 50.01 5.81 -4.30
N HIS E 32 51.21 5.32 -4.00
CA HIS E 32 51.61 4.01 -4.49
C HIS E 32 50.77 2.95 -3.78
N ASP E 33 50.38 1.92 -4.52
CA ASP E 33 49.47 0.92 -3.97
C ASP E 33 50.22 -0.13 -3.16
N THR E 34 51.28 -0.70 -3.73
CA THR E 34 52.01 -1.80 -3.11
C THR E 34 53.48 -1.46 -3.00
N GLN E 35 54.14 -2.09 -2.02
CA GLN E 35 55.59 -1.91 -1.84
C GLN E 35 56.33 -2.07 -3.16
N ASP E 36 55.88 -2.99 -4.01
CA ASP E 36 56.46 -3.10 -5.33
C ASP E 36 56.43 -1.76 -6.05
N GLU E 37 55.22 -1.24 -6.34
CA GLU E 37 55.09 0.02 -7.07
C GLU E 37 55.96 1.13 -6.48
N ALA E 38 56.11 1.15 -5.16
CA ALA E 38 57.01 2.12 -4.55
C ALA E 38 58.46 1.82 -4.91
N GLY E 39 58.85 0.54 -4.93
CA GLY E 39 60.20 0.19 -5.26
C GLY E 39 60.60 0.62 -6.66
N LEU E 40 59.72 0.39 -7.64
CA LEU E 40 60.08 0.70 -9.02
C LEU E 40 60.35 2.17 -9.22
N GLU E 41 59.87 3.02 -8.32
CA GLU E 41 60.31 4.41 -8.35
C GLU E 41 61.60 4.58 -7.57
N VAL E 42 61.57 4.27 -6.26
CA VAL E 42 62.73 4.56 -5.42
C VAL E 42 63.99 3.84 -5.90
N HIS E 43 63.85 2.75 -6.66
CA HIS E 43 65.03 2.02 -7.10
C HIS E 43 65.79 2.74 -8.22
N GLN E 44 65.13 3.61 -8.98
CA GLN E 44 65.96 4.32 -9.95
C GLN E 44 66.81 5.38 -9.29
N PHE E 45 66.69 5.59 -7.99
CA PHE E 45 67.64 6.41 -7.27
C PHE E 45 68.84 5.61 -6.77
N TRP E 46 68.83 4.29 -6.97
CA TRP E 46 69.92 3.44 -6.49
C TRP E 46 71.29 3.85 -7.05
N PRO E 47 71.48 4.04 -8.37
CA PRO E 47 72.81 4.45 -8.86
C PRO E 47 73.37 5.64 -8.10
N LEU E 48 72.48 6.53 -7.67
CA LEU E 48 72.92 7.72 -6.96
C LEU E 48 73.32 7.39 -5.53
N VAL E 49 72.65 6.42 -4.90
CA VAL E 49 72.86 6.24 -3.46
C VAL E 49 74.26 5.69 -3.17
N GLU E 50 74.84 4.86 -4.04
CA GLU E 50 76.11 4.30 -3.63
C GLU E 50 77.33 5.09 -4.08
N ILE E 51 77.18 6.11 -4.94
CA ILE E 51 78.27 7.08 -4.99
C ILE E 51 78.25 7.89 -3.70
N GLN E 52 77.16 7.74 -2.94
CA GLN E 52 76.98 8.19 -1.56
C GLN E 52 77.35 9.65 -1.35
N CYS E 53 76.72 10.56 -2.11
CA CYS E 53 76.90 11.97 -1.82
C CYS E 53 76.34 12.33 -0.45
N SER E 54 75.31 11.62 0.02
CA SER E 54 75.06 11.67 1.46
C SER E 54 74.53 10.37 2.05
N PRO E 55 75.00 9.98 3.26
CA PRO E 55 74.52 8.72 3.86
C PRO E 55 73.03 8.71 4.15
N ASP E 56 72.52 9.79 4.74
CA ASP E 56 71.10 9.91 5.08
C ASP E 56 70.20 9.80 3.85
N LEU E 57 70.77 9.95 2.66
CA LEU E 57 70.02 9.85 1.42
C LEU E 57 69.25 8.52 1.35
N MLY E 58 69.96 7.40 1.43
CA MLY E 58 69.33 6.07 1.42
CB MLY E 58 70.34 4.95 1.64
CG MLY E 58 69.72 3.61 2.04
CD MLY E 58 70.74 2.47 2.01
CE MLY E 58 70.51 1.48 3.15
NZ MLY E 58 71.02 0.11 2.83
C MLY E 58 68.25 5.97 2.48
O MLY E 58 67.14 5.47 2.22
N PHE E 59 68.56 6.46 3.68
CA PHE E 59 67.55 6.47 4.72
C PHE E 59 66.42 7.40 4.29
N PHE E 60 66.75 8.54 3.67
CA PHE E 60 65.70 9.53 3.42
C PHE E 60 64.67 9.02 2.42
N LEU E 61 65.04 8.12 1.52
CA LEU E 61 64.08 7.84 0.45
C LEU E 61 63.06 6.81 0.88
N CYS E 62 63.44 5.97 1.83
CA CYS E 62 62.48 5.04 2.40
C CYS E 62 61.77 5.65 3.59
N SER E 63 62.28 6.78 4.09
CA SER E 63 61.45 7.62 4.93
C SER E 63 60.14 7.92 4.22
N MET E 64 60.21 8.13 2.92
CA MET E 64 59.08 8.62 2.15
C MET E 64 58.33 7.50 1.45
N TYR E 65 59.06 6.64 0.74
CA TYR E 65 58.42 5.67 -0.13
C TYR E 65 57.85 4.49 0.65
N THR E 66 58.57 4.00 1.67
CA THR E 66 58.10 2.90 2.51
C THR E 66 58.00 3.41 3.95
N PRO E 67 56.87 4.05 4.29
CA PRO E 67 56.78 4.80 5.54
C PRO E 67 56.82 3.90 6.77
N ILE E 68 57.09 4.53 7.91
CA ILE E 68 57.28 3.78 9.15
C ILE E 68 55.91 3.36 9.68
N CYS E 69 55.82 2.12 10.12
CA CYS E 69 54.56 1.59 10.64
C CYS E 69 54.84 0.88 11.96
N LEU E 70 54.15 1.29 13.00
CA LEU E 70 54.40 0.81 14.35
C LEU E 70 53.12 0.18 14.90
N GLU E 71 53.27 -0.90 15.65
CA GLU E 71 52.12 -1.57 16.26
C GLU E 71 51.67 -0.87 17.54
N ASP E 72 52.57 -0.13 18.16
CA ASP E 72 52.26 0.63 19.37
C ASP E 72 51.13 1.62 19.15
N TYR E 73 51.22 2.43 18.09
CA TYR E 73 50.27 3.48 17.78
C TYR E 73 50.26 3.70 16.27
N MLY E 74 49.14 4.17 15.76
CA MLY E 74 49.02 4.44 14.33
CB MLY E 74 47.69 3.88 13.79
CG MLY E 74 47.31 2.53 14.41
CD MLY E 74 48.32 1.44 14.05
CE MLY E 74 47.95 0.11 14.70
NZ MLY E 74 48.72 -1.03 14.14
C MLY E 74 49.10 5.94 14.11
O MLY E 74 48.16 6.68 14.41
N MLY E 75 50.26 6.40 13.63
CA MLY E 75 50.46 7.80 13.27
CB MLY E 75 50.89 8.62 14.50
CG MLY E 75 50.81 10.14 14.29
CD MLY E 75 52.20 10.74 14.23
CE MLY E 75 52.23 12.14 13.63
NZ MLY E 75 51.59 12.19 12.29
C MLY E 75 51.50 7.88 12.16
O MLY E 75 52.47 7.12 12.16
N PRO E 76 51.30 8.81 11.21
CA PRO E 76 52.28 8.98 10.13
C PRO E 76 53.52 9.79 10.56
N LEU E 77 54.62 9.11 10.89
CA LEU E 77 55.85 9.79 11.28
C LEU E 77 56.69 10.07 10.04
N PRO E 78 56.77 11.31 9.57
CA PRO E 78 57.62 11.60 8.43
C PRO E 78 59.07 11.74 8.84
N PRO E 79 59.99 11.78 7.89
CA PRO E 79 61.32 12.31 8.19
C PRO E 79 61.20 13.78 8.53
N CYS E 80 62.25 14.32 9.13
CA CYS E 80 62.21 15.73 9.51
C CYS E 80 62.93 16.58 8.47
N ARG E 81 62.61 17.87 8.47
CA ARG E 81 63.13 18.74 7.42
C ARG E 81 64.65 18.82 7.48
N SER E 82 65.23 18.79 8.66
CA SER E 82 66.64 18.45 8.82
C SER E 82 67.14 17.47 7.74
N VAL E 83 66.47 16.31 7.65
CA VAL E 83 66.95 15.21 6.83
C VAL E 83 66.89 15.56 5.34
N CYS E 84 65.73 16.06 4.85
CA CYS E 84 65.64 16.59 3.47
C CYS E 84 66.87 17.45 3.16
N GLU E 85 67.23 18.34 4.08
CA GLU E 85 68.15 19.43 3.76
C GLU E 85 69.56 18.91 3.55
N ARG E 86 70.07 18.12 4.49
CA ARG E 86 71.40 17.53 4.32
C ARG E 86 71.45 16.69 3.06
N ALA E 87 70.47 15.82 2.89
CA ALA E 87 70.43 14.92 1.75
C ALA E 87 70.37 15.69 0.44
N MLY E 88 69.51 16.70 0.39
CA MLY E 88 69.39 17.55 -0.79
CB MLY E 88 68.30 18.61 -0.58
C MLY E 88 70.72 18.22 -1.10
O MLY E 88 71.22 18.14 -2.22
N ALA E 89 71.30 18.83 -0.07
CA ALA E 89 72.60 19.49 -0.17
C ALA E 89 73.66 18.55 -0.74
N GLY E 90 73.77 17.38 -0.12
CA GLY E 90 74.78 16.43 -0.57
C GLY E 90 74.66 16.06 -2.03
N CYS E 91 73.43 15.94 -2.53
CA CYS E 91 73.21 15.21 -3.78
C CYS E 91 72.57 16.00 -4.91
N ALA E 92 71.83 17.06 -4.61
CA ALA E 92 71.28 17.88 -5.70
C ALA E 92 72.34 18.28 -6.72
N PRO E 93 73.55 18.76 -6.31
CA PRO E 93 74.55 19.19 -7.29
C PRO E 93 74.73 18.29 -8.51
N LEU E 94 75.02 17.00 -8.30
CA LEU E 94 75.48 16.16 -9.41
C LEU E 94 74.38 15.88 -10.43
N MET E 95 73.13 15.73 -9.99
CA MET E 95 72.08 15.57 -10.99
C MET E 95 71.79 16.89 -11.68
N ARG E 96 71.82 17.98 -10.91
CA ARG E 96 71.80 19.30 -11.52
C ARG E 96 72.94 19.42 -12.53
N GLN E 97 74.14 19.04 -12.11
CA GLN E 97 75.27 18.87 -13.02
C GLN E 97 74.86 18.20 -14.34
N TYR E 98 74.15 17.07 -14.25
CA TYR E 98 73.75 16.31 -15.43
C TYR E 98 72.40 16.73 -15.96
N GLY E 99 71.73 17.64 -15.27
CA GLY E 99 70.61 18.35 -15.79
C GLY E 99 69.25 17.96 -15.29
N PHE E 100 69.13 17.30 -14.14
CA PHE E 100 67.81 16.96 -13.60
C PHE E 100 67.67 17.44 -12.16
N ALA E 101 66.53 18.07 -11.90
CA ALA E 101 66.27 18.75 -10.65
C ALA E 101 65.96 17.78 -9.54
N TRP E 102 66.22 18.22 -8.33
CA TRP E 102 65.63 17.65 -7.13
C TRP E 102 64.12 17.60 -7.32
N PRO E 103 63.53 16.40 -7.38
CA PRO E 103 62.09 16.31 -7.67
C PRO E 103 61.25 17.05 -6.66
N ASP E 104 60.18 17.68 -7.15
CA ASP E 104 59.19 18.25 -6.24
C ASP E 104 58.56 17.17 -5.37
N ARG E 105 58.48 15.94 -5.87
CA ARG E 105 58.06 14.80 -5.06
C ARG E 105 58.91 14.64 -3.81
N MET E 106 60.10 15.26 -3.79
CA MET E 106 61.00 15.23 -2.66
C MET E 106 61.26 16.62 -2.10
N ARG E 107 60.44 17.61 -2.48
CA ARG E 107 60.62 18.97 -2.01
C ARG E 107 60.44 19.06 -0.50
N CYS E 108 60.87 20.18 0.06
CA CYS E 108 61.10 20.16 1.49
C CYS E 108 60.11 21.02 2.27
N ASP E 109 59.37 21.93 1.61
CA ASP E 109 58.32 22.69 2.31
C ASP E 109 57.18 21.80 2.80
N ARG E 110 56.97 20.65 2.17
CA ARG E 110 55.85 19.78 2.52
C ARG E 110 56.03 19.13 3.88
N LEU E 111 57.27 18.86 4.29
CA LEU E 111 57.41 18.09 5.52
C LEU E 111 57.87 18.97 6.68
N PRO E 112 57.46 18.66 7.90
CA PRO E 112 57.68 19.57 9.03
C PRO E 112 59.13 19.52 9.50
N GLU E 113 59.46 20.43 10.40
CA GLU E 113 60.77 20.42 11.04
C GLU E 113 60.63 20.22 12.55
N GLN E 114 61.72 19.75 13.15
CA GLN E 114 61.74 19.32 14.54
C GLN E 114 61.47 20.50 15.47
N GLY E 115 61.51 20.21 16.77
CA GLY E 115 61.24 21.24 17.76
C GLY E 115 59.77 21.56 17.88
N ASN E 116 58.91 20.70 17.35
CA ASN E 116 57.47 20.90 17.41
C ASN E 116 56.80 19.66 17.96
N PRO E 117 56.24 19.70 19.18
CA PRO E 117 55.50 18.54 19.68
C PRO E 117 54.27 18.22 18.86
N ASP E 118 53.87 19.10 17.94
CA ASP E 118 52.72 18.85 17.07
C ASP E 118 53.06 17.80 16.02
N SER F 5 23.32 -17.52 4.16
CA SER F 5 24.27 -16.43 3.97
C SER F 5 23.98 -15.53 2.76
N PRO F 6 23.75 -16.10 1.56
CA PRO F 6 23.43 -15.24 0.41
C PRO F 6 22.04 -14.64 0.58
N LEU F 7 21.99 -13.31 0.65
CA LEU F 7 20.76 -12.64 1.04
C LEU F 7 19.67 -12.88 0.02
N LEU F 8 18.47 -13.15 0.51
CA LEU F 8 17.30 -13.25 -0.33
C LEU F 8 16.55 -11.94 -0.25
N CYS F 9 16.10 -11.47 -1.42
CA CYS F 9 15.37 -10.21 -1.48
C CYS F 9 14.13 -10.22 -0.60
N GLY F 10 13.55 -11.40 -0.38
CA GLY F 10 12.38 -11.55 0.47
C GLY F 10 12.61 -11.23 1.92
N SER F 11 13.87 -11.10 2.35
CA SER F 11 14.18 -10.83 3.75
C SER F 11 15.02 -9.59 3.94
N ILE F 12 15.24 -8.81 2.90
CA ILE F 12 16.04 -7.60 3.03
C ILE F 12 15.20 -6.51 3.69
N PRO F 13 15.68 -5.93 4.79
CA PRO F 13 14.85 -4.99 5.55
C PRO F 13 14.51 -3.74 4.75
N GLY F 14 13.27 -3.28 4.92
CA GLY F 14 12.84 -2.05 4.29
C GLY F 14 12.59 -2.14 2.80
N LEU F 15 12.44 -3.35 2.28
CA LEU F 15 12.19 -3.57 0.86
C LEU F 15 10.73 -3.93 0.68
N VAL F 16 10.13 -3.39 -0.38
CA VAL F 16 8.70 -3.58 -0.63
C VAL F 16 8.56 -4.14 -2.03
N PRO F 17 7.44 -4.83 -2.33
CA PRO F 17 7.26 -5.50 -3.62
C PRO F 17 7.61 -4.68 -4.87
N MLY F 18 7.40 -3.36 -4.83
CA MLY F 18 7.73 -2.49 -5.98
CB MLY F 18 7.26 -1.05 -5.72
CG MLY F 18 6.21 -0.51 -6.71
CD MLY F 18 4.98 -1.44 -6.82
CE MLY F 18 3.78 -0.78 -7.51
NZ MLY F 18 2.53 -1.64 -7.42
CH1 MLY F 18 1.44 -0.97 -8.13
CH2 MLY F 18 2.79 -2.88 -8.14
C MLY F 18 9.24 -2.52 -6.29
O MLY F 18 9.64 -2.46 -7.45
N GLN F 19 10.07 -2.66 -5.26
CA GLN F 19 11.52 -2.76 -5.43
C GLN F 19 12.07 -4.18 -5.74
N LEU F 20 11.20 -5.17 -5.85
CA LEU F 20 11.65 -6.55 -6.00
C LEU F 20 12.44 -6.76 -7.29
N ARG F 21 11.94 -6.27 -8.43
CA ARG F 21 12.63 -6.43 -9.70
C ARG F 21 14.02 -5.81 -9.65
N PHE F 22 14.16 -4.68 -8.96
CA PHE F 22 15.47 -4.07 -8.86
C PHE F 22 16.36 -4.90 -7.95
N CYS F 23 15.80 -5.44 -6.88
CA CYS F 23 16.59 -6.24 -5.96
C CYS F 23 17.14 -7.48 -6.65
N ARG F 24 16.41 -8.01 -7.64
CA ARG F 24 16.87 -9.20 -8.33
C ARG F 24 18.06 -8.90 -9.23
N ASN F 25 17.96 -7.85 -10.03
CA ASN F 25 19.03 -7.55 -10.96
C ASN F 25 20.29 -7.11 -10.22
N TYR F 26 20.14 -6.46 -9.07
CA TYR F 26 21.26 -5.88 -8.32
C TYR F 26 21.56 -6.62 -7.01
N ILE F 27 21.07 -7.86 -6.84
CA ILE F 27 21.28 -8.61 -5.61
C ILE F 27 22.77 -8.72 -5.25
N GLU F 28 23.65 -8.77 -6.25
CA GLU F 28 25.06 -8.93 -5.93
C GLU F 28 25.66 -7.71 -5.26
N ILE F 29 25.07 -6.53 -5.45
CA ILE F 29 25.58 -5.32 -4.82
C ILE F 29 24.60 -4.77 -3.80
N MET F 30 23.59 -5.56 -3.41
CA MET F 30 22.68 -5.12 -2.36
C MET F 30 23.37 -4.79 -1.04
N PRO F 31 24.44 -5.47 -0.61
CA PRO F 31 25.13 -5.00 0.60
C PRO F 31 25.69 -3.59 0.47
N SER F 32 25.98 -3.13 -0.76
CA SER F 32 26.42 -1.74 -0.93
C SER F 32 25.29 -0.77 -0.61
N VAL F 33 24.08 -1.10 -1.06
CA VAL F 33 22.94 -0.23 -0.89
C VAL F 33 22.60 -0.08 0.60
N ALA F 34 22.55 -1.21 1.31
CA ALA F 34 22.34 -1.17 2.74
C ALA F 34 23.41 -0.33 3.44
N GLU F 35 24.65 -0.42 2.96
CA GLU F 35 25.73 0.30 3.61
C GLU F 35 25.66 1.79 3.27
N GLY F 36 25.23 2.12 2.04
CA GLY F 36 25.19 3.52 1.64
C GLY F 36 24.26 4.35 2.49
N VAL F 37 23.11 3.79 2.86
CA VAL F 37 22.18 4.47 3.75
C VAL F 37 22.83 4.67 5.10
N MLY F 38 23.50 3.64 5.60
CA MLY F 38 24.21 3.72 6.86
CB MLY F 38 24.79 2.35 7.27
CG MLY F 38 23.71 1.28 7.55
CD MLY F 38 24.25 0.09 8.31
CE MLY F 38 23.19 -1.03 8.41
NZ MLY F 38 23.75 -2.36 8.85
C MLY F 38 25.31 4.78 6.77
O MLY F 38 25.52 5.56 7.71
N LEU F 39 25.96 4.86 5.61
CA LEU F 39 27.01 5.85 5.38
C LEU F 39 26.43 7.25 5.43
N GLY F 40 25.31 7.44 4.75
CA GLY F 40 24.70 8.76 4.69
C GLY F 40 24.15 9.23 6.02
N ILE F 41 23.51 8.34 6.77
CA ILE F 41 22.99 8.71 8.08
C ILE F 41 24.13 9.04 9.04
N GLN F 42 25.19 8.22 9.03
CA GLN F 42 26.36 8.54 9.82
C GLN F 42 26.89 9.94 9.48
N GLU F 43 26.93 10.28 8.20
CA GLU F 43 27.39 11.60 7.80
C GLU F 43 26.38 12.67 8.17
N CYS F 44 25.09 12.33 8.15
CA CYS F 44 24.08 13.22 8.70
C CYS F 44 24.38 13.53 10.16
N GLN F 45 24.47 12.49 10.99
CA GLN F 45 24.73 12.68 12.41
C GLN F 45 26.01 13.46 12.67
N HIS F 46 26.94 13.47 11.72
CA HIS F 46 28.15 14.28 11.89
C HIS F 46 27.89 15.74 11.53
N GLN F 47 27.24 15.97 10.38
CA GLN F 47 27.01 17.35 9.95
C GLN F 47 26.14 18.11 10.94
N PHE F 48 25.27 17.40 11.68
CA PHE F 48 24.37 18.00 12.64
C PHE F 48 24.77 17.68 14.09
N ARG F 49 26.06 17.41 14.32
CA ARG F 49 26.50 17.00 15.65
C ARG F 49 26.31 18.09 16.70
N GLY F 50 26.26 19.36 16.30
CA GLY F 50 26.08 20.43 17.25
C GLY F 50 24.67 20.97 17.34
N ARG F 51 23.84 20.69 16.33
CA ARG F 51 22.50 21.27 16.25
C ARG F 51 21.59 20.70 17.34
N ARG F 52 20.36 21.21 17.38
CA ARG F 52 19.39 20.77 18.38
C ARG F 52 18.70 19.48 17.97
N TRP F 53 18.47 19.31 16.68
CA TRP F 53 18.11 18.03 16.09
C TRP F 53 19.39 17.48 15.49
N ASN F 54 19.89 16.38 16.05
CA ASN F 54 21.20 15.87 15.66
C ASN F 54 21.14 14.59 14.83
N CYS F 55 19.99 14.30 14.21
CA CYS F 55 19.82 13.22 13.24
C CYS F 55 19.94 11.84 13.87
N THR F 56 19.85 11.76 15.20
CA THR F 56 19.85 10.47 15.89
C THR F 56 18.64 9.65 15.49
N THR F 57 17.46 10.26 15.58
CA THR F 57 16.17 9.61 15.50
C THR F 57 15.93 8.90 14.17
N ILE F 58 16.80 9.06 13.20
CA ILE F 58 16.53 8.66 11.82
C ILE F 58 16.95 7.22 11.60
N ASP F 59 16.05 6.41 11.06
CA ASP F 59 16.35 5.03 10.70
C ASP F 59 17.24 4.98 9.47
N ASP F 60 18.10 3.96 9.41
CA ASP F 60 19.10 3.86 8.37
C ASP F 60 19.00 2.57 7.55
N SER F 61 17.88 1.87 7.61
CA SER F 61 17.62 0.82 6.63
C SER F 61 17.09 1.47 5.36
N LEU F 62 16.81 0.65 4.34
CA LEU F 62 16.29 1.22 3.10
C LEU F 62 14.85 1.71 3.24
N ALA F 63 14.22 1.48 4.40
CA ALA F 63 12.94 2.09 4.71
C ALA F 63 13.00 3.61 4.80
N ILE F 64 14.19 4.21 4.86
CA ILE F 64 14.31 5.66 4.87
C ILE F 64 13.72 6.27 3.61
N PHE F 65 13.58 5.49 2.55
CA PHE F 65 12.94 5.94 1.32
C PHE F 65 11.46 5.59 1.28
N GLY F 66 10.86 5.19 2.39
CA GLY F 66 9.43 5.05 2.47
C GLY F 66 8.80 6.34 2.97
N PRO F 67 7.59 6.24 3.52
CA PRO F 67 7.05 7.37 4.27
C PRO F 67 7.32 7.29 5.76
N VAL F 68 7.64 8.44 6.34
CA VAL F 68 7.83 8.57 7.78
C VAL F 68 6.66 9.38 8.30
N LEU F 69 6.58 9.56 9.62
CA LEU F 69 5.63 10.50 10.18
C LEU F 69 6.22 11.90 10.32
N ASP F 70 7.46 12.09 9.90
CA ASP F 70 8.07 13.42 9.83
C ASP F 70 7.42 14.24 8.74
N MLY F 71 7.41 15.55 8.94
CA MLY F 71 6.82 16.48 7.98
CB MLY F 71 6.36 17.74 8.69
CG MLY F 71 5.28 17.48 9.73
CD MLY F 71 5.36 18.45 10.90
CE MLY F 71 5.38 19.89 10.46
NZ MLY F 71 5.43 20.85 11.60
C MLY F 71 7.84 16.81 6.89
O MLY F 71 9.00 16.43 6.99
N ALA F 72 7.39 17.54 5.87
CA ALA F 72 8.26 17.95 4.76
C ALA F 72 9.25 19.04 5.16
N THR F 73 10.16 18.65 6.04
CA THR F 73 11.06 19.54 6.75
C THR F 73 12.31 19.80 5.91
N ARG F 74 12.93 20.97 6.13
CA ARG F 74 14.26 21.21 5.58
C ARG F 74 15.23 20.08 5.90
N GLU F 75 15.13 19.52 7.10
CA GLU F 75 16.01 18.42 7.48
C GLU F 75 15.73 17.16 6.65
N SER F 76 14.44 16.82 6.48
CA SER F 76 14.09 15.65 5.68
C SER F 76 14.51 15.85 4.24
N ALA F 77 14.58 17.10 3.79
CA ALA F 77 15.20 17.38 2.50
C ALA F 77 16.66 16.93 2.51
N PHE F 78 17.39 17.25 3.58
CA PHE F 78 18.79 16.85 3.67
C PHE F 78 18.94 15.34 3.85
N VAL F 79 18.05 14.72 4.62
CA VAL F 79 18.16 13.28 4.86
C VAL F 79 18.06 12.52 3.54
N HIS F 80 17.02 12.79 2.76
CA HIS F 80 16.87 12.11 1.47
C HIS F 80 18.05 12.36 0.55
N ALA F 81 18.58 13.58 0.55
CA ALA F 81 19.71 13.88 -0.33
C ALA F 81 20.97 13.16 0.12
N ILE F 82 21.24 13.14 1.43
CA ILE F 82 22.46 12.51 1.92
C ILE F 82 22.36 10.99 1.86
N ALA F 83 21.16 10.44 2.05
CA ALA F 83 20.98 9.01 1.88
C ALA F 83 21.08 8.62 0.40
N SER F 84 20.38 9.36 -0.47
CA SER F 84 20.44 9.05 -1.89
C SER F 84 21.86 9.19 -2.42
N ALA F 85 22.65 10.13 -1.88
CA ALA F 85 24.05 10.19 -2.27
C ALA F 85 24.88 9.11 -1.61
N GLY F 86 24.51 8.68 -0.40
CA GLY F 86 25.22 7.60 0.25
C GLY F 86 25.10 6.29 -0.51
N VAL F 87 23.89 5.97 -0.99
CA VAL F 87 23.72 4.78 -1.82
C VAL F 87 24.60 4.89 -3.05
N ALA F 88 24.42 5.97 -3.82
CA ALA F 88 25.20 6.13 -5.05
C ALA F 88 26.69 6.04 -4.78
N PHE F 89 27.15 6.67 -3.70
CA PHE F 89 28.58 6.67 -3.38
C PHE F 89 29.06 5.26 -3.01
N ALA F 90 28.38 4.61 -2.07
CA ALA F 90 28.78 3.25 -1.68
C ALA F 90 28.78 2.31 -2.87
N VAL F 91 27.69 2.29 -3.64
CA VAL F 91 27.58 1.38 -4.77
C VAL F 91 28.72 1.60 -5.77
N THR F 92 29.10 2.86 -5.99
CA THR F 92 30.19 3.15 -6.92
C THR F 92 31.52 2.60 -6.40
N ARG F 93 31.80 2.79 -5.10
CA ARG F 93 33.09 2.37 -4.57
C ARG F 93 33.27 0.86 -4.64
N SER F 94 32.22 0.10 -4.30
CA SER F 94 32.40 -1.35 -4.21
C SER F 94 32.57 -1.95 -5.60
N CYS F 95 31.82 -1.45 -6.56
CA CYS F 95 32.05 -1.83 -7.95
C CYS F 95 33.49 -1.62 -8.34
N ALA F 96 34.09 -0.52 -7.88
CA ALA F 96 35.48 -0.25 -8.19
C ALA F 96 36.43 -1.25 -7.57
N GLU F 97 35.95 -2.16 -6.71
CA GLU F 97 36.80 -3.22 -6.19
C GLU F 97 36.97 -4.36 -7.18
N GLY F 98 35.94 -4.64 -7.99
CA GLY F 98 36.01 -5.72 -8.95
C GLY F 98 35.61 -7.06 -8.40
N THR F 99 34.65 -7.10 -7.48
CA THR F 99 34.18 -8.36 -6.91
C THR F 99 33.00 -8.97 -7.66
N SER F 100 32.26 -8.19 -8.44
CA SER F 100 30.90 -8.55 -8.84
C SER F 100 30.75 -8.65 -10.35
N THR F 101 29.74 -9.41 -10.75
CA THR F 101 29.45 -9.70 -12.16
C THR F 101 29.00 -8.45 -12.91
N ILE F 102 28.03 -7.72 -12.36
CA ILE F 102 27.33 -6.69 -13.11
C ILE F 102 28.03 -5.34 -13.00
N CYS F 103 29.24 -5.31 -12.44
CA CYS F 103 29.77 -4.03 -12.01
C CYS F 103 31.28 -4.02 -11.92
N GLY F 104 31.88 -2.88 -12.23
CA GLY F 104 33.31 -2.67 -12.05
C GLY F 104 33.69 -1.23 -12.35
N CYS F 105 34.97 -1.03 -12.69
CA CYS F 105 35.35 0.23 -13.31
C CYS F 105 34.50 0.64 -14.50
N ASP F 106 34.56 1.94 -14.77
CA ASP F 106 33.97 2.50 -15.96
C ASP F 106 34.67 1.95 -17.19
N SER F 107 33.88 1.34 -18.07
CA SER F 107 34.37 0.75 -19.29
C SER F 107 33.89 1.60 -20.46
N HIS F 108 34.36 2.85 -20.50
CA HIS F 108 33.86 3.79 -21.50
C HIS F 108 34.94 4.67 -22.12
N PRO F 112 37.42 10.24 -23.32
CA PRO F 112 37.91 11.34 -24.17
C PRO F 112 39.41 11.61 -23.95
N PRO F 113 40.25 11.13 -24.86
CA PRO F 113 41.70 11.15 -24.63
C PRO F 113 42.22 12.57 -24.42
N GLY F 114 42.88 12.78 -23.28
CA GLY F 114 43.33 14.10 -22.87
C GLY F 114 44.67 14.48 -23.45
N GLU F 115 45.22 15.57 -22.92
CA GLU F 115 46.43 16.20 -23.44
C GLU F 115 47.64 15.81 -22.61
N GLY F 116 48.62 15.17 -23.23
CA GLY F 116 49.83 14.81 -22.52
C GLY F 116 49.63 13.82 -21.39
N TRP F 117 48.52 13.09 -21.40
CA TRP F 117 48.28 12.01 -20.46
C TRP F 117 47.23 11.06 -21.05
N MLY F 118 47.35 9.78 -20.72
CA MLY F 118 46.42 8.79 -21.23
CB MLY F 118 47.19 7.69 -21.97
CG MLY F 118 47.89 8.18 -23.23
CD MLY F 118 48.80 7.13 -23.86
CE MLY F 118 50.26 7.30 -23.42
NZ MLY F 118 51.21 6.45 -24.21
CH1 MLY F 118 52.59 6.86 -23.88
CH2 MLY F 118 51.05 5.07 -23.73
C MLY F 118 45.57 8.22 -20.10
O MLY F 118 45.86 8.46 -18.92
N TRP F 119 44.51 7.50 -20.44
CA TRP F 119 43.65 6.90 -19.42
C TRP F 119 44.33 5.69 -18.78
N GLY F 120 43.87 5.32 -17.60
CA GLY F 120 44.43 4.20 -16.88
C GLY F 120 43.91 4.18 -15.46
N GLY F 121 44.25 3.13 -14.72
CA GLY F 121 43.70 2.96 -13.39
C GLY F 121 42.30 2.40 -13.52
N CYS F 122 41.50 2.56 -12.46
CA CYS F 122 40.09 2.18 -12.55
C CYS F 122 39.30 3.44 -12.20
N SER F 123 38.81 4.14 -13.24
CA SER F 123 37.81 5.19 -13.08
C SER F 123 36.58 4.61 -12.40
N GLU F 124 36.14 5.27 -11.34
CA GLU F 124 34.93 4.83 -10.66
C GLU F 124 33.72 5.09 -11.56
N ASP F 125 32.81 4.13 -11.63
CA ASP F 125 31.63 4.24 -12.50
C ASP F 125 30.51 4.90 -11.71
N ALA F 126 30.56 6.23 -11.63
CA ALA F 126 29.61 6.95 -10.81
C ALA F 126 28.21 6.88 -11.39
N ASP F 127 28.08 6.74 -12.70
CA ASP F 127 26.74 6.65 -13.28
C ASP F 127 26.02 5.40 -12.81
N PHE F 128 26.75 4.30 -12.62
CA PHE F 128 26.09 3.09 -12.14
C PHE F 128 25.58 3.28 -10.72
N GLY F 129 26.42 3.81 -9.85
CA GLY F 129 25.97 4.22 -8.53
C GLY F 129 24.67 5.00 -8.52
N VAL F 130 24.60 6.14 -9.23
CA VAL F 130 23.42 7.00 -9.13
C VAL F 130 22.21 6.34 -9.81
N LEU F 131 22.44 5.47 -10.80
CA LEU F 131 21.33 4.71 -11.36
C LEU F 131 20.71 3.79 -10.32
N VAL F 132 21.56 3.05 -9.59
CA VAL F 132 21.05 2.14 -8.57
C VAL F 132 20.28 2.91 -7.51
N SER F 133 20.86 4.01 -7.03
CA SER F 133 20.17 4.87 -6.07
C SER F 133 18.82 5.34 -6.59
N ARG F 134 18.82 5.97 -7.77
CA ARG F 134 17.55 6.44 -8.33
C ARG F 134 16.51 5.32 -8.38
N GLU F 135 16.91 4.12 -8.74
CA GLU F 135 15.90 3.08 -8.90
C GLU F 135 15.37 2.53 -7.58
N PHE F 136 16.14 2.59 -6.50
CA PHE F 136 15.58 2.17 -5.23
C PHE F 136 14.86 3.30 -4.53
N ALA F 137 15.45 4.50 -4.49
CA ALA F 137 14.84 5.60 -3.77
C ALA F 137 13.50 5.99 -4.38
N ASP F 138 13.48 6.25 -5.68
CA ASP F 138 12.31 6.87 -6.29
C ASP F 138 11.19 5.87 -6.57
N ALA F 139 11.34 4.61 -6.18
CA ALA F 139 10.32 3.60 -6.40
C ALA F 139 9.18 3.65 -5.38
N ARG F 140 9.37 4.37 -4.27
CA ARG F 140 8.34 4.56 -3.27
C ARG F 140 7.60 5.88 -3.43
N GLU F 141 8.08 6.76 -4.30
CA GLU F 141 7.47 8.06 -4.51
C GLU F 141 6.69 8.08 -5.82
N ASN F 142 5.67 7.22 -5.89
CA ASN F 142 4.85 7.11 -7.10
C ASN F 142 3.56 7.92 -7.04
N ARG F 143 3.14 8.37 -5.86
CA ARG F 143 1.95 9.22 -5.77
C ARG F 143 2.20 10.55 -6.46
N PRO F 144 1.19 11.13 -7.12
CA PRO F 144 1.29 12.48 -7.65
C PRO F 144 0.99 13.55 -6.59
N ASP F 145 1.68 13.46 -5.46
CA ASP F 145 1.43 14.32 -4.33
C ASP F 145 2.70 15.09 -3.95
N ALA F 146 2.55 15.94 -2.92
CA ALA F 146 3.60 16.90 -2.61
C ALA F 146 4.84 16.22 -2.03
N ARG F 147 4.65 15.30 -1.08
CA ARG F 147 5.77 14.61 -0.46
C ARG F 147 6.65 13.92 -1.50
N SER F 148 6.02 13.28 -2.49
CA SER F 148 6.77 12.55 -3.49
C SER F 148 7.55 13.49 -4.41
N ALA F 149 6.91 14.59 -4.82
CA ALA F 149 7.63 15.57 -5.64
C ALA F 149 8.83 16.13 -4.90
N MET F 150 8.67 16.43 -3.62
CA MET F 150 9.80 16.91 -2.82
C MET F 150 10.90 15.87 -2.72
N ASN F 151 10.54 14.62 -2.44
CA ASN F 151 11.55 13.61 -2.14
C ASN F 151 12.32 13.23 -3.40
N MLY F 152 11.61 13.07 -4.51
CA MLY F 152 12.22 12.90 -5.82
CB MLY F 152 11.16 12.88 -6.91
CG MLY F 152 10.67 11.51 -7.33
CD MLY F 152 9.22 11.58 -7.71
CE MLY F 152 8.94 10.84 -9.01
NZ MLY F 152 7.73 11.44 -9.69
CH1 MLY F 152 7.51 10.66 -10.91
CH2 MLY F 152 6.57 11.26 -8.81
C MLY F 152 13.23 14.00 -6.14
O MLY F 152 14.35 13.72 -6.56
N HIS F 153 12.83 15.25 -5.89
CA HIS F 153 13.70 16.40 -6.16
C HIS F 153 14.95 16.37 -5.31
N ASN F 154 14.79 15.96 -4.05
CA ASN F 154 15.92 15.95 -3.13
C ASN F 154 16.77 14.69 -3.28
N ASN F 155 16.13 13.55 -3.52
CA ASN F 155 16.87 12.37 -3.97
C ASN F 155 17.77 12.72 -5.14
N GLU F 156 17.20 13.41 -6.14
CA GLU F 156 17.97 13.77 -7.33
C GLU F 156 19.10 14.74 -7.00
N ALA F 157 18.86 15.69 -6.09
CA ALA F 157 19.94 16.58 -5.68
C ALA F 157 21.08 15.81 -5.05
N GLY F 158 20.76 14.81 -4.22
CA GLY F 158 21.79 13.99 -3.61
C GLY F 158 22.59 13.19 -4.63
N ARG F 159 21.90 12.41 -5.46
CA ARG F 159 22.57 11.67 -6.53
C ARG F 159 23.42 12.59 -7.39
N THR F 160 22.85 13.73 -7.79
CA THR F 160 23.50 14.57 -8.78
C THR F 160 24.83 15.11 -8.28
N THR F 161 24.96 15.38 -6.98
CA THR F 161 26.23 15.95 -6.53
C THR F 161 27.32 14.88 -6.47
N ILE F 162 26.95 13.61 -6.36
CA ILE F 162 27.92 12.55 -6.54
C ILE F 162 28.58 12.71 -7.90
N LEU F 163 27.76 12.80 -8.96
CA LEU F 163 28.31 13.04 -10.30
C LEU F 163 29.07 14.35 -10.36
N ASP F 164 28.56 15.38 -9.69
CA ASP F 164 29.20 16.69 -9.71
C ASP F 164 30.58 16.66 -9.08
N HIS F 165 30.81 15.75 -8.14
CA HIS F 165 32.03 15.74 -7.38
C HIS F 165 33.09 14.82 -7.97
N MET F 166 32.83 14.23 -9.14
CA MET F 166 33.85 13.48 -9.84
C MET F 166 34.93 14.42 -10.36
N HIS F 167 36.16 13.91 -10.41
CA HIS F 167 37.31 14.72 -10.78
C HIS F 167 38.46 13.80 -11.17
N LEU F 168 39.43 14.38 -11.89
CA LEU F 168 40.62 13.64 -12.29
C LEU F 168 41.57 13.43 -11.13
N MLY F 169 41.95 12.19 -10.91
CA MLY F 169 43.06 11.87 -10.03
CB MLY F 169 42.64 10.88 -8.93
CG MLY F 169 43.48 10.97 -7.67
CD MLY F 169 43.07 9.92 -6.64
CE MLY F 169 43.39 10.40 -5.22
NZ MLY F 169 44.45 11.47 -5.17
C MLY F 169 44.12 11.28 -10.93
O MLY F 169 43.80 10.44 -11.77
N CYS F 170 45.37 11.73 -10.81
CA CYS F 170 46.40 11.20 -11.69
C CYS F 170 47.55 10.56 -10.92
N MLY F 171 48.41 9.92 -11.70
CA MLY F 171 49.53 9.17 -11.17
CB MLY F 171 49.25 7.67 -11.21
CG MLY F 171 49.72 6.89 -10.01
CD MLY F 171 49.02 5.53 -10.03
CE MLY F 171 49.28 4.72 -8.76
NZ MLY F 171 48.83 3.29 -8.85
C MLY F 171 50.70 9.51 -12.04
O MLY F 171 50.77 9.08 -13.19
N CYS F 172 51.61 10.29 -11.49
CA CYS F 172 52.84 10.57 -12.22
C CYS F 172 53.80 9.44 -12.10
N HIS F 173 54.23 8.88 -13.24
CA HIS F 173 55.21 7.83 -13.22
C HIS F 173 56.22 7.99 -14.36
N GLY F 174 56.90 9.13 -14.39
CA GLY F 174 58.13 9.27 -15.12
C GLY F 174 59.31 9.13 -14.18
N LEU F 175 60.47 9.56 -14.65
CA LEU F 175 61.70 9.39 -13.89
C LEU F 175 61.58 10.06 -12.52
N SER F 176 61.90 9.31 -11.48
CA SER F 176 61.90 9.81 -10.10
C SER F 176 60.55 10.43 -9.69
N GLY F 177 59.45 10.00 -10.28
CA GLY F 177 58.13 10.46 -9.86
C GLY F 177 57.59 11.61 -10.67
N SER F 178 58.20 11.89 -11.81
CA SER F 178 57.93 13.03 -12.65
C SER F 178 56.63 12.83 -13.43
N CYS F 179 56.09 13.94 -13.95
CA CYS F 179 54.76 13.95 -14.55
C CYS F 179 54.76 14.17 -16.06
N GLU F 180 55.93 14.18 -16.71
CA GLU F 180 55.97 14.13 -18.18
C GLU F 180 54.95 13.13 -18.71
N VAL F 181 54.96 11.92 -18.17
CA VAL F 181 53.96 10.95 -18.53
C VAL F 181 53.18 10.54 -17.28
N MLY F 182 51.87 10.75 -17.33
CA MLY F 182 51.01 10.35 -16.23
CB MLY F 182 50.71 11.54 -15.29
CG MLY F 182 49.93 12.69 -15.91
CD MLY F 182 49.57 13.73 -14.86
CE MLY F 182 48.64 14.83 -15.43
NZ MLY F 182 48.22 15.87 -14.43
C MLY F 182 49.72 9.79 -16.79
O MLY F 182 49.40 9.97 -17.97
N THR F 183 49.00 9.08 -15.92
CA THR F 183 47.76 8.47 -16.29
C THR F 183 46.75 8.93 -15.27
N CYS F 184 45.51 9.14 -15.72
CA CYS F 184 44.45 9.67 -14.87
C CYS F 184 43.23 8.79 -14.94
N TRP F 185 42.39 8.91 -13.92
CA TRP F 185 41.08 8.29 -13.91
C TRP F 185 40.08 9.25 -13.27
N TRP F 186 38.82 8.85 -13.25
CA TRP F 186 37.78 9.62 -12.58
C TRP F 186 37.63 9.06 -11.17
N ALA F 187 37.79 9.92 -10.17
CA ALA F 187 37.67 9.52 -8.78
C ALA F 187 36.56 10.30 -8.07
N GLN F 188 35.93 9.63 -7.12
CA GLN F 188 35.09 10.28 -6.13
C GLN F 188 35.95 10.87 -5.02
N PRO F 189 35.50 11.93 -4.35
CA PRO F 189 36.23 12.42 -3.19
C PRO F 189 35.93 11.56 -1.97
N ASP F 190 36.39 11.99 -0.80
CA ASP F 190 35.86 11.42 0.42
C ASP F 190 34.41 11.86 0.58
N PHE F 191 33.59 10.98 1.19
CA PHE F 191 32.18 11.31 1.34
C PHE F 191 31.97 12.59 2.14
N ARG F 192 32.93 12.95 2.99
CA ARG F 192 32.82 14.15 3.79
C ARG F 192 32.65 15.40 2.91
N ALA F 193 33.28 15.42 1.75
CA ALA F 193 33.10 16.55 0.84
C ALA F 193 31.66 16.62 0.34
N ILE F 194 31.02 15.47 0.16
CA ILE F 194 29.63 15.46 -0.26
C ILE F 194 28.72 15.90 0.89
N GLY F 195 29.03 15.47 2.11
CA GLY F 195 28.29 15.94 3.26
C GLY F 195 28.38 17.45 3.41
N ASP F 196 29.60 17.99 3.40
CA ASP F 196 29.78 19.43 3.53
C ASP F 196 29.01 20.17 2.44
N PHE F 197 29.09 19.68 1.21
CA PHE F 197 28.39 20.33 0.10
C PHE F 197 26.89 20.35 0.35
N LEU F 198 26.35 19.25 0.87
CA LEU F 198 24.91 19.19 1.08
C LEU F 198 24.45 19.80 2.41
N MLY F 199 25.35 19.97 3.37
CA MLY F 199 25.01 20.78 4.55
CB MLY F 199 26.03 20.60 5.68
CG MLY F 199 25.87 21.57 6.88
CD MLY F 199 24.68 21.24 7.79
CE MLY F 199 24.80 21.91 9.17
NZ MLY F 199 24.46 23.38 9.22
C MLY F 199 24.94 22.23 4.10
O MLY F 199 24.17 23.02 4.65
N ASP F 200 25.72 22.59 3.09
CA ASP F 200 25.64 23.89 2.46
C ASP F 200 24.28 24.10 1.81
N MLY F 201 23.83 23.11 1.03
CA MLY F 201 22.58 23.19 0.30
CB MLY F 201 22.42 22.00 -0.64
CG MLY F 201 23.23 22.06 -1.91
CD MLY F 201 23.24 23.46 -2.51
CE MLY F 201 23.69 23.44 -3.96
NZ MLY F 201 23.73 24.80 -4.55
C MLY F 201 21.37 23.27 1.24
O MLY F 201 20.32 23.81 0.88
N TYR F 202 21.54 22.74 2.43
CA TYR F 202 20.52 22.76 3.47
C TYR F 202 20.30 24.20 3.93
N ASP F 203 21.39 24.93 4.16
CA ASP F 203 21.30 26.33 4.57
C ASP F 203 20.66 27.20 3.49
N SER F 204 20.56 26.71 2.26
CA SER F 204 20.08 27.48 1.12
C SER F 204 18.78 26.91 0.53
N ALA F 205 18.13 26.00 1.25
CA ALA F 205 17.03 25.24 0.66
C ALA F 205 15.86 26.16 0.31
N SER F 206 15.40 26.06 -0.93
CA SER F 206 14.27 26.88 -1.35
C SER F 206 13.00 26.43 -0.65
N GLU F 207 12.32 27.38 -0.02
CA GLU F 207 11.00 27.11 0.53
C GLU F 207 9.97 27.08 -0.59
N MET F 208 9.10 26.07 -0.54
CA MET F 208 8.15 25.83 -1.62
C MET F 208 6.73 25.96 -1.12
N VAL F 209 5.81 26.07 -2.06
CA VAL F 209 4.38 26.15 -1.77
C VAL F 209 3.67 25.05 -2.54
N VAL F 210 2.74 24.37 -1.88
CA VAL F 210 2.02 23.26 -2.51
C VAL F 210 0.86 23.81 -3.33
N GLU F 211 0.67 23.26 -4.52
CA GLU F 211 -0.44 23.66 -5.37
C GLU F 211 -1.16 22.43 -5.95
N MLY F 212 -2.49 22.48 -5.94
CA MLY F 212 -3.31 21.35 -6.35
CB MLY F 212 -4.24 20.91 -5.21
CG MLY F 212 -3.51 20.57 -3.92
CD MLY F 212 -4.41 19.88 -2.90
CE MLY F 212 -4.68 18.43 -3.30
NZ MLY F 212 -5.40 17.65 -2.26
CH1 MLY F 212 -5.20 16.22 -2.56
CH2 MLY F 212 -4.74 17.93 -0.98
C MLY F 212 -4.13 21.71 -7.57
O MLY F 212 -4.55 22.84 -7.72
N HIS F 213 -4.30 20.74 -8.46
CA HIS F 213 -5.21 20.85 -9.59
C HIS F 213 -5.63 19.44 -9.97
N ARG F 214 -6.75 19.31 -10.66
CA ARG F 214 -7.35 18.02 -10.94
C ARG F 214 -7.08 17.64 -12.40
N GLU F 215 -6.21 16.65 -12.60
CA GLU F 215 -5.98 16.12 -13.93
C GLU F 215 -6.94 14.95 -14.17
N SER F 216 -6.86 14.35 -15.37
CA SER F 216 -7.81 13.29 -15.69
C SER F 216 -7.60 12.03 -14.84
N ARG F 217 -6.44 11.87 -14.20
CA ARG F 217 -6.25 10.79 -13.26
C ARG F 217 -6.83 11.09 -11.89
N GLY F 218 -7.03 12.37 -11.56
CA GLY F 218 -7.47 12.82 -10.26
C GLY F 218 -6.53 13.91 -9.76
N TRP F 219 -6.58 14.16 -8.46
CA TRP F 219 -5.84 15.30 -7.91
C TRP F 219 -4.35 15.05 -7.98
N VAL F 220 -3.61 16.07 -8.41
CA VAL F 220 -2.14 16.05 -8.39
C VAL F 220 -1.65 17.30 -7.68
N GLU F 221 -0.61 17.14 -6.87
CA GLU F 221 0.03 18.24 -6.16
C GLU F 221 1.35 18.57 -6.84
N THR F 222 1.66 19.86 -6.96
CA THR F 222 2.94 20.30 -7.48
C THR F 222 3.56 21.30 -6.52
N LEU F 223 4.87 21.50 -6.66
CA LEU F 223 5.65 22.39 -5.80
C LEU F 223 6.13 23.63 -6.56
N ARG F 224 5.93 24.79 -5.95
CA ARG F 224 6.25 26.09 -6.53
C ARG F 224 7.05 26.90 -5.52
N ALA F 225 8.11 27.56 -5.98
CA ALA F 225 8.87 28.47 -5.12
C ALA F 225 7.94 29.46 -4.42
N MLY F 226 8.07 29.57 -3.10
CA MLY F 226 7.26 30.50 -2.31
CB MLY F 226 7.55 30.34 -0.81
CG MLY F 226 6.91 31.41 0.08
CD MLY F 226 6.92 30.99 1.55
CE MLY F 226 5.65 31.45 2.28
NZ MLY F 226 5.99 32.11 3.58
C MLY F 226 7.48 31.97 -2.72
O MLY F 226 6.54 32.76 -2.77
N TYR F 227 8.72 32.30 -3.03
CA TYR F 227 9.10 33.63 -3.43
C TYR F 227 9.55 33.67 -4.89
N SER F 228 8.69 34.17 -5.79
CA SER F 228 8.97 34.14 -7.22
C SER F 228 10.16 35.00 -7.62
N LEU F 229 10.53 35.98 -6.80
CA LEU F 229 11.53 36.95 -7.21
C LEU F 229 12.95 36.50 -6.98
N PHE F 230 13.14 35.48 -6.13
CA PHE F 230 14.47 34.96 -5.83
C PHE F 230 15.01 34.09 -6.96
N MLY F 231 16.31 33.80 -6.87
CA MLY F 231 16.95 32.70 -7.58
CB MLY F 231 18.37 32.48 -7.04
CG MLY F 231 19.52 32.67 -8.03
CD MLY F 231 20.80 32.04 -7.46
CE MLY F 231 21.93 32.01 -8.47
NZ MLY F 231 23.15 31.38 -7.90
C MLY F 231 16.13 31.46 -7.36
O MLY F 231 16.04 30.97 -6.23
N PRO F 232 15.49 30.94 -8.42
CA PRO F 232 14.70 29.71 -8.27
C PRO F 232 15.60 28.48 -8.09
N PRO F 233 15.08 27.45 -7.41
CA PRO F 233 15.89 26.26 -7.14
C PRO F 233 16.12 25.39 -8.37
N THR F 234 17.30 24.79 -8.41
CA THR F 234 17.65 23.87 -9.48
C THR F 234 17.55 22.43 -9.00
N GLU F 235 17.90 21.52 -9.91
CA GLU F 235 17.99 20.10 -9.59
C GLU F 235 19.06 19.81 -8.55
N ARG F 236 20.05 20.68 -8.40
CA ARG F 236 21.09 20.51 -7.39
C ARG F 236 20.77 21.25 -6.10
N ASP F 237 19.57 21.79 -5.98
CA ASP F 237 19.13 22.51 -4.79
C ASP F 237 18.14 21.65 -4.01
N LEU F 238 18.05 21.94 -2.72
CA LEU F 238 17.11 21.25 -1.85
C LEU F 238 15.85 22.07 -1.71
N VAL F 239 14.70 21.40 -1.74
CA VAL F 239 13.41 22.09 -1.59
C VAL F 239 12.67 21.48 -0.42
N TYR F 240 11.83 22.30 0.21
CA TYR F 240 10.96 21.84 1.28
C TYR F 240 9.72 22.70 1.31
N TYR F 241 8.76 22.32 2.16
CA TYR F 241 7.52 23.10 2.23
C TYR F 241 6.82 22.99 3.59
N GLU F 242 7.51 22.64 4.66
CA GLU F 242 6.89 22.62 5.98
C GLU F 242 7.88 23.17 7.00
N ASN F 243 7.39 24.05 7.87
CA ASN F 243 8.24 24.61 8.91
C ASN F 243 8.74 23.51 9.83
N SER F 244 9.95 23.70 10.34
CA SER F 244 10.38 22.56 11.12
C SER F 244 10.09 22.79 12.59
N PRO F 245 9.68 21.73 13.29
CA PRO F 245 9.26 21.90 14.69
C PRO F 245 10.37 22.46 15.55
N ASN F 246 9.98 23.03 16.67
CA ASN F 246 10.94 23.42 17.69
C ASN F 246 11.48 22.18 18.38
N PHE F 247 12.81 22.07 18.46
CA PHE F 247 13.46 20.89 18.99
C PHE F 247 13.99 21.10 20.40
N CYS F 248 13.68 22.24 21.02
CA CYS F 248 14.19 22.56 22.34
C CYS F 248 13.65 21.62 23.41
N GLU F 249 12.37 21.55 23.54
CA GLU F 249 11.80 20.81 24.64
C GLU F 249 11.33 19.45 24.17
N PRO F 250 11.27 18.47 25.07
CA PRO F 250 10.78 17.14 24.68
C PRO F 250 9.30 17.18 24.31
N ASN F 251 8.97 16.59 23.19
CA ASN F 251 7.58 16.41 22.85
C ASN F 251 7.45 15.15 22.00
N PRO F 252 6.74 14.14 22.47
CA PRO F 252 6.67 12.87 21.74
C PRO F 252 5.93 12.97 20.41
N GLU F 253 5.10 13.99 20.21
CA GLU F 253 4.41 14.17 18.94
C GLU F 253 5.32 14.72 17.85
N THR F 254 6.40 15.41 18.22
CA THR F 254 7.34 15.96 17.25
C THR F 254 8.58 15.10 17.05
N GLY F 255 8.85 14.16 17.96
CA GLY F 255 10.03 13.33 17.84
C GLY F 255 11.31 13.92 18.42
N SER F 256 11.19 14.98 19.22
CA SER F 256 12.36 15.62 19.80
C SER F 256 12.49 15.18 21.26
N PHE F 257 13.64 14.59 21.61
CA PHE F 257 13.89 14.21 22.99
C PHE F 257 14.03 15.42 23.89
N GLY F 258 14.24 16.60 23.32
CA GLY F 258 14.59 17.79 24.06
C GLY F 258 16.03 18.21 23.79
N THR F 259 16.57 19.00 24.71
CA THR F 259 17.96 19.42 24.63
C THR F 259 18.68 19.27 25.97
N ARG F 260 18.05 18.63 26.95
CA ARG F 260 18.76 18.31 28.18
C ARG F 260 19.96 17.42 27.87
N ASP F 261 21.01 17.58 28.68
CA ASP F 261 22.25 16.81 28.57
C ASP F 261 23.01 17.06 27.28
N ARG F 262 22.75 18.18 26.61
CA ARG F 262 23.54 18.54 25.44
C ARG F 262 24.83 19.23 25.86
N THR F 263 25.81 19.22 24.96
CA THR F 263 27.10 19.82 25.19
C THR F 263 27.14 21.19 24.50
N CYS F 264 27.83 22.15 25.12
CA CYS F 264 27.88 23.44 24.48
C CYS F 264 29.21 23.67 23.79
N ASN F 265 29.21 24.68 22.92
CA ASN F 265 30.27 24.86 21.96
C ASN F 265 31.60 25.16 22.66
N VAL F 266 32.66 24.55 22.13
CA VAL F 266 34.00 24.81 22.63
C VAL F 266 34.54 26.16 22.21
N THR F 267 33.82 26.89 21.35
CA THR F 267 34.31 28.16 20.83
C THR F 267 33.31 29.30 21.04
N SER F 268 32.08 29.14 20.59
CA SER F 268 31.12 30.23 20.50
C SER F 268 29.89 29.95 21.36
N HIS F 269 28.98 30.93 21.38
CA HIS F 269 27.68 30.81 22.04
C HIS F 269 26.55 30.73 21.01
N GLY F 270 26.85 30.21 19.82
CA GLY F 270 25.85 30.04 18.77
C GLY F 270 25.00 28.81 18.99
N ILE F 271 24.53 28.24 17.87
CA ILE F 271 23.64 27.07 17.93
C ILE F 271 24.34 25.89 18.60
N ASP F 272 25.67 25.85 18.57
CA ASP F 272 26.40 24.83 19.32
C ASP F 272 26.63 25.23 20.77
N GLY F 273 26.38 26.49 21.13
CA GLY F 273 26.64 26.98 22.48
C GLY F 273 25.38 26.97 23.35
N CYS F 274 25.61 27.16 24.66
CA CYS F 274 24.54 27.03 25.65
C CYS F 274 23.38 27.98 25.40
N ASP F 275 23.71 29.22 25.03
CA ASP F 275 22.68 30.23 24.83
C ASP F 275 21.62 29.73 23.85
N LEU F 276 22.04 29.28 22.67
CA LEU F 276 21.09 28.86 21.66
C LEU F 276 20.74 27.37 21.73
N LEU F 277 21.72 26.51 22.03
CA LEU F 277 21.45 25.07 22.01
C LEU F 277 20.50 24.67 23.13
N CYS F 278 20.83 25.01 24.37
CA CYS F 278 20.00 24.56 25.49
C CYS F 278 18.79 25.46 25.75
N CYS F 279 18.55 26.47 24.90
CA CYS F 279 17.27 27.19 24.80
C CYS F 279 16.96 28.00 26.06
N GLY F 280 17.99 28.65 26.59
CA GLY F 280 17.87 29.50 27.75
C GLY F 280 17.87 28.79 29.09
N ARG F 281 18.22 27.52 29.12
CA ARG F 281 18.25 26.76 30.36
C ARG F 281 19.67 26.80 30.95
N GLY F 282 19.94 25.93 31.91
CA GLY F 282 21.22 25.91 32.60
C GLY F 282 22.26 25.00 31.96
C1 NAG G . -14.24 -26.97 18.04
C2 NAG G . -15.17 -28.03 17.47
C3 NAG G . -16.56 -27.46 17.35
C4 NAG G . -17.09 -26.98 18.66
C5 NAG G . -16.08 -26.05 19.35
C6 NAG G . -16.44 -25.89 20.81
C7 NAG G . -13.91 -29.52 15.89
C8 NAG G . -13.27 -30.29 17.05
N2 NAG G . -14.75 -28.51 16.15
O3 NAG G . -17.45 -28.49 16.83
O4 NAG G . -18.29 -26.25 18.38
O5 NAG G . -14.72 -26.54 19.33
O6 NAG G . -15.31 -26.15 21.61
O7 NAG G . -13.65 -29.83 14.77
C1 NAG G . -19.39 -26.65 19.22
C2 NAG G . -20.59 -25.80 18.85
C3 NAG G . -21.71 -25.99 19.87
C4 NAG G . -22.07 -27.44 19.97
C5 NAG G . -20.85 -28.37 20.00
C6 NAG G . -21.27 -29.77 19.67
C7 NAG G . -19.83 -23.37 19.33
C8 NAG G . -19.49 -23.58 20.81
N2 NAG G . -20.30 -24.38 18.56
O3 NAG G . -22.87 -25.22 19.44
O4 NAG G . -22.87 -27.64 21.14
O5 NAG G . -19.80 -28.02 19.07
O6 NAG G . -21.29 -29.92 18.27
O7 NAG G . -19.67 -22.30 18.83
C1 NAG H . -37.75 24.49 18.38
C2 NAG H . -38.29 25.67 17.60
C3 NAG H . -37.87 26.83 18.50
C4 NAG H . -38.43 26.67 19.89
C5 NAG H . -38.23 25.29 20.49
C6 NAG H . -39.17 24.99 21.62
C7 NAG H . -38.31 25.65 15.08
C8 NAG H . -37.49 26.05 13.85
N2 NAG H . -37.72 25.92 16.26
O3 NAG H . -38.28 28.07 17.86
O4 NAG H . -37.71 27.56 20.76
O5 NAG H . -38.54 24.27 19.54
O6 NAG H . -40.43 24.66 21.07
O7 NAG H . -39.37 25.13 14.96
C1 NAG H . -38.67 28.39 21.46
C2 NAG H . -38.06 28.85 22.78
C3 NAG H . -38.95 29.85 23.54
C4 NAG H . -39.40 30.94 22.63
C5 NAG H . -40.03 30.37 21.37
C6 NAG H . -40.34 31.43 20.36
C7 NAG H . -36.62 27.04 23.71
C8 NAG H . -36.58 25.90 24.77
N2 NAG H . -37.75 27.75 23.73
O3 NAG H . -38.17 30.44 24.60
O4 NAG H . -40.38 31.73 23.32
O5 NAG H . -39.08 29.52 20.66
O6 NAG H . -39.20 31.66 19.56
O7 NAG H . -35.69 27.23 22.96
C1 NAG I . -17.57 -46.23 -26.34
C2 NAG I . -18.51 -47.35 -25.87
C3 NAG I . -18.57 -48.41 -26.97
C4 NAG I . -19.14 -47.75 -28.18
C5 NAG I . -18.23 -46.60 -28.60
C6 NAG I . -18.83 -45.89 -29.79
C7 NAG I . -18.90 -48.04 -23.53
C8 NAG I . -18.30 -48.69 -22.28
N2 NAG I . -18.10 -47.94 -24.60
O3 NAG I . -19.39 -49.53 -26.54
O4 NAG I . -19.29 -48.69 -29.25
O5 NAG I . -18.06 -45.63 -27.55
O6 NAG I . -17.79 -45.32 -30.56
O7 NAG I . -20.03 -47.65 -23.55
CL CL J . 1.34 -12.91 17.55
C1 NAG K . -8.13 -42.71 18.49
C2 NAG K . -7.90 -42.51 16.99
C3 NAG K . -7.16 -43.71 16.37
C4 NAG K . -5.88 -43.89 17.11
C5 NAG K . -6.21 -44.13 18.58
C6 NAG K . -4.96 -44.37 19.38
C7 NAG K . -9.26 -41.24 15.44
C8 NAG K . -10.61 -41.06 14.74
N2 NAG K . -9.15 -42.29 16.26
O3 NAG K . -6.90 -43.46 14.97
O4 NAG K . -5.16 -44.99 16.57
O5 NAG K . -6.88 -42.99 19.13
O6 NAG K . -4.19 -43.19 19.47
O7 NAG K . -8.35 -40.49 15.27
C1 PAM L . 8.96 -46.28 -24.11
O1 PAM L . 9.96 -46.79 -23.55
C2 PAM L . 8.30 -47.03 -25.27
C3 PAM L . 9.35 -47.66 -26.19
C4 PAM L . 8.83 -48.97 -26.79
C5 PAM L . 9.98 -49.73 -27.43
C6 PAM L . 9.91 -49.60 -28.95
C7 PAM L . 9.09 -50.75 -29.52
C8 PAM L . 9.83 -51.42 -30.68
C9 PAM L . 9.27 -52.83 -30.81
C10 PAM L . 9.33 -53.51 -31.95
C11 PAM L . 9.97 -52.88 -33.19
C12 PAM L . 8.87 -52.72 -34.22
C13 PAM L . 9.27 -51.71 -35.30
C14 PAM L . 8.37 -51.92 -36.52
C15 PAM L . 7.09 -51.12 -36.38
C16 PAM L . 5.97 -52.03 -35.89
C1 NAG M . -18.26 48.27 -18.73
C2 NAG M . -18.48 49.59 -18.00
C3 NAG M . -17.95 50.80 -18.75
C4 NAG M . -16.55 50.50 -19.18
C5 NAG M . -16.58 49.27 -20.07
C6 NAG M . -15.25 49.04 -20.72
C7 NAG M . -20.34 49.78 -16.42
C8 NAG M . -21.86 49.99 -16.24
N2 NAG M . -19.90 49.79 -17.68
O3 NAG M . -17.99 51.92 -17.83
O4 NAG M . -15.98 51.61 -19.88
O5 NAG M . -16.94 48.14 -19.27
O6 NAG M . -15.31 47.93 -21.57
O7 NAG M . -19.62 49.61 -15.50
C1 NAG N . -50.28 25.59 5.32
C2 NAG N . -49.14 26.14 4.48
C3 NAG N . -49.42 26.19 2.98
C4 NAG N . -50.09 24.93 2.52
C5 NAG N . -51.32 24.70 3.41
C6 NAG N . -52.10 23.53 2.88
C7 NAG N . -47.53 27.95 4.79
C8 NAG N . -47.27 29.38 5.26
N2 NAG N . -48.79 27.50 4.89
O3 NAG N . -48.14 26.32 2.30
O4 NAG N . -50.50 25.04 1.15
O5 NAG N . -50.89 24.42 4.74
O6 NAG N . -53.14 24.03 2.07
O7 NAG N . -46.67 27.25 4.35
C1 PAM O . -21.31 26.19 -32.50
O2 PAM O . -22.18 25.48 -33.05
C2 PAM O . -20.21 26.83 -33.36
C3 PAM O . -20.85 27.67 -34.47
C4 PAM O . -19.74 28.09 -35.43
C5 PAM O . -20.30 28.94 -36.57
C6 PAM O . -19.84 28.36 -37.91
C7 PAM O . -19.22 29.45 -38.79
C1 NAG P . 64.65 -6.17 11.99
C2 NAG P . 64.86 -6.56 13.45
C3 NAG P . 66.27 -7.10 13.70
C4 NAG P . 66.62 -8.16 12.69
C5 NAG P . 66.47 -7.58 11.28
C6 NAG P . 66.78 -8.65 10.28
C7 NAG P . 63.47 -4.88 14.68
C8 NAG P . 63.52 -3.67 15.62
N2 NAG P . 64.66 -5.41 14.33
O3 NAG P . 66.33 -7.68 15.02
O4 NAG P . 67.95 -8.63 12.88
O5 NAG P . 65.12 -7.17 11.07
O6 NAG P . 66.45 -8.18 9.01
O7 NAG P . 62.43 -5.32 14.27
C1 NAG Q . 21.98 13.41 19.95
C2 NAG Q . 23.06 13.18 21.00
C3 NAG Q . 22.68 12.09 21.99
C4 NAG Q . 21.31 12.30 22.58
C5 NAG Q . 20.25 12.77 21.55
C6 NAG Q . 19.21 13.53 22.31
C7 NAG Q . 25.14 13.62 19.74
C8 NAG Q . 26.44 13.02 19.16
N2 NAG Q . 24.33 12.78 20.39
O3 NAG Q . 23.64 12.08 23.08
O4 NAG Q . 20.87 11.08 23.18
O5 NAG Q . 20.73 13.72 20.59
O6 NAG Q . 19.64 14.85 22.50
O7 NAG Q . 24.86 14.76 19.59
#